data_7NDP
#
_entry.id   7NDP
#
_cell.length_a   76.700
_cell.length_b   121.100
_cell.length_c   241.300
_cell.angle_alpha   90.00
_cell.angle_beta   90.00
_cell.angle_gamma   90.00
#
_symmetry.space_group_name_H-M   'P 21 21 21'
#
loop_
_entity.id
_entity.type
_entity.pdbx_description
1 polymer 'Acetylcholine-binding protein'
2 branched 2-acetamido-2-deoxy-beta-D-glucopyranose-(1-4)-2-acetamido-2-deoxy-beta-D-glucopyranose
3 non-polymer 2-acetamido-2-deoxy-beta-D-glucopyranose
4 non-polymer GLYCEROL
5 non-polymer "6-bromanylspiro[3~{H}-chromene-2,4'-piperidine]-4-one"
6 non-polymer 'SULFATE ION'
7 non-polymer 'CHLORIDE ION'
8 water water
#
_entity_poly.entity_id   1
_entity_poly.type   'polypeptide(L)'
_entity_poly.pdbx_seq_one_letter_code
;MRRNIFCLACLWIVQACLSLDRADILYNIRQTSRPDVIPTQRDRPVAVSVSLKFINILEVNEITNEVDVVFWQQTTWSDR
TLAWNSSHSPDQVSVPISSLWVPDLAAYNAISKPEVLTPQLARVVSDGEVLYMPSIRQRFSCDVSGVDTESGATCRIKIG
SWTHHSREISVDPTTENSDDSEYFSQYSRFEILDVTQKKNSVTYSCCPEAYEDVEVSLNFRKKGRSEILGSHHHHHH
;
_entity_poly.pdbx_strand_id   A,B,C,D,E,F,G,H,I,J
#
# COMPACT_ATOMS: atom_id res chain seq x y z
N LEU A 20 8.12 2.18 -28.07
CA LEU A 20 8.02 2.70 -26.69
C LEU A 20 7.73 4.19 -26.81
N ASP A 21 6.73 4.70 -26.08
CA ASP A 21 6.50 6.16 -25.93
C ASP A 21 7.10 6.62 -24.60
N ARG A 22 7.10 7.94 -24.38
CA ARG A 22 7.64 8.61 -23.17
C ARG A 22 7.00 8.01 -21.92
N ALA A 23 5.68 7.82 -21.96
CA ALA A 23 4.89 7.34 -20.79
C ALA A 23 5.42 5.97 -20.34
N ASP A 24 5.71 5.07 -21.30
CA ASP A 24 6.21 3.69 -21.02
C ASP A 24 7.62 3.76 -20.44
N ILE A 25 8.49 4.57 -21.04
CA ILE A 25 9.91 4.71 -20.58
C ILE A 25 9.91 5.24 -19.15
N LEU A 26 9.13 6.29 -18.87
CA LEU A 26 9.13 6.91 -17.52
C LEU A 26 8.50 5.96 -16.50
N TYR A 27 7.51 5.17 -16.90
CA TYR A 27 6.93 4.10 -16.03
C TYR A 27 8.04 3.07 -15.71
N ASN A 28 8.73 2.58 -16.74
CA ASN A 28 9.81 1.55 -16.57
C ASN A 28 10.88 2.09 -15.62
N ILE A 29 11.30 3.33 -15.78
CA ILE A 29 12.35 3.96 -14.94
C ILE A 29 11.82 4.08 -13.51
N ARG A 30 10.62 4.60 -13.32
CA ARG A 30 10.04 4.77 -11.96
C ARG A 30 9.97 3.40 -11.27
N GLN A 31 9.56 2.34 -11.97
CA GLN A 31 9.34 1.00 -11.35
C GLN A 31 10.65 0.30 -11.01
N THR A 32 11.76 0.52 -11.73
CA THR A 32 12.98 -0.33 -11.65
C THR A 32 14.26 0.47 -11.35
N SER A 33 14.20 1.79 -11.24
CA SER A 33 15.45 2.62 -11.22
C SER A 33 16.49 2.34 -10.09
N ARG A 34 16.08 1.97 -8.87
CA ARG A 34 16.89 1.79 -7.65
C ARG A 34 17.75 3.02 -7.36
N PRO A 35 17.17 4.13 -6.88
CA PRO A 35 17.91 5.38 -6.65
C PRO A 35 18.98 5.30 -5.57
N ASP A 36 18.91 4.28 -4.70
CA ASP A 36 19.89 4.11 -3.59
C ASP A 36 21.06 3.26 -4.07
N VAL A 37 21.01 2.74 -5.29
CA VAL A 37 22.01 1.74 -5.78
C VAL A 37 22.95 2.39 -6.82
N ILE A 38 24.21 2.60 -6.45
CA ILE A 38 25.28 3.08 -7.37
C ILE A 38 25.36 2.11 -8.55
N PRO A 39 25.31 2.57 -9.82
CA PRO A 39 25.30 1.66 -10.97
C PRO A 39 26.71 1.24 -11.42
N THR A 40 27.49 0.59 -10.55
CA THR A 40 28.82 0.03 -10.89
C THR A 40 28.61 -1.14 -11.85
N GLN A 41 29.51 -1.29 -12.84
CA GLN A 41 29.60 -2.49 -13.71
C GLN A 41 30.83 -3.29 -13.29
N ARG A 42 30.63 -4.58 -13.01
CA ARG A 42 31.72 -5.56 -12.70
C ARG A 42 32.72 -4.91 -11.72
N ASP A 43 32.24 -4.25 -10.67
CA ASP A 43 33.03 -3.63 -9.56
C ASP A 43 34.07 -2.62 -10.07
N ARG A 44 33.85 -2.04 -11.25
CA ARG A 44 34.65 -0.89 -11.76
C ARG A 44 33.94 0.42 -11.38
N PRO A 45 34.67 1.53 -11.17
CA PRO A 45 34.06 2.74 -10.64
C PRO A 45 33.06 3.35 -11.64
N VAL A 46 32.06 4.05 -11.13
CA VAL A 46 31.17 4.90 -11.96
C VAL A 46 31.98 6.15 -12.32
N ALA A 47 32.16 6.42 -13.62
CA ALA A 47 32.89 7.62 -14.12
C ALA A 47 31.91 8.80 -14.15
N VAL A 48 32.09 9.72 -13.24
CA VAL A 48 31.28 10.97 -13.15
C VAL A 48 32.12 12.13 -13.71
N SER A 49 31.60 12.85 -14.69
CA SER A 49 32.18 14.12 -15.20
C SER A 49 31.47 15.30 -14.55
N VAL A 50 32.23 16.27 -14.08
CA VAL A 50 31.74 17.49 -13.38
C VAL A 50 32.46 18.70 -13.98
N SER A 51 31.72 19.72 -14.40
CA SER A 51 32.23 21.02 -14.86
C SER A 51 31.30 22.14 -14.34
N LEU A 52 31.86 23.12 -13.63
CA LEU A 52 31.10 24.32 -13.20
C LEU A 52 31.10 25.39 -14.32
N LYS A 53 29.92 25.87 -14.68
CA LYS A 53 29.74 27.07 -15.54
C LYS A 53 29.32 28.22 -14.62
N PHE A 54 30.21 29.18 -14.40
CA PHE A 54 29.95 30.32 -13.49
C PHE A 54 28.96 31.28 -14.15
N ILE A 55 27.94 31.67 -13.40
CA ILE A 55 26.84 32.54 -13.89
C ILE A 55 26.91 33.89 -13.16
N ASN A 56 27.27 33.90 -11.89
CA ASN A 56 27.31 35.16 -11.12
C ASN A 56 28.20 35.01 -9.89
N ILE A 57 28.78 36.13 -9.47
CA ILE A 57 29.50 36.33 -8.18
C ILE A 57 28.76 37.47 -7.50
N LEU A 58 28.08 37.18 -6.39
CA LEU A 58 27.03 38.04 -5.78
C LEU A 58 27.61 38.84 -4.62
N GLU A 59 28.43 38.21 -3.80
CA GLU A 59 28.99 38.84 -2.58
C GLU A 59 30.39 38.28 -2.40
N VAL A 60 31.32 39.16 -2.08
CA VAL A 60 32.75 38.83 -1.85
C VAL A 60 33.13 39.59 -0.59
N ASN A 61 33.87 38.95 0.31
CA ASN A 61 34.32 39.59 1.57
C ASN A 61 35.79 39.23 1.74
N GLU A 62 36.67 40.23 1.54
CA GLU A 62 38.14 40.05 1.55
C GLU A 62 38.60 39.89 3.01
N ILE A 63 37.82 40.37 3.99
CA ILE A 63 38.12 40.22 5.44
C ILE A 63 37.88 38.77 5.86
N THR A 64 36.70 38.21 5.54
CA THR A 64 36.29 36.86 6.01
C THR A 64 36.73 35.79 5.02
N ASN A 65 37.17 36.16 3.81
CA ASN A 65 37.55 35.20 2.75
C ASN A 65 36.35 34.30 2.42
N GLU A 66 35.22 34.92 2.07
CA GLU A 66 33.97 34.22 1.70
C GLU A 66 33.46 34.80 0.38
N VAL A 67 32.92 33.93 -0.46
CA VAL A 67 32.26 34.32 -1.75
C VAL A 67 30.91 33.60 -1.84
N ASP A 68 29.94 34.30 -2.42
CA ASP A 68 28.60 33.79 -2.78
C ASP A 68 28.56 33.74 -4.31
N VAL A 69 28.35 32.55 -4.88
CA VAL A 69 28.49 32.29 -6.34
C VAL A 69 27.23 31.56 -6.82
N VAL A 70 26.84 31.82 -8.07
CA VAL A 70 25.81 31.04 -8.81
C VAL A 70 26.54 30.35 -9.95
N PHE A 71 26.36 29.04 -10.07
CA PHE A 71 26.99 28.22 -11.14
C PHE A 71 26.03 27.10 -11.56
N TRP A 72 26.16 26.68 -12.80
CA TRP A 72 25.53 25.46 -13.35
C TRP A 72 26.52 24.32 -13.15
N GLN A 73 26.09 23.28 -12.42
CA GLN A 73 26.97 22.14 -12.10
C GLN A 73 26.68 21.04 -13.11
N GLN A 74 27.35 21.08 -14.26
CA GLN A 74 27.18 20.10 -15.34
C GLN A 74 27.73 18.76 -14.87
N THR A 75 26.87 17.75 -14.76
CA THR A 75 27.19 16.42 -14.17
C THR A 75 26.70 15.35 -15.13
N THR A 76 27.56 14.41 -15.48
CA THR A 76 27.27 13.34 -16.45
C THR A 76 27.79 12.00 -15.90
N TRP A 77 27.07 10.93 -16.18
CA TRP A 77 27.50 9.56 -15.82
C TRP A 77 26.60 8.61 -16.59
N SER A 78 26.95 7.33 -16.58
CA SER A 78 26.18 6.29 -17.28
C SER A 78 25.48 5.41 -16.24
N ASP A 79 24.22 5.07 -16.47
CA ASP A 79 23.48 4.05 -15.68
C ASP A 79 22.75 3.15 -16.69
N ARG A 80 23.36 2.02 -17.01
CA ARG A 80 22.87 1.06 -18.04
C ARG A 80 21.50 0.49 -17.65
N THR A 81 21.11 0.51 -16.37
CA THR A 81 19.78 -0.01 -15.94
C THR A 81 18.68 0.93 -16.49
N LEU A 82 19.00 2.15 -16.93
CA LEU A 82 17.99 3.12 -17.45
C LEU A 82 17.75 2.92 -18.95
N ALA A 83 18.60 2.16 -19.65
CA ALA A 83 18.68 2.13 -21.12
C ALA A 83 17.42 1.51 -21.72
N TRP A 84 17.04 1.93 -22.93
CA TRP A 84 15.94 1.32 -23.71
C TRP A 84 16.35 1.29 -25.19
N ASN A 85 15.69 0.45 -25.99
CA ASN A 85 15.85 0.36 -27.46
C ASN A 85 15.22 1.62 -28.09
N SER A 86 16.03 2.47 -28.73
CA SER A 86 15.59 3.79 -29.27
C SER A 86 14.91 3.67 -30.65
N SER A 87 14.81 2.47 -31.23
CA SER A 87 14.07 2.26 -32.52
C SER A 87 12.60 2.59 -32.28
N HIS A 88 12.06 3.50 -33.08
CA HIS A 88 10.65 4.00 -33.02
C HIS A 88 10.34 4.47 -31.59
N SER A 89 11.28 5.10 -30.90
CA SER A 89 11.10 5.63 -29.52
C SER A 89 11.85 6.94 -29.37
N PRO A 90 11.55 7.77 -28.36
CA PRO A 90 12.37 8.94 -28.08
C PRO A 90 13.82 8.58 -27.83
N ASP A 91 14.75 9.45 -28.18
CA ASP A 91 16.20 9.28 -27.90
C ASP A 91 16.49 9.68 -26.45
N GLN A 92 15.65 10.54 -25.86
CA GLN A 92 15.89 11.15 -24.52
C GLN A 92 14.58 11.43 -23.81
N VAL A 93 14.59 11.37 -22.48
CA VAL A 93 13.45 11.83 -21.64
C VAL A 93 13.98 12.68 -20.48
N SER A 94 13.11 13.49 -19.91
CA SER A 94 13.35 14.24 -18.67
C SER A 94 12.80 13.43 -17.50
N VAL A 95 13.61 13.24 -16.46
CA VAL A 95 13.28 12.34 -15.32
C VAL A 95 13.55 13.10 -14.04
N PRO A 96 12.62 13.10 -13.06
CA PRO A 96 12.91 13.69 -11.75
C PRO A 96 14.07 12.95 -11.10
N ILE A 97 15.02 13.67 -10.49
CA ILE A 97 16.24 13.03 -9.91
C ILE A 97 15.82 12.13 -8.73
N SER A 98 14.65 12.34 -8.12
CA SER A 98 14.13 11.43 -7.06
C SER A 98 13.88 10.02 -7.61
N SER A 99 13.76 9.84 -8.92
CA SER A 99 13.60 8.51 -9.56
C SER A 99 14.92 7.91 -10.04
N LEU A 100 16.07 8.56 -9.78
CA LEU A 100 17.38 8.14 -10.32
C LEU A 100 18.39 8.05 -9.21
N TRP A 101 19.39 7.19 -9.38
CA TRP A 101 20.64 7.34 -8.59
C TRP A 101 21.35 8.60 -9.10
N VAL A 102 21.81 9.43 -8.19
CA VAL A 102 22.66 10.61 -8.51
C VAL A 102 23.89 10.54 -7.64
N PRO A 103 25.07 10.94 -8.15
CA PRO A 103 26.28 10.93 -7.32
C PRO A 103 26.13 11.88 -6.12
N ASP A 104 26.67 11.47 -4.98
CA ASP A 104 26.60 12.20 -3.69
C ASP A 104 27.71 13.25 -3.63
N LEU A 105 27.73 14.19 -4.59
CA LEU A 105 28.82 15.21 -4.70
C LEU A 105 28.63 16.27 -3.61
N ALA A 106 29.74 16.72 -3.06
CA ALA A 106 29.78 17.84 -2.09
C ALA A 106 31.01 18.70 -2.41
N ALA A 107 30.88 20.00 -2.16
CA ALA A 107 32.01 20.96 -2.17
C ALA A 107 32.61 20.98 -0.78
N TYR A 108 33.88 20.58 -0.66
CA TYR A 108 34.60 20.40 0.63
C TYR A 108 34.74 21.74 1.35
N ASN A 109 34.73 22.89 0.66
CA ASN A 109 34.93 24.21 1.29
C ASN A 109 33.62 25.03 1.24
N ALA A 110 32.47 24.39 1.01
CA ALA A 110 31.16 25.08 1.11
C ALA A 110 30.90 25.43 2.58
N ILE A 111 30.32 26.61 2.83
CA ILE A 111 29.91 27.05 4.20
C ILE A 111 28.41 27.33 4.23
N SER A 112 27.68 26.97 3.18
CA SER A 112 26.19 27.01 3.15
C SER A 112 25.71 25.78 2.39
N LYS A 113 24.45 25.39 2.55
CA LYS A 113 23.91 24.25 1.77
C LYS A 113 23.70 24.73 0.35
N PRO A 114 23.81 23.85 -0.67
CA PRO A 114 23.52 24.27 -2.03
C PRO A 114 22.05 24.70 -2.16
N GLU A 115 21.79 25.92 -2.61
CA GLU A 115 20.42 26.43 -2.94
C GLU A 115 20.19 26.12 -4.42
N VAL A 116 19.38 25.11 -4.73
CA VAL A 116 19.08 24.70 -6.13
C VAL A 116 17.98 25.63 -6.67
N LEU A 117 18.26 26.36 -7.74
CA LEU A 117 17.36 27.43 -8.26
C LEU A 117 16.46 26.88 -9.36
N THR A 118 16.73 25.67 -9.86
CA THR A 118 16.11 25.12 -11.08
C THR A 118 15.27 23.90 -10.74
N PRO A 119 14.34 23.48 -11.63
CA PRO A 119 13.63 22.20 -11.50
C PRO A 119 14.60 21.01 -11.43
N GLN A 120 14.32 20.09 -10.50
CA GLN A 120 15.23 18.94 -10.19
C GLN A 120 14.90 17.79 -11.13
N LEU A 121 15.14 18.01 -12.42
CA LEU A 121 15.00 17.03 -13.51
C LEU A 121 16.37 16.80 -14.13
N ALA A 122 16.65 15.56 -14.52
CA ALA A 122 17.83 15.18 -15.32
C ALA A 122 17.36 14.76 -16.70
N ARG A 123 18.27 14.74 -17.67
CA ARG A 123 18.01 14.24 -19.04
C ARG A 123 18.63 12.86 -19.12
N VAL A 124 17.86 11.85 -19.55
CA VAL A 124 18.36 10.47 -19.71
C VAL A 124 18.30 10.11 -21.18
N VAL A 125 19.43 9.67 -21.72
CA VAL A 125 19.57 9.19 -23.12
C VAL A 125 19.28 7.69 -23.13
N SER A 126 18.76 7.18 -24.25
CA SER A 126 18.33 5.76 -24.44
C SER A 126 19.47 4.77 -24.15
N ASP A 127 20.73 5.21 -24.22
CA ASP A 127 21.90 4.34 -23.95
C ASP A 127 22.23 4.34 -22.45
N GLY A 128 21.52 5.12 -21.62
CA GLY A 128 21.71 5.14 -20.17
C GLY A 128 22.59 6.28 -19.70
N GLU A 129 23.02 7.17 -20.59
CA GLU A 129 23.76 8.38 -20.18
C GLU A 129 22.79 9.34 -19.48
N VAL A 130 23.21 9.92 -18.37
CA VAL A 130 22.42 10.91 -17.60
C VAL A 130 23.14 12.25 -17.64
N LEU A 131 22.41 13.33 -17.90
CA LEU A 131 22.92 14.72 -17.71
C LEU A 131 22.06 15.41 -16.65
N TYR A 132 22.68 15.83 -15.55
CA TYR A 132 22.00 16.62 -14.50
C TYR A 132 22.79 17.92 -14.38
N MET A 133 22.14 19.05 -14.61
CA MET A 133 22.81 20.37 -14.51
C MET A 133 21.93 21.33 -13.72
N PRO A 134 21.96 21.27 -12.37
CA PRO A 134 21.24 22.24 -11.56
C PRO A 134 21.98 23.58 -11.56
N SER A 135 21.22 24.67 -11.46
CA SER A 135 21.75 26.00 -11.08
C SER A 135 21.76 26.07 -9.57
N ILE A 136 22.94 26.32 -9.01
CA ILE A 136 23.20 26.32 -7.55
C ILE A 136 23.72 27.70 -7.14
N ARG A 137 23.14 28.25 -6.08
CA ARG A 137 23.75 29.37 -5.32
C ARG A 137 24.32 28.79 -4.02
N GLN A 138 25.60 29.06 -3.76
CA GLN A 138 26.30 28.50 -2.60
C GLN A 138 27.41 29.47 -2.17
N ARG A 139 27.71 29.46 -0.87
CA ARG A 139 28.78 30.26 -0.23
C ARG A 139 29.99 29.33 0.05
N PHE A 140 31.20 29.86 -0.17
CA PHE A 140 32.48 29.12 -0.03
C PHE A 140 33.48 29.94 0.79
N SER A 141 34.33 29.22 1.51
CA SER A 141 35.57 29.69 2.17
C SER A 141 36.71 29.51 1.17
N CYS A 142 37.29 30.61 0.70
CA CYS A 142 38.41 30.55 -0.28
C CYS A 142 39.18 31.87 -0.31
N ASP A 143 40.28 31.89 -1.06
CA ASP A 143 41.23 33.04 -1.07
C ASP A 143 40.64 34.18 -1.91
N VAL A 144 40.16 35.22 -1.23
CA VAL A 144 39.57 36.42 -1.87
C VAL A 144 40.64 37.52 -1.98
N SER A 145 41.84 37.31 -1.46
CA SER A 145 42.94 38.33 -1.48
C SER A 145 43.27 38.68 -2.94
N GLY A 146 43.35 39.98 -3.24
CA GLY A 146 43.73 40.50 -4.57
C GLY A 146 42.54 40.74 -5.47
N VAL A 147 41.31 40.65 -4.94
CA VAL A 147 40.08 40.77 -5.76
C VAL A 147 40.02 42.17 -6.38
N ASP A 148 40.54 43.20 -5.70
CA ASP A 148 40.49 44.61 -6.16
C ASP A 148 41.80 45.01 -6.87
N THR A 149 42.57 44.04 -7.37
CA THR A 149 43.81 44.27 -8.14
C THR A 149 43.62 43.74 -9.57
N GLU A 150 44.57 44.04 -10.44
CA GLU A 150 44.53 43.70 -11.89
C GLU A 150 44.59 42.17 -12.07
N SER A 151 45.42 41.48 -11.28
CA SER A 151 45.64 40.02 -11.41
C SER A 151 44.51 39.25 -10.72
N GLY A 152 43.74 39.92 -9.84
CA GLY A 152 42.48 39.40 -9.27
C GLY A 152 42.72 38.37 -8.18
N ALA A 153 41.64 37.81 -7.64
CA ALA A 153 41.68 36.72 -6.65
C ALA A 153 41.59 35.38 -7.39
N THR A 154 42.09 34.31 -6.78
CA THR A 154 41.89 32.91 -7.23
C THR A 154 41.22 32.14 -6.10
N CYS A 155 39.94 31.82 -6.28
CA CYS A 155 39.10 31.05 -5.33
C CYS A 155 39.05 29.60 -5.81
N ARG A 156 39.50 28.65 -5.00
CA ARG A 156 39.53 27.20 -5.36
C ARG A 156 38.35 26.50 -4.69
N ILE A 157 37.60 25.72 -5.46
CA ILE A 157 36.43 24.91 -4.98
C ILE A 157 36.74 23.45 -5.29
N LYS A 158 36.75 22.59 -4.28
CA LYS A 158 36.95 21.12 -4.44
C LYS A 158 35.60 20.39 -4.35
N ILE A 159 35.28 19.59 -5.36
CA ILE A 159 34.01 18.81 -5.43
C ILE A 159 34.35 17.34 -5.63
N GLY A 160 33.83 16.48 -4.75
CA GLY A 160 33.97 15.00 -4.89
C GLY A 160 32.83 14.29 -4.19
N SER A 161 32.82 12.96 -4.33
CA SER A 161 31.85 12.09 -3.63
C SER A 161 32.08 12.22 -2.13
N TRP A 162 31.01 12.40 -1.37
CA TRP A 162 31.09 12.47 0.11
C TRP A 162 31.38 11.08 0.69
N THR A 163 30.87 9.98 0.12
CA THR A 163 30.98 8.65 0.77
C THR A 163 31.63 7.59 -0.11
N HIS A 164 31.84 7.83 -1.40
CA HIS A 164 32.39 6.80 -2.33
C HIS A 164 33.85 7.13 -2.66
N HIS A 165 34.76 6.18 -2.41
CA HIS A 165 36.20 6.26 -2.77
C HIS A 165 36.40 5.90 -4.25
N SER A 166 37.64 5.97 -4.74
CA SER A 166 38.02 5.93 -6.17
C SER A 166 37.67 4.59 -6.82
N ARG A 167 37.51 3.51 -6.06
CA ARG A 167 37.09 2.20 -6.66
C ARG A 167 35.57 2.18 -6.90
N GLU A 168 34.82 3.15 -6.38
CA GLU A 168 33.33 3.20 -6.56
C GLU A 168 32.94 4.37 -7.46
N ILE A 169 33.53 5.55 -7.24
CA ILE A 169 33.28 6.77 -8.07
C ILE A 169 34.62 7.38 -8.44
N SER A 170 34.83 7.64 -9.74
CA SER A 170 35.87 8.55 -10.25
C SER A 170 35.21 9.86 -10.71
N VAL A 171 35.82 10.98 -10.37
CA VAL A 171 35.33 12.34 -10.75
C VAL A 171 36.39 12.95 -11.67
N ASP A 172 35.99 13.39 -12.85
CA ASP A 172 36.88 13.96 -13.89
C ASP A 172 36.27 15.26 -14.39
N PRO A 173 37.10 16.29 -14.69
CA PRO A 173 36.60 17.47 -15.39
C PRO A 173 36.24 17.01 -16.81
N THR A 174 35.34 17.74 -17.48
CA THR A 174 34.86 17.40 -18.84
C THR A 174 35.93 17.72 -19.90
N ASP A 179 34.31 26.38 -23.34
CA ASP A 179 34.25 27.85 -23.53
C ASP A 179 34.22 28.49 -22.14
N ASP A 180 35.21 29.34 -21.84
CA ASP A 180 35.41 30.05 -20.55
C ASP A 180 34.44 31.25 -20.44
N SER A 181 33.39 31.10 -19.61
CA SER A 181 32.58 32.17 -18.97
C SER A 181 31.61 32.88 -19.93
N GLU A 182 31.19 32.17 -20.97
CA GLU A 182 30.25 32.73 -21.99
C GLU A 182 28.90 33.01 -21.33
N TYR A 183 28.50 32.38 -20.20
CA TYR A 183 27.16 32.56 -19.60
C TYR A 183 27.27 33.37 -18.30
N PHE A 184 28.45 33.91 -17.99
CA PHE A 184 28.62 34.81 -16.82
C PHE A 184 27.79 36.09 -17.03
N SER A 185 27.13 36.57 -15.98
CA SER A 185 26.25 37.76 -16.05
C SER A 185 27.11 39.01 -16.32
N GLN A 186 26.72 39.77 -17.33
CA GLN A 186 27.35 41.07 -17.68
C GLN A 186 27.05 42.08 -16.56
N TYR A 187 26.08 41.82 -15.67
CA TYR A 187 25.63 42.80 -14.66
C TYR A 187 26.27 42.55 -13.29
N SER A 188 27.06 41.50 -13.13
CA SER A 188 27.89 41.28 -11.91
C SER A 188 28.82 42.48 -11.69
N ARG A 189 29.15 42.79 -10.43
CA ARG A 189 30.22 43.76 -10.07
C ARG A 189 31.58 43.16 -10.42
N PHE A 190 31.63 41.86 -10.68
CA PHE A 190 32.91 41.12 -10.90
C PHE A 190 32.98 40.65 -12.35
N GLU A 191 34.19 40.27 -12.78
CA GLU A 191 34.45 39.67 -14.11
C GLU A 191 35.41 38.51 -13.92
N ILE A 192 35.31 37.52 -14.79
CA ILE A 192 36.13 36.28 -14.76
C ILE A 192 37.33 36.48 -15.66
N LEU A 193 38.54 36.26 -15.13
CA LEU A 193 39.82 36.29 -15.88
C LEU A 193 40.11 34.90 -16.43
N ASP A 194 39.87 33.85 -15.62
CA ASP A 194 40.22 32.46 -15.98
C ASP A 194 39.49 31.46 -15.08
N VAL A 195 39.10 30.33 -15.64
CA VAL A 195 38.61 29.14 -14.88
C VAL A 195 39.45 27.94 -15.33
N THR A 196 40.09 27.25 -14.39
CA THR A 196 40.74 25.93 -14.66
C THR A 196 40.09 24.88 -13.75
N GLN A 197 39.96 23.66 -14.27
CA GLN A 197 39.25 22.54 -13.60
C GLN A 197 40.16 21.31 -13.73
N LYS A 198 40.77 20.84 -12.64
CA LYS A 198 41.78 19.76 -12.66
C LYS A 198 41.39 18.64 -11.68
N LYS A 199 41.82 17.42 -11.97
CA LYS A 199 41.53 16.23 -11.15
C LYS A 199 42.55 16.13 -10.01
N ASN A 200 42.09 15.82 -8.80
CA ASN A 200 42.91 15.39 -7.64
C ASN A 200 42.44 14.02 -7.18
N SER A 201 43.36 13.22 -6.65
CA SER A 201 43.10 11.94 -5.92
C SER A 201 43.77 12.04 -4.56
N VAL A 202 43.01 12.05 -3.47
CA VAL A 202 43.52 12.35 -2.10
C VAL A 202 43.30 11.13 -1.21
N THR A 203 44.34 10.70 -0.48
CA THR A 203 44.25 9.76 0.65
C THR A 203 44.38 10.55 1.95
N TYR A 204 43.40 10.42 2.84
CA TYR A 204 43.35 11.07 4.18
C TYR A 204 43.89 10.06 5.20
N SER A 205 44.44 10.55 6.33
CA SER A 205 45.07 9.71 7.39
C SER A 205 44.06 8.71 7.96
N CYS A 206 42.82 9.14 8.19
CA CYS A 206 41.69 8.34 8.73
C CYS A 206 41.53 7.00 8.00
N CYS A 207 41.74 6.97 6.68
CA CYS A 207 41.04 6.05 5.75
C CYS A 207 42.02 5.48 4.73
N PRO A 208 41.92 4.17 4.42
CA PRO A 208 42.90 3.51 3.53
C PRO A 208 42.74 3.89 2.05
N GLU A 209 41.54 4.34 1.63
CA GLU A 209 41.17 4.51 0.20
C GLU A 209 41.46 5.96 -0.22
N ALA A 210 41.68 6.14 -1.53
CA ALA A 210 41.78 7.45 -2.21
C ALA A 210 40.39 7.93 -2.63
N TYR A 211 40.13 9.22 -2.48
CA TYR A 211 38.89 9.93 -2.89
C TYR A 211 39.22 10.92 -3.99
N GLU A 212 38.51 10.85 -5.11
CA GLU A 212 38.75 11.75 -6.25
C GLU A 212 37.91 13.02 -6.09
N ASP A 213 38.44 14.09 -6.66
CA ASP A 213 37.80 15.43 -6.57
C ASP A 213 38.22 16.18 -7.84
N VAL A 214 37.35 17.09 -8.28
CA VAL A 214 37.70 18.14 -9.27
C VAL A 214 37.97 19.40 -8.47
N GLU A 215 39.12 20.00 -8.69
CA GLU A 215 39.49 21.32 -8.13
C GLU A 215 39.24 22.36 -9.21
N VAL A 216 38.37 23.32 -8.92
CA VAL A 216 38.00 24.42 -9.84
C VAL A 216 38.65 25.69 -9.29
N SER A 217 39.50 26.35 -10.09
CA SER A 217 40.16 27.63 -9.75
C SER A 217 39.47 28.76 -10.52
N LEU A 218 38.79 29.63 -9.78
CA LEU A 218 38.06 30.79 -10.31
C LEU A 218 38.94 32.02 -10.08
N ASN A 219 39.56 32.52 -11.16
CA ASN A 219 40.35 33.78 -11.14
C ASN A 219 39.41 34.89 -11.58
N PHE A 220 39.10 35.81 -10.67
CA PHE A 220 38.11 36.89 -10.90
C PHE A 220 38.59 38.17 -10.22
N ARG A 221 38.01 39.31 -10.61
CA ARG A 221 38.32 40.61 -9.96
C ARG A 221 37.11 41.55 -10.04
N LYS A 222 37.10 42.56 -9.17
CA LYS A 222 36.11 43.67 -9.22
C LYS A 222 36.32 44.45 -10.53
N LYS A 223 35.23 44.83 -11.21
CA LYS A 223 35.32 45.61 -12.46
C LYS A 223 35.83 47.03 -12.21
N GLY A 224 35.40 47.74 -11.14
CA GLY A 224 36.01 49.00 -10.67
C GLY A 224 35.59 50.22 -11.47
N LEU B 20 26.46 -11.91 -2.76
CA LEU B 20 25.57 -10.75 -2.56
C LEU B 20 26.19 -9.55 -3.28
N ASP B 21 25.42 -8.82 -4.08
CA ASP B 21 25.90 -7.55 -4.69
C ASP B 21 25.30 -6.38 -3.90
N ARG B 22 25.70 -5.17 -4.25
CA ARG B 22 25.28 -3.91 -3.59
C ARG B 22 23.75 -3.81 -3.62
N ALA B 23 23.15 -4.13 -4.77
CA ALA B 23 21.69 -3.99 -4.99
C ALA B 23 20.94 -4.86 -3.96
N ASP B 24 21.41 -6.09 -3.72
CA ASP B 24 20.78 -7.05 -2.77
C ASP B 24 20.93 -6.53 -1.33
N ILE B 25 22.11 -6.07 -0.95
CA ILE B 25 22.38 -5.56 0.41
C ILE B 25 21.48 -4.36 0.68
N LEU B 26 21.41 -3.41 -0.26
CA LEU B 26 20.63 -2.17 -0.05
C LEU B 26 19.13 -2.49 -0.05
N TYR B 27 18.69 -3.47 -0.84
CA TYR B 27 17.29 -3.98 -0.80
C TYR B 27 17.01 -4.56 0.59
N ASN B 28 17.88 -5.44 1.09
CA ASN B 28 17.70 -6.10 2.41
C ASN B 28 17.59 -5.04 3.51
N ILE B 29 18.46 -4.03 3.48
CA ILE B 29 18.48 -2.97 4.51
C ILE B 29 17.18 -2.15 4.39
N ARG B 30 16.80 -1.73 3.19
CA ARG B 30 15.56 -0.93 3.00
C ARG B 30 14.35 -1.75 3.51
N GLN B 31 14.27 -3.04 3.23
CA GLN B 31 13.07 -3.86 3.55
C GLN B 31 12.98 -4.19 5.04
N THR B 32 14.09 -4.23 5.80
CA THR B 32 14.09 -4.72 7.21
C THR B 32 14.64 -3.68 8.21
N SER B 33 15.06 -2.52 7.73
CA SER B 33 15.36 -1.30 8.49
C SER B 33 14.19 -0.95 9.38
N ARG B 34 14.50 -0.97 10.67
CA ARG B 34 13.67 -0.42 11.77
C ARG B 34 14.38 0.84 12.26
N PRO B 35 14.25 1.99 11.57
CA PRO B 35 14.98 3.20 11.94
C PRO B 35 14.57 3.80 13.30
N ASP B 36 13.41 3.40 13.81
CA ASP B 36 12.82 3.83 15.09
C ASP B 36 13.39 2.99 16.24
N VAL B 37 14.11 1.90 15.95
CA VAL B 37 14.50 0.89 16.97
C VAL B 37 16.00 0.97 17.27
N ILE B 38 16.35 1.44 18.46
CA ILE B 38 17.76 1.46 18.97
C ILE B 38 18.29 0.03 18.93
N PRO B 39 19.47 -0.24 18.31
CA PRO B 39 19.96 -1.61 18.19
C PRO B 39 20.76 -2.11 19.40
N THR B 40 20.15 -2.14 20.58
CA THR B 40 20.78 -2.68 21.82
C THR B 40 20.99 -4.19 21.66
N GLN B 41 22.11 -4.71 22.15
CA GLN B 41 22.43 -6.15 22.20
C GLN B 41 22.35 -6.59 23.66
N ARG B 42 21.58 -7.64 23.95
CA ARG B 42 21.48 -8.29 25.29
C ARG B 42 21.43 -7.21 26.39
N ASP B 43 20.57 -6.19 26.21
CA ASP B 43 20.25 -5.12 27.19
C ASP B 43 21.52 -4.32 27.60
N ARG B 44 22.57 -4.33 26.79
CA ARG B 44 23.75 -3.46 26.98
C ARG B 44 23.58 -2.19 26.15
N PRO B 45 24.22 -1.07 26.53
CA PRO B 45 24.06 0.19 25.80
C PRO B 45 24.64 0.08 24.38
N VAL B 46 24.10 0.85 23.45
CA VAL B 46 24.76 1.08 22.13
C VAL B 46 25.94 2.04 22.38
N ALA B 47 27.15 1.60 22.04
CA ALA B 47 28.39 2.42 22.16
C ALA B 47 28.50 3.32 20.93
N VAL B 48 28.27 4.61 21.12
CA VAL B 48 28.38 5.64 20.06
C VAL B 48 29.69 6.41 20.28
N SER B 49 30.55 6.48 19.27
CA SER B 49 31.76 7.33 19.24
C SER B 49 31.45 8.61 18.47
N VAL B 50 31.85 9.75 19.01
CA VAL B 50 31.60 11.10 18.46
C VAL B 50 32.90 11.89 18.54
N SER B 51 33.34 12.47 17.43
CA SER B 51 34.52 13.35 17.35
C SER B 51 34.20 14.49 16.37
N LEU B 52 34.31 15.74 16.80
CA LEU B 52 34.13 16.92 15.89
C LEU B 52 35.48 17.28 15.25
N LYS B 53 35.52 17.36 13.92
CA LYS B 53 36.67 17.88 13.14
C LYS B 53 36.28 19.28 12.67
N PHE B 54 36.89 20.31 13.24
CA PHE B 54 36.55 21.73 12.94
C PHE B 54 37.08 22.08 11.56
N ILE B 55 36.23 22.70 10.74
CA ILE B 55 36.55 23.08 9.35
C ILE B 55 36.62 24.61 9.24
N ASN B 56 35.78 25.32 9.97
CA ASN B 56 35.77 26.80 9.88
C ASN B 56 35.10 27.40 11.12
N ILE B 57 35.52 28.61 11.46
CA ILE B 57 34.89 29.51 12.45
C ILE B 57 34.53 30.78 11.69
N LEU B 58 33.24 31.05 11.52
CA LEU B 58 32.73 32.02 10.51
C LEU B 58 32.42 33.35 11.17
N GLU B 59 31.82 33.32 12.35
CA GLU B 59 31.38 34.53 13.08
C GLU B 59 31.57 34.28 14.56
N VAL B 60 32.09 35.28 15.24
CA VAL B 60 32.38 35.24 16.69
C VAL B 60 31.89 36.58 17.21
N ASN B 61 31.22 36.60 18.36
CA ASN B 61 30.70 37.83 18.97
C ASN B 61 31.05 37.79 20.45
N GLU B 62 32.01 38.61 20.87
CA GLU B 62 32.57 38.62 22.25
C GLU B 62 31.55 39.28 23.18
N ILE B 63 30.65 40.13 22.64
CA ILE B 63 29.58 40.80 23.43
C ILE B 63 28.49 39.77 23.79
N THR B 64 28.00 39.01 22.81
CA THR B 64 26.86 38.07 23.00
C THR B 64 27.37 36.68 23.40
N ASN B 65 28.67 36.42 23.29
CA ASN B 65 29.25 35.07 23.57
C ASN B 65 28.60 34.03 22.66
N GLU B 66 28.64 34.26 21.35
CA GLU B 66 28.07 33.36 20.31
C GLU B 66 29.13 33.10 19.25
N VAL B 67 29.18 31.88 18.73
CA VAL B 67 30.08 31.47 17.62
C VAL B 67 29.25 30.70 16.58
N ASP B 68 29.60 30.88 15.31
CA ASP B 68 29.07 30.15 14.15
C ASP B 68 30.23 29.31 13.62
N VAL B 69 30.08 27.99 13.61
CA VAL B 69 31.18 27.01 13.32
C VAL B 69 30.70 26.03 12.25
N VAL B 70 31.63 25.56 11.42
CA VAL B 70 31.42 24.41 10.51
C VAL B 70 32.34 23.29 10.99
N PHE B 71 31.80 22.09 11.20
CA PHE B 71 32.54 20.90 11.65
C PHE B 71 31.97 19.64 10.98
N TRP B 72 32.84 18.64 10.83
CA TRP B 72 32.45 17.26 10.46
C TRP B 72 32.22 16.50 11.74
N GLN B 73 31.01 15.97 11.91
CA GLN B 73 30.63 15.25 13.16
C GLN B 73 30.81 13.76 12.89
N GLN B 74 32.02 13.26 13.12
CA GLN B 74 32.36 11.83 12.91
C GLN B 74 31.63 11.01 13.98
N THR B 75 30.72 10.14 13.55
CA THR B 75 29.79 9.37 14.42
C THR B 75 29.86 7.90 14.01
N THR B 76 30.10 7.01 14.95
CA THR B 76 30.26 5.57 14.72
C THR B 76 29.47 4.78 15.76
N TRP B 77 28.89 3.67 15.35
CA TRP B 77 28.19 2.73 16.25
C TRP B 77 28.00 1.43 15.51
N SER B 78 27.59 0.40 16.23
CA SER B 78 27.36 -0.94 15.64
C SER B 78 25.84 -1.19 15.61
N ASP B 79 25.34 -1.73 14.49
CA ASP B 79 23.96 -2.24 14.37
C ASP B 79 24.05 -3.60 13.69
N ARG B 80 24.08 -4.67 14.48
CA ARG B 80 24.30 -6.06 13.99
C ARG B 80 23.14 -6.49 13.08
N THR B 81 21.97 -5.87 13.15
CA THR B 81 20.84 -6.21 12.24
C THR B 81 21.19 -5.84 10.79
N LEU B 82 22.20 -5.00 10.55
CA LEU B 82 22.61 -4.57 9.18
C LEU B 82 23.60 -5.56 8.56
N ALA B 83 24.19 -6.47 9.34
CA ALA B 83 25.40 -7.24 8.98
C ALA B 83 25.08 -8.23 7.84
N TRP B 84 26.08 -8.53 7.00
CA TRP B 84 25.97 -9.56 5.94
C TRP B 84 27.30 -10.30 5.84
N ASN B 85 27.28 -11.49 5.26
CA ASN B 85 28.50 -12.30 4.98
C ASN B 85 29.28 -11.64 3.82
N SER B 86 30.49 -11.15 4.09
CA SER B 86 31.31 -10.36 3.11
C SER B 86 32.06 -11.25 2.11
N SER B 87 31.96 -12.59 2.20
CA SER B 87 32.58 -13.50 1.19
C SER B 87 31.91 -13.26 -0.17
N HIS B 88 32.72 -12.95 -1.19
CA HIS B 88 32.28 -12.63 -2.58
C HIS B 88 31.20 -11.53 -2.55
N SER B 89 31.33 -10.54 -1.67
CA SER B 89 30.38 -9.41 -1.54
C SER B 89 31.15 -8.15 -1.22
N PRO B 90 30.57 -6.95 -1.45
CA PRO B 90 31.20 -5.71 -1.00
C PRO B 90 31.45 -5.72 0.52
N ASP B 91 32.52 -5.06 0.96
CA ASP B 91 32.86 -4.92 2.40
C ASP B 91 32.00 -3.81 3.02
N GLN B 92 31.52 -2.86 2.21
CA GLN B 92 30.83 -1.62 2.66
C GLN B 92 29.86 -1.14 1.60
N VAL B 93 28.79 -0.47 2.03
CA VAL B 93 27.82 0.23 1.12
C VAL B 93 27.49 1.59 1.73
N SER B 94 27.01 2.49 0.87
CA SER B 94 26.49 3.81 1.27
C SER B 94 24.97 3.70 1.38
N VAL B 95 24.41 4.14 2.50
CA VAL B 95 22.97 3.97 2.84
C VAL B 95 22.40 5.31 3.28
N PRO B 96 21.24 5.74 2.75
CA PRO B 96 20.60 6.95 3.24
C PRO B 96 20.25 6.76 4.73
N ILE B 97 20.50 7.78 5.57
CA ILE B 97 20.28 7.66 7.03
C ILE B 97 18.79 7.48 7.31
N SER B 98 17.90 7.88 6.41
CA SER B 98 16.42 7.65 6.57
C SER B 98 16.12 6.14 6.60
N SER B 99 17.00 5.28 6.11
CA SER B 99 16.82 3.81 6.17
C SER B 99 17.50 3.18 7.39
N LEU B 100 18.09 3.96 8.31
CA LEU B 100 18.90 3.41 9.43
C LEU B 100 18.42 4.06 10.73
N TRP B 101 18.58 3.37 11.83
CA TRP B 101 18.57 4.02 13.16
C TRP B 101 19.82 4.90 13.25
N VAL B 102 19.67 6.13 13.72
CA VAL B 102 20.82 7.03 14.02
C VAL B 102 20.65 7.53 15.44
N PRO B 103 21.75 7.72 16.22
CA PRO B 103 21.62 8.24 17.57
C PRO B 103 21.01 9.65 17.57
N ASP B 104 20.16 9.93 18.57
CA ASP B 104 19.45 11.22 18.74
C ASP B 104 20.37 12.23 19.45
N LEU B 105 21.55 12.50 18.89
CA LEU B 105 22.56 13.41 19.49
C LEU B 105 22.11 14.86 19.36
N ALA B 106 22.33 15.65 20.39
CA ALA B 106 22.04 17.09 20.43
C ALA B 106 23.18 17.80 21.16
N ALA B 107 23.50 19.00 20.71
CA ALA B 107 24.43 19.92 21.40
C ALA B 107 23.63 20.76 22.39
N TYR B 108 23.93 20.62 23.69
CA TYR B 108 23.17 21.23 24.80
C TYR B 108 23.23 22.76 24.71
N ASN B 109 24.28 23.34 24.13
CA ASN B 109 24.45 24.82 24.08
C ASN B 109 24.29 25.33 22.65
N ALA B 110 23.71 24.55 21.73
CA ALA B 110 23.35 25.05 20.38
C ALA B 110 22.22 26.07 20.51
N ILE B 111 22.28 27.15 19.73
CA ILE B 111 21.22 28.20 19.67
C ILE B 111 20.65 28.29 18.26
N SER B 112 21.00 27.38 17.36
CA SER B 112 20.40 27.24 16.01
C SER B 112 20.27 25.75 15.71
N LYS B 113 19.44 25.38 14.74
CA LYS B 113 19.31 23.96 14.34
C LYS B 113 20.57 23.60 13.57
N PRO B 114 21.03 22.34 13.60
CA PRO B 114 22.17 21.95 12.76
C PRO B 114 21.79 22.11 11.28
N GLU B 115 22.57 22.88 10.51
CA GLU B 115 22.43 22.99 9.04
C GLU B 115 23.37 21.94 8.44
N VAL B 116 22.83 20.83 7.91
CA VAL B 116 23.62 19.74 7.30
C VAL B 116 23.95 20.16 5.86
N LEU B 117 25.24 20.25 5.52
CA LEU B 117 25.72 20.80 4.23
C LEU B 117 25.95 19.68 3.23
N THR B 118 25.95 18.42 3.66
CA THR B 118 26.42 17.26 2.86
C THR B 118 25.26 16.31 2.59
N PRO B 119 25.40 15.40 1.59
CA PRO B 119 24.44 14.32 1.38
C PRO B 119 24.28 13.44 2.63
N GLN B 120 23.03 13.11 2.97
CA GLN B 120 22.67 12.41 4.22
C GLN B 120 22.78 10.90 4.00
N LEU B 121 24.00 10.45 3.74
CA LEU B 121 24.36 9.03 3.55
C LEU B 121 25.33 8.64 4.64
N ALA B 122 25.20 7.42 5.15
CA ALA B 122 26.17 6.79 6.06
C ALA B 122 26.88 5.67 5.30
N ARG B 123 28.02 5.23 5.82
CA ARG B 123 28.76 4.04 5.33
C ARG B 123 28.42 2.89 6.29
N VAL B 124 27.99 1.75 5.75
CA VAL B 124 27.72 0.53 6.56
C VAL B 124 28.73 -0.54 6.15
N VAL B 125 29.45 -1.07 7.14
CA VAL B 125 30.43 -2.19 6.97
C VAL B 125 29.67 -3.50 7.17
N SER B 126 30.12 -4.57 6.51
CA SER B 126 29.46 -5.92 6.50
C SER B 126 29.30 -6.48 7.93
N ASP B 127 30.08 -6.01 8.90
CA ASP B 127 29.97 -6.48 10.32
C ASP B 127 28.91 -5.66 11.07
N GLY B 128 28.31 -4.66 10.44
CA GLY B 128 27.23 -3.85 11.05
C GLY B 128 27.74 -2.55 11.65
N GLU B 129 29.02 -2.22 11.48
CA GLU B 129 29.54 -0.89 11.88
C GLU B 129 28.96 0.18 10.93
N VAL B 130 28.49 1.28 11.51
CA VAL B 130 27.94 2.44 10.75
C VAL B 130 28.85 3.64 10.98
N LEU B 131 29.24 4.33 9.92
CA LEU B 131 30.00 5.62 9.99
C LEU B 131 29.14 6.69 9.34
N TYR B 132 28.71 7.69 10.11
CA TYR B 132 27.95 8.85 9.61
C TYR B 132 28.77 10.08 9.95
N MET B 133 29.17 10.85 8.94
CA MET B 133 29.96 12.08 9.18
C MET B 133 29.38 13.24 8.36
N PRO B 134 28.31 13.89 8.84
CA PRO B 134 27.79 15.07 8.17
C PRO B 134 28.69 16.28 8.43
N SER B 135 28.76 17.17 7.46
CA SER B 135 29.25 18.56 7.63
C SER B 135 28.10 19.41 8.12
N ILE B 136 28.28 20.03 9.27
CA ILE B 136 27.25 20.80 10.00
C ILE B 136 27.75 22.24 10.18
N ARG B 137 26.90 23.20 9.86
CA ARG B 137 27.05 24.60 10.32
C ARG B 137 26.03 24.83 11.44
N GLN B 138 26.50 25.30 12.58
CA GLN B 138 25.63 25.51 13.77
C GLN B 138 26.19 26.68 14.61
N ARG B 139 25.29 27.36 15.31
CA ARG B 139 25.62 28.47 16.23
C ARG B 139 25.51 27.98 17.67
N PHE B 140 26.43 28.43 18.54
CA PHE B 140 26.57 28.00 19.95
C PHE B 140 26.71 29.22 20.86
N SER B 141 26.20 29.07 22.08
CA SER B 141 26.43 29.93 23.27
C SER B 141 27.63 29.36 24.01
N CYS B 142 28.75 30.09 24.05
CA CYS B 142 29.98 29.63 24.73
C CYS B 142 30.93 30.81 25.00
N ASP B 143 32.00 30.53 25.74
CA ASP B 143 32.92 31.59 26.24
C ASP B 143 33.83 32.04 25.10
N VAL B 144 33.56 33.24 24.58
CA VAL B 144 34.35 33.87 23.48
C VAL B 144 35.41 34.81 24.06
N SER B 145 35.42 35.02 25.39
CA SER B 145 36.36 35.96 26.05
C SER B 145 37.81 35.49 25.78
N GLY B 146 38.67 36.42 25.37
CA GLY B 146 40.11 36.18 25.16
C GLY B 146 40.42 35.81 23.72
N VAL B 147 39.44 35.91 22.81
CA VAL B 147 39.63 35.46 21.40
C VAL B 147 40.71 36.31 20.73
N ASP B 148 40.86 37.58 21.11
CA ASP B 148 41.84 38.52 20.51
C ASP B 148 43.12 38.60 21.36
N THR B 149 43.40 37.58 22.17
CA THR B 149 44.65 37.45 22.97
C THR B 149 45.44 36.24 22.48
N GLU B 150 46.67 36.10 22.95
CA GLU B 150 47.62 35.04 22.51
C GLU B 150 47.11 33.67 22.98
N SER B 151 46.56 33.57 24.19
CA SER B 151 46.11 32.28 24.77
C SER B 151 44.71 31.92 24.22
N GLY B 152 43.99 32.88 23.64
CA GLY B 152 42.77 32.64 22.85
C GLY B 152 41.56 32.38 23.71
N ALA B 153 40.42 32.11 23.09
CA ALA B 153 39.16 31.73 23.76
C ALA B 153 39.09 30.20 23.84
N THR B 154 38.34 29.68 24.81
CA THR B 154 37.98 28.25 24.89
C THR B 154 36.46 28.14 24.87
N CYS B 155 35.92 27.66 23.76
CA CYS B 155 34.46 27.44 23.54
C CYS B 155 34.18 25.95 23.77
N ARG B 156 33.32 25.61 24.72
CA ARG B 156 32.99 24.21 25.10
C ARG B 156 31.62 23.85 24.49
N ILE B 157 31.55 22.72 23.79
CA ILE B 157 30.31 22.19 23.17
C ILE B 157 30.05 20.82 23.78
N LYS B 158 28.88 20.64 24.40
CA LYS B 158 28.48 19.35 25.01
C LYS B 158 27.47 18.64 24.09
N ILE B 159 27.77 17.39 23.72
CA ILE B 159 26.93 16.59 22.79
C ILE B 159 26.60 15.28 23.51
N GLY B 160 25.31 14.97 23.61
CA GLY B 160 24.80 13.70 24.16
C GLY B 160 23.50 13.28 23.51
N SER B 161 23.04 12.08 23.82
CA SER B 161 21.69 11.59 23.46
C SER B 161 20.67 12.51 24.15
N TRP B 162 19.67 12.97 23.41
CA TRP B 162 18.59 13.80 23.98
C TRP B 162 17.66 12.94 24.86
N THR B 163 17.40 11.68 24.51
CA THR B 163 16.36 10.89 25.22
C THR B 163 16.86 9.57 25.80
N HIS B 164 18.07 9.12 25.46
CA HIS B 164 18.58 7.80 25.93
C HIS B 164 19.64 8.01 27.03
N HIS B 165 19.42 7.43 28.20
CA HIS B 165 20.38 7.44 29.36
C HIS B 165 21.46 6.38 29.14
N SER B 166 22.43 6.29 30.07
CA SER B 166 23.71 5.55 29.91
C SER B 166 23.48 4.05 29.78
N ARG B 167 22.34 3.50 30.21
CA ARG B 167 22.07 2.05 30.01
C ARG B 167 21.57 1.78 28.58
N GLU B 168 21.24 2.81 27.79
CA GLU B 168 20.75 2.62 26.40
C GLU B 168 21.78 3.13 25.39
N ILE B 169 22.37 4.30 25.64
CA ILE B 169 23.45 4.88 24.78
C ILE B 169 24.59 5.32 25.68
N SER B 170 25.81 4.91 25.34
CA SER B 170 27.07 5.51 25.85
C SER B 170 27.70 6.32 24.71
N VAL B 171 28.20 7.51 25.03
CA VAL B 171 28.92 8.39 24.07
C VAL B 171 30.37 8.50 24.54
N ASP B 172 31.31 8.23 23.65
CA ASP B 172 32.77 8.29 23.92
C ASP B 172 33.44 9.09 22.82
N PRO B 173 34.47 9.91 23.14
CA PRO B 173 35.32 10.49 22.12
C PRO B 173 36.07 9.35 21.43
N THR B 174 36.44 9.55 20.15
CA THR B 174 36.92 8.53 19.21
C THR B 174 38.40 8.27 19.51
N THR B 175 38.93 7.15 19.01
CA THR B 175 40.39 6.95 18.82
C THR B 175 40.88 7.78 17.61
N ASP B 179 46.02 15.68 13.87
CA ASP B 179 46.29 17.13 13.94
C ASP B 179 44.95 17.87 13.96
N ASP B 180 44.68 18.62 15.04
CA ASP B 180 43.41 19.33 15.31
C ASP B 180 43.05 20.31 14.18
N SER B 181 44.05 20.80 13.44
CA SER B 181 43.91 21.79 12.35
C SER B 181 44.14 21.14 10.97
N GLU B 182 44.18 19.81 10.85
CA GLU B 182 44.45 19.13 9.56
C GLU B 182 43.36 19.47 8.52
N TYR B 183 42.13 19.69 8.94
CA TYR B 183 40.98 19.97 8.02
C TYR B 183 40.56 21.43 8.13
N PHE B 184 41.08 22.17 9.11
CA PHE B 184 40.63 23.56 9.36
C PHE B 184 41.03 24.43 8.18
N SER B 185 40.15 25.34 7.76
CA SER B 185 40.38 26.25 6.60
C SER B 185 41.55 27.19 6.92
N GLN B 186 42.52 27.26 6.02
CA GLN B 186 43.66 28.21 6.11
C GLN B 186 43.14 29.63 5.89
N TYR B 187 41.92 29.80 5.37
CA TYR B 187 41.38 31.14 4.96
C TYR B 187 40.47 31.72 6.04
N SER B 188 40.19 31.00 7.13
CA SER B 188 39.45 31.55 8.31
C SER B 188 40.21 32.76 8.87
N ARG B 189 39.50 33.72 9.46
CA ARG B 189 40.09 34.82 10.27
C ARG B 189 40.66 34.25 11.56
N PHE B 190 40.31 33.01 11.92
CA PHE B 190 40.70 32.38 13.20
C PHE B 190 41.65 31.22 12.94
N GLU B 191 42.35 30.79 13.99
CA GLU B 191 43.22 29.59 13.97
C GLU B 191 42.96 28.80 15.24
N ILE B 192 43.15 27.47 15.15
CA ILE B 192 42.93 26.54 16.29
C ILE B 192 44.26 26.35 17.01
N LEU B 193 44.24 26.54 18.33
CA LEU B 193 45.40 26.30 19.23
C LEU B 193 45.33 24.86 19.73
N ASP B 194 44.13 24.40 20.09
CA ASP B 194 43.95 23.06 20.70
C ASP B 194 42.47 22.63 20.64
N VAL B 195 42.25 21.34 20.44
CA VAL B 195 40.91 20.70 20.59
C VAL B 195 41.07 19.53 21.56
N THR B 196 40.31 19.53 22.65
CA THR B 196 40.24 18.36 23.57
C THR B 196 38.77 17.89 23.60
N GLN B 197 38.59 16.58 23.68
CA GLN B 197 37.27 15.90 23.61
C GLN B 197 37.25 14.89 24.75
N LYS B 198 36.46 15.14 25.81
CA LYS B 198 36.46 14.28 27.01
C LYS B 198 35.03 13.81 27.33
N LYS B 199 34.91 12.64 27.96
CA LYS B 199 33.62 12.04 28.33
C LYS B 199 33.15 12.62 29.68
N ASN B 200 31.87 12.97 29.77
CA ASN B 200 31.13 13.28 31.03
C ASN B 200 29.96 12.33 31.18
N SER B 201 29.60 12.01 32.42
CA SER B 201 28.38 11.25 32.79
C SER B 201 27.64 12.05 33.87
N VAL B 202 26.45 12.55 33.57
CA VAL B 202 25.73 13.54 34.43
C VAL B 202 24.39 12.94 34.86
N THR B 203 24.07 13.02 36.15
CA THR B 203 22.71 12.79 36.70
C THR B 203 22.10 14.17 37.04
N TYR B 204 20.93 14.47 36.47
CA TYR B 204 20.15 15.71 36.69
C TYR B 204 19.12 15.44 37.80
N SER B 205 18.67 16.51 38.48
CA SER B 205 17.69 16.45 39.61
C SER B 205 16.38 15.78 39.15
N CYS B 206 15.90 16.11 37.94
CA CYS B 206 14.65 15.57 37.31
C CYS B 206 14.58 14.03 37.41
N CYS B 207 15.71 13.34 37.23
CA CYS B 207 15.76 11.99 36.62
C CYS B 207 16.74 11.10 37.38
N PRO B 208 16.40 9.82 37.63
CA PRO B 208 17.29 8.90 38.34
C PRO B 208 18.51 8.45 37.53
N GLU B 209 18.44 8.51 36.19
CA GLU B 209 19.45 7.89 35.30
C GLU B 209 20.52 8.93 34.94
N ALA B 210 21.72 8.43 34.65
CA ALA B 210 22.87 9.21 34.16
C ALA B 210 22.81 9.30 32.63
N TYR B 211 23.14 10.48 32.09
CA TYR B 211 23.25 10.79 30.64
C TYR B 211 24.71 11.08 30.30
N GLU B 212 25.22 10.38 29.30
CA GLU B 212 26.61 10.59 28.84
C GLU B 212 26.66 11.72 27.81
N ASP B 213 27.81 12.38 27.78
CA ASP B 213 28.06 13.49 26.84
C ASP B 213 29.55 13.45 26.54
N VAL B 214 29.91 13.91 25.34
CA VAL B 214 31.29 14.31 24.99
C VAL B 214 31.31 15.83 25.13
N GLU B 215 32.26 16.34 25.89
CA GLU B 215 32.57 17.79 26.00
C GLU B 215 33.76 18.07 25.08
N VAL B 216 33.56 18.94 24.10
CA VAL B 216 34.59 19.34 23.12
C VAL B 216 35.00 20.76 23.48
N SER B 217 36.28 20.99 23.78
CA SER B 217 36.87 22.31 24.08
C SER B 217 37.66 22.79 22.86
N LEU B 218 37.18 23.85 22.24
CA LEU B 218 37.81 24.48 21.06
C LEU B 218 38.57 25.71 21.58
N ASN B 219 39.89 25.61 21.65
CA ASN B 219 40.78 26.75 21.99
C ASN B 219 41.23 27.37 20.66
N PHE B 220 40.78 28.60 20.41
CA PHE B 220 41.02 29.30 19.12
C PHE B 220 41.29 30.78 19.39
N ARG B 221 41.85 31.47 18.40
CA ARG B 221 42.07 32.94 18.52
C ARG B 221 42.04 33.58 17.13
N LYS B 222 41.81 34.89 17.10
CA LYS B 222 41.93 35.71 15.86
C LYS B 222 43.39 35.66 15.38
N LYS B 223 43.61 35.54 14.08
CA LYS B 223 44.96 35.65 13.46
C LYS B 223 45.38 37.13 13.53
N GLY B 224 46.67 37.38 13.75
CA GLY B 224 47.26 38.72 14.03
C GLY B 224 47.38 39.65 12.82
N LEU C 20 8.31 -8.87 26.02
CA LEU C 20 8.26 -7.86 24.95
C LEU C 20 9.63 -7.20 24.88
N ASP C 21 10.21 -7.07 23.69
CA ASP C 21 11.44 -6.25 23.48
C ASP C 21 11.02 -4.89 22.90
N ARG C 22 11.99 -3.99 22.76
CA ARG C 22 11.81 -2.61 22.25
C ARG C 22 11.16 -2.67 20.87
N ALA C 23 11.62 -3.57 20.00
CA ALA C 23 11.15 -3.68 18.60
C ALA C 23 9.64 -3.95 18.60
N ASP C 24 9.17 -4.85 19.47
CA ASP C 24 7.73 -5.24 19.57
C ASP C 24 6.90 -4.04 20.07
N ILE C 25 7.38 -3.38 21.13
CA ILE C 25 6.68 -2.22 21.74
C ILE C 25 6.55 -1.11 20.69
N LEU C 26 7.62 -0.78 19.98
CA LEU C 26 7.61 0.34 19.00
C LEU C 26 6.74 -0.05 17.80
N TYR C 27 6.72 -1.31 17.41
CA TYR C 27 5.78 -1.82 16.35
C TYR C 27 4.33 -1.61 16.84
N ASN C 28 4.01 -2.06 18.06
CA ASN C 28 2.64 -1.96 18.63
C ASN C 28 2.21 -0.48 18.66
N ILE C 29 3.09 0.42 19.10
CA ILE C 29 2.78 1.87 19.21
C ILE C 29 2.57 2.43 17.82
N ARG C 30 3.46 2.14 16.86
CA ARG C 30 3.31 2.66 15.49
C ARG C 30 1.96 2.18 14.90
N GLN C 31 1.57 0.92 15.13
CA GLN C 31 0.36 0.33 14.48
C GLN C 31 -0.93 0.87 15.12
N THR C 32 -0.95 1.22 16.41
CA THR C 32 -2.22 1.45 17.18
C THR C 32 -2.26 2.79 17.89
N SER C 33 -1.23 3.61 17.83
CA SER C 33 -1.15 4.84 18.73
C SER C 33 -2.28 5.90 18.52
N ARG C 34 -2.86 6.06 17.33
CA ARG C 34 -3.90 7.06 16.90
C ARG C 34 -3.43 8.48 17.26
N PRO C 35 -2.48 9.05 16.50
CA PRO C 35 -1.92 10.37 16.83
C PRO C 35 -2.90 11.54 16.73
N ASP C 36 -4.02 11.34 16.03
CA ASP C 36 -5.07 12.39 15.83
C ASP C 36 -6.07 12.33 16.97
N VAL C 37 -5.98 11.33 17.86
CA VAL C 37 -7.04 11.07 18.88
C VAL C 37 -6.57 11.47 20.28
N ILE C 38 -7.12 12.54 20.83
CA ILE C 38 -6.86 12.99 22.22
C ILE C 38 -7.22 11.85 23.17
N PRO C 39 -6.30 11.42 24.07
CA PRO C 39 -6.56 10.23 24.90
C PRO C 39 -7.32 10.53 26.21
N THR C 40 -8.55 11.05 26.10
CA THR C 40 -9.43 11.34 27.27
C THR C 40 -9.82 10.01 27.92
N GLN C 41 -9.92 9.98 29.25
CA GLN C 41 -10.50 8.84 30.03
C GLN C 41 -11.88 9.25 30.53
N ARG C 42 -12.91 8.44 30.24
CA ARG C 42 -14.29 8.59 30.77
C ARG C 42 -14.70 10.07 30.78
N ASP C 43 -14.51 10.74 29.63
CA ASP C 43 -14.96 12.13 29.35
C ASP C 43 -14.38 13.14 30.35
N ARG C 44 -13.26 12.82 31.02
CA ARG C 44 -12.49 13.79 31.84
C ARG C 44 -11.39 14.40 30.97
N PRO C 45 -10.92 15.62 31.28
CA PRO C 45 -9.89 16.25 30.47
C PRO C 45 -8.56 15.48 30.56
N VAL C 46 -7.74 15.56 29.51
CA VAL C 46 -6.33 15.11 29.56
C VAL C 46 -5.57 16.16 30.37
N ALA C 47 -4.94 15.74 31.48
CA ALA C 47 -4.11 16.61 32.34
C ALA C 47 -2.72 16.71 31.72
N VAL C 48 -2.40 17.87 31.17
CA VAL C 48 -1.07 18.15 30.58
C VAL C 48 -0.32 19.06 31.56
N SER C 49 0.89 18.65 31.97
CA SER C 49 1.82 19.50 32.75
C SER C 49 2.84 20.13 31.81
N VAL C 50 3.08 21.42 31.99
CA VAL C 50 4.02 22.22 31.18
C VAL C 50 4.87 23.06 32.13
N SER C 51 6.20 23.00 31.98
CA SER C 51 7.16 23.87 32.68
C SER C 51 8.27 24.26 31.71
N LEU C 52 8.52 25.56 31.57
CA LEU C 52 9.66 26.07 30.75
C LEU C 52 10.93 26.13 31.61
N LYS C 53 12.02 25.53 31.15
CA LYS C 53 13.39 25.72 31.71
C LYS C 53 14.13 26.67 30.77
N PHE C 54 14.37 27.90 31.19
CA PHE C 54 15.07 28.91 30.37
C PHE C 54 16.55 28.56 30.26
N ILE C 55 17.08 28.58 29.04
CA ILE C 55 18.48 28.21 28.75
C ILE C 55 19.24 29.46 28.29
N ASN C 56 18.59 30.34 27.54
CA ASN C 56 19.29 31.55 27.03
C ASN C 56 18.27 32.62 26.66
N ILE C 57 18.71 33.88 26.75
CA ILE C 57 18.04 35.09 26.25
C ILE C 57 19.03 35.72 25.27
N LEU C 58 18.71 35.71 23.97
CA LEU C 58 19.67 35.94 22.87
C LEU C 58 19.58 37.39 22.38
N GLU C 59 18.38 37.94 22.29
CA GLU C 59 18.16 39.30 21.75
C GLU C 59 16.97 39.89 22.49
N VAL C 60 17.11 41.14 22.87
CA VAL C 60 16.08 41.90 23.63
C VAL C 60 16.02 43.26 22.95
N ASN C 61 14.82 43.79 22.74
CA ASN C 61 14.64 45.11 22.10
C ASN C 61 13.61 45.87 22.92
N GLU C 62 14.08 46.88 23.68
CA GLU C 62 13.23 47.66 24.62
C GLU C 62 12.34 48.60 23.83
N ILE C 63 12.72 48.96 22.60
CA ILE C 63 11.92 49.83 21.69
C ILE C 63 10.72 49.04 21.16
N THR C 64 10.93 47.84 20.63
CA THR C 64 9.86 47.03 19.97
C THR C 64 9.17 46.12 20.98
N ASN C 65 9.73 45.96 22.19
CA ASN C 65 9.18 45.04 23.22
C ASN C 65 9.16 43.60 22.66
N GLU C 66 10.31 43.12 22.19
CA GLU C 66 10.48 41.75 21.64
C GLU C 66 11.67 41.09 22.32
N VAL C 67 11.58 39.79 22.56
CA VAL C 67 12.67 38.96 23.12
C VAL C 67 12.78 37.67 22.31
N ASP C 68 14.02 37.20 22.12
CA ASP C 68 14.37 35.91 21.49
C ASP C 68 14.94 35.04 22.62
N VAL C 69 14.31 33.91 22.90
CA VAL C 69 14.62 33.04 24.07
C VAL C 69 14.84 31.59 23.59
N VAL C 70 15.72 30.86 24.28
CA VAL C 70 15.83 29.39 24.16
C VAL C 70 15.38 28.78 25.48
N PHE C 71 14.46 27.82 25.41
CA PHE C 71 13.93 27.12 26.62
C PHE C 71 13.65 25.65 26.28
N TRP C 72 13.73 24.82 27.31
CA TRP C 72 13.28 23.41 27.27
C TRP C 72 11.83 23.39 27.74
N GLN C 73 10.93 22.91 26.89
CA GLN C 73 9.48 22.90 27.20
C GLN C 73 9.12 21.51 27.73
N GLN C 74 9.28 21.32 29.03
CA GLN C 74 8.98 20.04 29.71
C GLN C 74 7.47 19.81 29.69
N THR C 75 7.03 18.76 29.01
CA THR C 75 5.59 18.48 28.74
C THR C 75 5.31 17.02 29.11
N THR C 76 4.29 16.78 29.93
CA THR C 76 3.95 15.43 30.43
C THR C 76 2.44 15.23 30.36
N TRP C 77 2.03 14.00 30.06
CA TRP C 77 0.59 13.64 30.06
C TRP C 77 0.54 12.11 30.02
N SER C 78 -0.63 11.55 30.21
CA SER C 78 -0.83 10.09 30.20
C SER C 78 -1.63 9.73 28.95
N ASP C 79 -1.23 8.66 28.25
CA ASP C 79 -1.99 8.05 27.14
C ASP C 79 -2.01 6.54 27.37
N ARG C 80 -3.08 6.05 27.98
CA ARG C 80 -3.25 4.63 28.39
C ARG C 80 -3.23 3.70 27.16
N THR C 81 -3.52 4.20 25.95
CA THR C 81 -3.49 3.35 24.73
C THR C 81 -2.03 2.93 24.43
N LEU C 82 -1.02 3.59 25.01
CA LEU C 82 0.40 3.29 24.74
C LEU C 82 0.93 2.19 25.67
N ALA C 83 0.19 1.86 26.74
CA ALA C 83 0.72 1.10 27.90
C ALA C 83 1.02 -0.35 27.50
N TRP C 84 2.00 -0.97 28.16
CA TRP C 84 2.34 -2.42 28.00
C TRP C 84 2.71 -2.99 29.37
N ASN C 85 2.64 -4.32 29.50
CA ASN C 85 3.09 -5.05 30.73
C ASN C 85 4.63 -5.02 30.80
N SER C 86 5.21 -4.38 31.81
CA SER C 86 6.68 -4.13 31.93
C SER C 86 7.42 -5.35 32.52
N SER C 87 6.76 -6.46 32.85
CA SER C 87 7.34 -7.45 33.81
C SER C 87 8.60 -8.17 33.31
N HIS C 88 8.81 -8.50 32.03
CA HIS C 88 10.12 -8.90 31.45
C HIS C 88 10.43 -8.09 30.18
N SER C 89 10.30 -6.77 30.30
CA SER C 89 10.27 -5.81 29.16
C SER C 89 10.92 -4.52 29.58
N PRO C 90 11.36 -3.66 28.64
CA PRO C 90 11.82 -2.32 28.99
C PRO C 90 10.74 -1.53 29.75
N ASP C 91 11.16 -0.66 30.67
CA ASP C 91 10.21 0.19 31.44
C ASP C 91 9.83 1.41 30.59
N GLN C 92 10.67 1.79 29.61
CA GLN C 92 10.51 3.02 28.81
C GLN C 92 11.11 2.84 27.41
N VAL C 93 10.55 3.52 26.43
CA VAL C 93 11.11 3.58 25.04
C VAL C 93 11.07 5.04 24.56
N SER C 94 11.91 5.33 23.57
CA SER C 94 11.93 6.62 22.84
C SER C 94 11.10 6.45 21.57
N VAL C 95 10.17 7.37 21.34
CA VAL C 95 9.16 7.27 20.24
C VAL C 95 9.15 8.59 19.49
N PRO C 96 9.22 8.56 18.14
CA PRO C 96 9.05 9.78 17.35
C PRO C 96 7.66 10.37 17.61
N ILE C 97 7.57 11.69 17.81
CA ILE C 97 6.27 12.33 18.18
C ILE C 97 5.26 12.15 17.04
N SER C 98 5.69 11.92 15.80
CA SER C 98 4.78 11.64 14.65
C SER C 98 3.98 10.35 14.89
N SER C 99 4.43 9.45 15.78
CA SER C 99 3.71 8.21 16.11
C SER C 99 2.82 8.35 17.36
N LEU C 100 2.70 9.54 17.93
CA LEU C 100 1.97 9.75 19.22
C LEU C 100 1.01 10.92 19.07
N TRP C 101 -0.07 10.90 19.86
CA TRP C 101 -0.85 12.14 20.10
C TRP C 101 0.03 13.05 20.95
N VAL C 102 0.12 14.32 20.57
CA VAL C 102 0.82 15.37 21.36
C VAL C 102 -0.15 16.51 21.54
N PRO C 103 -0.17 17.19 22.72
CA PRO C 103 -1.04 18.34 22.90
C PRO C 103 -0.69 19.46 21.90
N ASP C 104 -1.72 20.14 21.41
CA ASP C 104 -1.63 21.23 20.41
C ASP C 104 -1.32 22.55 21.12
N LEU C 105 -0.20 22.61 21.86
CA LEU C 105 0.15 23.81 22.67
C LEU C 105 0.66 24.92 21.76
N ALA C 106 0.30 26.15 22.09
CA ALA C 106 0.83 27.36 21.42
C ALA C 106 1.05 28.44 22.48
N ALA C 107 2.06 29.27 22.28
CA ALA C 107 2.30 30.52 23.01
C ALA C 107 1.51 31.65 22.36
N TYR C 108 0.56 32.23 23.08
CA TYR C 108 -0.41 33.22 22.58
C TYR C 108 0.30 34.50 22.15
N ASN C 109 1.47 34.82 22.67
CA ASN C 109 2.21 36.08 22.35
C ASN C 109 3.49 35.75 21.56
N ALA C 110 3.62 34.57 20.99
CA ALA C 110 4.74 34.24 20.07
C ALA C 110 4.57 35.06 18.78
N ILE C 111 5.68 35.58 18.24
CA ILE C 111 5.70 36.34 16.97
C ILE C 111 6.63 35.65 15.96
N SER C 112 7.10 34.43 16.27
CA SER C 112 7.83 33.55 15.32
C SER C 112 7.35 32.12 15.57
N LYS C 113 7.54 31.23 14.61
CA LYS C 113 7.18 29.81 14.81
C LYS C 113 8.22 29.22 15.74
N PRO C 114 7.87 28.20 16.55
CA PRO C 114 8.87 27.56 17.41
C PRO C 114 9.94 26.88 16.52
N GLU C 115 11.21 27.22 16.72
CA GLU C 115 12.37 26.53 16.08
C GLU C 115 12.79 25.42 17.05
N VAL C 116 12.49 24.16 16.73
CA VAL C 116 12.85 22.98 17.57
C VAL C 116 14.31 22.63 17.25
N LEU C 117 15.18 22.66 18.27
CA LEU C 117 16.65 22.51 18.08
C LEU C 117 17.05 21.05 18.28
N THR C 118 16.18 20.21 18.82
CA THR C 118 16.50 18.84 19.31
C THR C 118 15.76 17.80 18.48
N PRO C 119 16.21 16.53 18.49
CA PRO C 119 15.46 15.42 17.89
C PRO C 119 14.03 15.30 18.45
N GLN C 120 13.07 15.09 17.57
CA GLN C 120 11.63 15.10 17.89
C GLN C 120 11.18 13.73 18.36
N LEU C 121 11.73 13.32 19.50
CA LEU C 121 11.44 12.05 20.19
C LEU C 121 10.86 12.37 21.56
N ALA C 122 9.87 11.60 21.98
CA ALA C 122 9.32 11.62 23.36
C ALA C 122 9.74 10.32 24.06
N ARG C 123 9.68 10.31 25.39
CA ARG C 123 9.88 9.12 26.23
C ARG C 123 8.52 8.59 26.64
N VAL C 124 8.24 7.31 26.41
CA VAL C 124 6.98 6.67 26.83
C VAL C 124 7.30 5.62 27.90
N VAL C 125 6.64 5.71 29.04
CA VAL C 125 6.74 4.74 30.17
C VAL C 125 5.68 3.66 29.95
N SER C 126 5.93 2.44 30.42
CA SER C 126 5.06 1.24 30.22
C SER C 126 3.64 1.49 30.76
N ASP C 127 3.44 2.45 31.67
CA ASP C 127 2.10 2.77 32.22
C ASP C 127 1.38 3.77 31.32
N GLY C 128 2.02 4.27 30.25
CA GLY C 128 1.39 5.21 29.31
C GLY C 128 1.73 6.67 29.59
N GLU C 129 2.59 6.95 30.55
CA GLU C 129 3.07 8.34 30.77
C GLU C 129 4.01 8.73 29.62
N VAL C 130 3.84 9.94 29.11
CA VAL C 130 4.67 10.49 28.00
C VAL C 130 5.43 11.70 28.52
N LEU C 131 6.73 11.78 28.24
CA LEU C 131 7.54 13.00 28.50
C LEU C 131 8.09 13.50 27.16
N TYR C 132 7.72 14.71 26.77
CA TYR C 132 8.26 15.37 25.56
C TYR C 132 8.89 16.67 26.03
N MET C 133 10.20 16.83 25.79
CA MET C 133 10.91 18.07 26.20
C MET C 133 11.78 18.56 25.06
N PRO C 134 11.21 19.27 24.07
CA PRO C 134 12.03 19.86 23.01
C PRO C 134 12.75 21.11 23.53
N SER C 135 13.93 21.38 22.99
CA SER C 135 14.59 22.70 23.08
C SER C 135 14.04 23.56 21.95
N ILE C 136 13.48 24.71 22.30
CA ILE C 136 12.80 25.65 21.39
C ILE C 136 13.49 27.01 21.45
N ARG C 137 13.79 27.57 20.27
CA ARG C 137 14.10 29.00 20.13
C ARG C 137 12.88 29.70 19.53
N GLN C 138 12.38 30.74 20.17
CA GLN C 138 11.17 31.45 19.74
C GLN C 138 11.26 32.92 20.15
N ARG C 139 10.60 33.79 19.39
CA ARG C 139 10.48 35.25 19.64
C ARG C 139 9.09 35.55 20.19
N PHE C 140 9.02 36.48 21.16
CA PHE C 140 7.78 36.87 21.87
C PHE C 140 7.65 38.39 21.93
N SER C 141 6.39 38.83 21.92
CA SER C 141 5.94 40.21 22.23
C SER C 141 5.64 40.25 23.72
N CYS C 142 6.43 41.01 24.49
CA CYS C 142 6.22 41.12 25.96
C CYS C 142 6.93 42.35 26.52
N ASP C 143 6.72 42.63 27.80
CA ASP C 143 7.19 43.88 28.46
C ASP C 143 8.69 43.77 28.73
N VAL C 144 9.49 44.46 27.94
CA VAL C 144 10.98 44.50 28.04
C VAL C 144 11.41 45.73 28.84
N SER C 145 10.47 46.60 29.24
CA SER C 145 10.78 47.86 29.98
C SER C 145 11.46 47.50 31.30
N GLY C 146 12.57 48.17 31.62
CA GLY C 146 13.30 48.00 32.89
C GLY C 146 14.40 46.95 32.79
N VAL C 147 14.70 46.45 31.60
CA VAL C 147 15.68 45.34 31.42
C VAL C 147 17.08 45.82 31.88
N ASP C 148 17.40 47.11 31.72
CA ASP C 148 18.73 47.68 32.08
C ASP C 148 18.68 48.33 33.46
N THR C 149 17.73 47.95 34.32
CA THR C 149 17.62 48.42 35.73
C THR C 149 17.83 47.24 36.67
N GLU C 150 17.96 47.52 37.96
CA GLU C 150 18.26 46.51 39.01
C GLU C 150 17.07 45.56 39.16
N SER C 151 15.83 46.05 39.10
CA SER C 151 14.63 45.20 39.32
C SER C 151 14.26 44.44 38.02
N GLY C 152 14.82 44.86 36.88
CA GLY C 152 14.79 44.09 35.62
C GLY C 152 13.44 44.20 34.92
N ALA C 153 13.30 43.50 33.79
CA ALA C 153 12.03 43.38 33.04
C ALA C 153 11.29 42.13 33.51
N THR C 154 9.97 42.11 33.35
CA THR C 154 9.13 40.91 33.53
C THR C 154 8.39 40.64 32.22
N CYS C 155 8.80 39.59 31.52
CA CYS C 155 8.22 39.12 30.23
C CYS C 155 7.28 37.95 30.54
N ARG C 156 5.99 38.08 30.20
CA ARG C 156 4.97 37.03 30.46
C ARG C 156 4.70 36.26 29.16
N ILE C 157 4.73 34.93 29.23
CA ILE C 157 4.45 34.02 28.08
C ILE C 157 3.28 33.14 28.48
N LYS C 158 2.18 33.16 27.72
CA LYS C 158 0.98 32.33 27.97
C LYS C 158 0.98 31.14 27.00
N ILE C 159 0.89 29.93 27.50
CA ILE C 159 0.90 28.67 26.70
C ILE C 159 -0.34 27.86 27.04
N GLY C 160 -1.13 27.51 26.02
CA GLY C 160 -2.29 26.62 26.17
C GLY C 160 -2.63 25.90 24.89
N SER C 161 -3.62 25.01 24.99
CA SER C 161 -4.15 24.27 23.82
C SER C 161 -4.75 25.28 22.86
N TRP C 162 -4.41 25.17 21.57
CA TRP C 162 -4.98 26.05 20.54
C TRP C 162 -6.45 25.69 20.27
N THR C 163 -6.86 24.43 20.34
CA THR C 163 -8.22 24.05 19.88
C THR C 163 -9.02 23.30 20.96
N HIS C 164 -8.42 22.87 22.08
CA HIS C 164 -9.14 22.06 23.11
C HIS C 164 -9.42 22.95 24.32
N HIS C 165 -10.68 23.07 24.72
CA HIS C 165 -11.14 23.82 25.93
C HIS C 165 -10.93 22.93 27.18
N SER C 166 -11.24 23.49 28.36
CA SER C 166 -10.87 22.94 29.70
C SER C 166 -11.55 21.58 29.96
N ARG C 167 -12.62 21.23 29.27
CA ARG C 167 -13.25 19.89 29.46
C ARG C 167 -12.49 18.82 28.65
N GLU C 168 -11.56 19.21 27.75
CA GLU C 168 -10.80 18.25 26.93
C GLU C 168 -9.32 18.23 27.35
N ILE C 169 -8.73 19.41 27.56
CA ILE C 169 -7.32 19.56 28.03
C ILE C 169 -7.29 20.54 29.19
N SER C 170 -6.67 20.13 30.28
CA SER C 170 -6.23 21.04 31.38
C SER C 170 -4.71 21.16 31.29
N VAL C 171 -4.20 22.38 31.46
CA VAL C 171 -2.75 22.66 31.49
C VAL C 171 -2.44 23.17 32.90
N ASP C 172 -1.45 22.55 33.52
CA ASP C 172 -0.99 22.90 34.88
C ASP C 172 0.52 23.06 34.87
N PRO C 173 1.08 24.03 35.64
CA PRO C 173 2.51 24.06 35.86
C PRO C 173 2.88 22.81 36.70
N THR C 174 4.10 22.29 36.60
CA THR C 174 4.74 21.57 37.74
C THR C 174 5.39 22.64 38.62
N THR C 175 5.56 22.37 39.92
CA THR C 175 6.18 23.35 40.85
C THR C 175 7.71 23.25 40.78
N SER C 181 15.78 27.88 35.52
CA SER C 181 16.74 28.87 36.10
C SER C 181 18.13 28.22 36.26
N GLU C 182 18.11 26.99 36.79
CA GLU C 182 19.33 26.21 37.14
C GLU C 182 20.22 25.99 35.92
N TYR C 183 19.65 25.88 34.71
CA TYR C 183 20.38 25.49 33.48
C TYR C 183 20.54 26.69 32.53
N PHE C 184 20.26 27.90 33.02
CA PHE C 184 20.46 29.13 32.23
C PHE C 184 21.96 29.30 31.91
N SER C 185 22.29 29.74 30.70
CA SER C 185 23.67 29.90 30.23
C SER C 185 24.36 31.00 31.04
N GLN C 186 25.53 30.69 31.59
CA GLN C 186 26.38 31.66 32.31
C GLN C 186 26.94 32.69 31.31
N TYR C 187 26.87 32.41 30.00
CA TYR C 187 27.52 33.27 28.96
C TYR C 187 26.52 34.23 28.31
N SER C 188 25.22 34.15 28.66
CA SER C 188 24.21 35.15 28.23
C SER C 188 24.62 36.55 28.72
N ARG C 189 24.27 37.60 27.98
CA ARG C 189 24.36 39.01 28.41
C ARG C 189 23.36 39.27 29.54
N PHE C 190 22.39 38.37 29.72
CA PHE C 190 21.29 38.55 30.69
C PHE C 190 21.42 37.54 31.83
N GLU C 191 20.72 37.82 32.92
CA GLU C 191 20.60 36.89 34.07
C GLU C 191 19.14 36.86 34.50
N ILE C 192 18.72 35.73 35.07
CA ILE C 192 17.34 35.52 35.56
C ILE C 192 17.29 35.88 37.04
N LEU C 193 16.34 36.74 37.41
CA LEU C 193 16.07 37.16 38.81
C LEU C 193 15.01 36.22 39.39
N ASP C 194 13.99 35.86 38.60
CA ASP C 194 12.85 35.05 39.08
C ASP C 194 12.07 34.48 37.88
N VAL C 195 11.56 33.27 38.04
CA VAL C 195 10.58 32.63 37.12
C VAL C 195 9.40 32.16 37.98
N THR C 196 8.19 32.61 37.65
CA THR C 196 6.93 32.05 38.23
C THR C 196 6.10 31.49 37.08
N GLN C 197 5.40 30.39 37.35
CA GLN C 197 4.58 29.63 36.36
C GLN C 197 3.24 29.35 37.05
N LYS C 198 2.17 30.00 36.61
CA LYS C 198 0.84 29.97 37.28
C LYS C 198 -0.25 29.59 36.27
N LYS C 199 -1.32 28.94 36.74
CA LYS C 199 -2.45 28.52 35.89
C LYS C 199 -3.42 29.69 35.69
N ASN C 200 -3.89 29.89 34.46
CA ASN C 200 -5.00 30.78 34.08
C ASN C 200 -6.08 29.95 33.37
N SER C 201 -7.32 30.42 33.47
CA SER C 201 -8.50 29.90 32.75
C SER C 201 -9.20 31.08 32.09
N VAL C 202 -9.24 31.12 30.76
CA VAL C 202 -9.75 32.30 29.99
C VAL C 202 -10.99 31.86 29.19
N THR C 203 -12.06 32.64 29.35
CA THR C 203 -13.27 32.62 28.47
C THR C 203 -13.20 33.86 27.57
N TYR C 204 -13.25 33.66 26.26
CA TYR C 204 -13.27 34.73 25.23
C TYR C 204 -14.73 35.00 24.86
N SER C 205 -15.07 36.22 24.42
CA SER C 205 -16.46 36.67 24.12
C SER C 205 -17.09 35.78 23.03
N CYS C 206 -16.32 35.45 22.00
CA CYS C 206 -16.71 34.57 20.84
C CYS C 206 -17.39 33.29 21.31
N CYS C 207 -16.93 32.67 22.40
CA CYS C 207 -16.94 31.20 22.61
C CYS C 207 -17.36 30.86 24.04
N PRO C 208 -18.24 29.85 24.22
CA PRO C 208 -18.82 29.58 25.53
C PRO C 208 -17.85 28.92 26.53
N GLU C 209 -16.80 28.24 26.03
CA GLU C 209 -15.92 27.38 26.84
C GLU C 209 -14.72 28.19 27.34
N ALA C 210 -14.19 27.77 28.49
CA ALA C 210 -12.92 28.25 29.07
C ALA C 210 -11.75 27.42 28.51
N TYR C 211 -10.64 28.11 28.22
CA TYR C 211 -9.35 27.53 27.75
C TYR C 211 -8.30 27.76 28.83
N GLU C 212 -7.61 26.69 29.23
CA GLU C 212 -6.55 26.79 30.25
C GLU C 212 -5.21 27.17 29.61
N ASP C 213 -4.40 27.85 30.41
CA ASP C 213 -3.07 28.29 29.98
C ASP C 213 -2.18 28.26 31.23
N VAL C 214 -0.89 28.06 31.03
CA VAL C 214 0.16 28.37 32.02
C VAL C 214 0.73 29.72 31.60
N GLU C 215 0.76 30.65 32.54
CA GLU C 215 1.39 31.97 32.39
C GLU C 215 2.77 31.87 33.06
N VAL C 216 3.82 32.10 32.29
CA VAL C 216 5.23 32.06 32.76
C VAL C 216 5.72 33.49 32.80
N SER C 217 6.13 33.97 33.98
CA SER C 217 6.69 35.33 34.19
C SER C 217 8.21 35.20 34.34
N LEU C 218 8.94 35.71 33.37
CA LEU C 218 10.41 35.72 33.32
C LEU C 218 10.88 37.10 33.75
N ASN C 219 11.39 37.22 34.97
CA ASN C 219 12.00 38.46 35.50
C ASN C 219 13.51 38.33 35.24
N PHE C 220 14.05 39.17 34.37
CA PHE C 220 15.45 39.10 33.91
C PHE C 220 16.01 40.52 33.74
N ARG C 221 17.33 40.65 33.68
CA ARG C 221 17.97 41.97 33.46
C ARG C 221 19.31 41.77 32.76
N LYS C 222 19.80 42.83 32.11
CA LYS C 222 21.18 42.90 31.54
C LYS C 222 22.17 42.81 32.71
N LYS C 223 23.25 42.03 32.55
CA LYS C 223 24.31 41.91 33.59
C LYS C 223 25.11 43.22 33.66
N GLY C 224 25.50 43.60 34.89
CA GLY C 224 25.97 44.95 35.26
C GLY C 224 26.94 45.55 34.26
N LEU D 20 -20.98 7.01 19.17
CA LEU D 20 -19.71 7.30 18.46
C LEU D 20 -18.79 7.97 19.46
N ASP D 21 -17.55 7.52 19.59
CA ASP D 21 -16.51 8.24 20.38
C ASP D 21 -15.62 9.02 19.41
N ARG D 22 -14.71 9.83 19.95
CA ARG D 22 -13.77 10.68 19.20
C ARG D 22 -12.98 9.82 18.21
N ALA D 23 -12.50 8.65 18.65
CA ALA D 23 -11.64 7.77 17.84
C ALA D 23 -12.38 7.36 16.57
N ASP D 24 -13.67 7.02 16.67
CA ASP D 24 -14.52 6.58 15.54
C ASP D 24 -14.75 7.74 14.57
N ILE D 25 -15.08 8.92 15.08
CA ILE D 25 -15.35 10.13 14.26
C ILE D 25 -14.08 10.48 13.48
N LEU D 26 -12.94 10.51 14.14
CA LEU D 26 -11.66 10.92 13.48
C LEU D 26 -11.24 9.85 12.47
N TYR D 27 -11.50 8.58 12.75
CA TYR D 27 -11.27 7.48 11.78
C TYR D 27 -12.14 7.71 10.55
N ASN D 28 -13.45 7.93 10.74
CA ASN D 28 -14.41 8.13 9.63
C ASN D 28 -13.96 9.32 8.77
N ILE D 29 -13.56 10.43 9.40
CA ILE D 29 -13.13 11.65 8.65
C ILE D 29 -11.84 11.34 7.88
N ARG D 30 -10.85 10.73 8.53
CA ARG D 30 -9.57 10.41 7.85
C ARG D 30 -9.84 9.47 6.64
N GLN D 31 -10.72 8.48 6.78
CA GLN D 31 -10.94 7.45 5.72
C GLN D 31 -11.75 8.01 4.54
N THR D 32 -12.62 9.02 4.73
CA THR D 32 -13.57 9.48 3.69
C THR D 32 -13.42 10.98 3.33
N SER D 33 -12.50 11.66 3.99
CA SER D 33 -11.95 12.97 3.64
C SER D 33 -11.48 12.95 2.21
N ARG D 34 -12.12 13.82 1.45
CA ARG D 34 -11.72 14.25 0.09
C ARG D 34 -11.21 15.69 0.21
N PRO D 35 -9.97 15.91 0.66
CA PRO D 35 -9.45 17.26 0.92
C PRO D 35 -9.31 18.13 -0.35
N ASP D 36 -9.30 17.49 -1.53
CA ASP D 36 -9.16 18.17 -2.83
C ASP D 36 -10.54 18.58 -3.34
N VAL D 37 -11.63 18.17 -2.68
CA VAL D 37 -13.01 18.34 -3.21
C VAL D 37 -13.77 19.43 -2.44
N ILE D 38 -14.01 20.56 -3.08
CA ILE D 38 -14.82 21.69 -2.52
C ILE D 38 -16.20 21.15 -2.17
N PRO D 39 -16.72 21.35 -0.94
CA PRO D 39 -18.02 20.78 -0.54
C PRO D 39 -19.23 21.65 -0.93
N THR D 40 -19.43 21.88 -2.22
CA THR D 40 -20.62 22.64 -2.73
C THR D 40 -21.88 21.81 -2.48
N GLN D 41 -22.98 22.46 -2.12
CA GLN D 41 -24.33 21.86 -1.97
C GLN D 41 -25.18 22.34 -3.13
N ARG D 42 -25.81 21.42 -3.86
CA ARG D 42 -26.81 21.70 -4.93
C ARG D 42 -26.35 22.89 -5.78
N ASP D 43 -25.09 22.87 -6.23
CA ASP D 43 -24.52 23.86 -7.20
C ASP D 43 -24.55 25.29 -6.65
N ARG D 44 -24.68 25.48 -5.33
CA ARG D 44 -24.56 26.81 -4.67
C ARG D 44 -23.12 26.97 -4.19
N PRO D 45 -22.63 28.22 -4.04
CA PRO D 45 -21.25 28.44 -3.57
C PRO D 45 -21.09 27.95 -2.13
N VAL D 46 -19.87 27.56 -1.76
CA VAL D 46 -19.51 27.37 -0.34
C VAL D 46 -19.38 28.78 0.27
N ALA D 47 -20.16 29.07 1.30
CA ALA D 47 -20.10 30.36 2.05
C ALA D 47 -18.96 30.25 3.06
N VAL D 48 -17.88 30.96 2.81
CA VAL D 48 -16.71 31.04 3.72
C VAL D 48 -16.77 32.40 4.42
N SER D 49 -16.76 32.40 5.75
CA SER D 49 -16.66 33.63 6.59
C SER D 49 -15.22 33.79 7.04
N VAL D 50 -14.70 35.01 6.93
CA VAL D 50 -13.30 35.37 7.26
C VAL D 50 -13.35 36.66 8.08
N SER D 51 -12.69 36.66 9.22
CA SER D 51 -12.49 37.85 10.10
C SER D 51 -11.06 37.80 10.64
N LEU D 52 -10.27 38.84 10.41
CA LEU D 52 -8.92 38.97 11.00
C LEU D 52 -9.04 39.62 12.38
N LYS D 53 -8.44 38.98 13.40
CA LYS D 53 -8.21 39.59 14.72
C LYS D 53 -6.74 39.97 14.77
N PHE D 54 -6.43 41.27 14.75
CA PHE D 54 -5.04 41.77 14.80
C PHE D 54 -4.49 41.54 16.20
N ILE D 55 -3.27 40.99 16.26
CA ILE D 55 -2.58 40.66 17.53
C ILE D 55 -1.37 41.58 17.66
N ASN D 56 -0.68 41.89 16.58
CA ASN D 56 0.53 42.73 16.67
C ASN D 56 0.85 43.36 15.32
N ILE D 57 1.48 44.53 15.38
CA ILE D 57 2.11 45.24 14.23
C ILE D 57 3.58 45.38 14.62
N LEU D 58 4.46 44.69 13.90
CA LEU D 58 5.86 44.41 14.34
C LEU D 58 6.83 45.40 13.69
N GLU D 59 6.62 45.68 12.41
CA GLU D 59 7.53 46.54 11.63
C GLU D 59 6.69 47.29 10.61
N VAL D 60 6.99 48.57 10.49
CA VAL D 60 6.26 49.51 9.59
C VAL D 60 7.36 50.30 8.91
N ASN D 61 7.23 50.53 7.60
CA ASN D 61 8.22 51.30 6.83
C ASN D 61 7.45 52.26 5.94
N GLU D 62 7.48 53.55 6.29
CA GLU D 62 6.68 54.60 5.60
C GLU D 62 7.34 54.91 4.26
N ILE D 63 8.63 54.63 4.10
CA ILE D 63 9.40 54.82 2.83
C ILE D 63 8.96 53.75 1.81
N THR D 64 8.98 52.47 2.20
CA THR D 64 8.70 51.33 1.28
C THR D 64 7.21 51.00 1.26
N ASN D 65 6.41 51.54 2.19
CA ASN D 65 4.97 51.22 2.32
C ASN D 65 4.80 49.70 2.55
N GLU D 66 5.46 49.18 3.58
CA GLU D 66 5.40 47.74 3.96
C GLU D 66 5.09 47.64 5.45
N VAL D 67 4.30 46.64 5.83
CA VAL D 67 3.97 46.33 7.24
C VAL D 67 4.15 44.84 7.47
N ASP D 68 4.61 44.48 8.67
CA ASP D 68 4.70 43.11 9.19
C ASP D 68 3.67 42.99 10.31
N VAL D 69 2.70 42.10 10.18
CA VAL D 69 1.52 41.99 11.08
C VAL D 69 1.38 40.54 11.56
N VAL D 70 0.88 40.37 12.78
CA VAL D 70 0.40 39.05 13.28
C VAL D 70 -1.10 39.18 13.48
N PHE D 71 -1.87 38.23 12.95
CA PHE D 71 -3.34 38.19 13.08
C PHE D 71 -3.83 36.73 13.17
N TRP D 72 -4.95 36.55 13.84
CA TRP D 72 -5.70 35.29 13.87
C TRP D 72 -6.74 35.37 12.75
N GLN D 73 -6.68 34.44 11.81
CA GLN D 73 -7.56 34.44 10.63
C GLN D 73 -8.72 33.50 10.91
N GLN D 74 -9.76 34.01 11.54
CA GLN D 74 -10.98 33.23 11.88
C GLN D 74 -11.70 32.90 10.58
N THR D 75 -11.80 31.61 10.28
CA THR D 75 -12.32 31.08 8.99
C THR D 75 -13.35 30.00 9.29
N THR D 76 -14.53 30.12 8.71
CA THR D 76 -15.68 29.23 8.98
C THR D 76 -16.34 28.85 7.66
N TRP D 77 -16.81 27.62 7.58
CA TRP D 77 -17.59 27.13 6.40
C TRP D 77 -18.25 25.84 6.83
N SER D 78 -19.16 25.34 6.02
CA SER D 78 -19.89 24.09 6.29
C SER D 78 -19.39 23.03 5.31
N ASP D 79 -19.14 21.82 5.81
CA ASP D 79 -18.86 20.63 4.97
C ASP D 79 -19.71 19.48 5.51
N ARG D 80 -20.88 19.28 4.92
CA ARG D 80 -21.90 18.30 5.36
C ARG D 80 -21.34 16.87 5.27
N THR D 81 -20.31 16.60 4.48
CA THR D 81 -19.70 15.24 4.39
C THR D 81 -19.00 14.90 5.72
N LEU D 82 -18.73 15.88 6.59
CA LEU D 82 -18.04 15.65 7.89
C LEU D 82 -19.04 15.28 9.00
N ALA D 83 -20.34 15.49 8.78
CA ALA D 83 -21.38 15.52 9.85
C ALA D 83 -21.56 14.13 10.46
N TRP D 84 -21.93 14.06 11.73
CA TRP D 84 -22.27 12.79 12.42
C TRP D 84 -23.45 13.06 13.36
N ASN D 85 -24.16 11.99 13.75
CA ASN D 85 -25.25 12.01 14.75
C ASN D 85 -24.65 12.25 16.15
N SER D 86 -24.96 13.39 16.78
CA SER D 86 -24.34 13.86 18.04
C SER D 86 -25.00 13.23 19.28
N SER D 87 -26.01 12.37 19.14
CA SER D 87 -26.95 12.10 20.27
C SER D 87 -26.31 11.43 21.48
N HIS D 88 -25.33 10.52 21.38
CA HIS D 88 -24.51 10.01 22.52
C HIS D 88 -23.01 10.09 22.14
N SER D 89 -22.60 11.25 21.63
CA SER D 89 -21.30 11.46 20.95
C SER D 89 -20.79 12.85 21.26
N PRO D 90 -19.48 13.12 21.08
CA PRO D 90 -18.98 14.49 21.20
C PRO D 90 -19.68 15.43 20.21
N ASP D 91 -19.85 16.70 20.60
CA ASP D 91 -20.46 17.75 19.76
C ASP D 91 -19.43 18.27 18.74
N GLN D 92 -18.14 18.15 19.05
CA GLN D 92 -17.03 18.75 18.27
C GLN D 92 -15.75 17.92 18.42
N VAL D 93 -14.90 17.91 17.40
CA VAL D 93 -13.55 17.28 17.44
C VAL D 93 -12.56 18.24 16.79
N SER D 94 -11.29 18.05 17.13
CA SER D 94 -10.12 18.74 16.51
C SER D 94 -9.56 17.82 15.42
N VAL D 95 -9.39 18.35 14.22
CA VAL D 95 -9.01 17.57 13.01
C VAL D 95 -7.84 18.27 12.33
N PRO D 96 -6.76 17.55 11.99
CA PRO D 96 -5.67 18.15 11.22
C PRO D 96 -6.21 18.63 9.86
N ILE D 97 -5.83 19.82 9.43
CA ILE D 97 -6.36 20.42 8.16
C ILE D 97 -5.94 19.57 6.96
N SER D 98 -4.87 18.77 7.06
CA SER D 98 -4.47 17.83 5.97
C SER D 98 -5.55 16.78 5.73
N SER D 99 -6.48 16.54 6.67
CA SER D 99 -7.59 15.59 6.49
C SER D 99 -8.87 16.28 6.02
N LEU D 100 -8.87 17.58 5.72
CA LEU D 100 -10.09 18.36 5.41
C LEU D 100 -9.85 19.15 4.13
N TRP D 101 -10.92 19.42 3.40
CA TRP D 101 -10.91 20.53 2.41
C TRP D 101 -10.83 21.84 3.21
N VAL D 102 -9.95 22.72 2.79
CA VAL D 102 -9.84 24.10 3.35
C VAL D 102 -9.89 25.06 2.17
N PRO D 103 -10.53 26.25 2.32
CA PRO D 103 -10.56 27.22 1.23
C PRO D 103 -9.14 27.67 0.86
N ASP D 104 -8.89 27.87 -0.44
CA ASP D 104 -7.58 28.28 -0.99
C ASP D 104 -7.44 29.82 -0.90
N LEU D 105 -7.50 30.36 0.32
CA LEU D 105 -7.43 31.83 0.54
C LEU D 105 -6.01 32.33 0.34
N ALA D 106 -5.88 33.50 -0.24
CA ALA D 106 -4.62 34.24 -0.39
C ALA D 106 -4.90 35.73 -0.14
N ALA D 107 -3.93 36.43 0.40
CA ALA D 107 -3.88 37.90 0.53
C ALA D 107 -3.24 38.45 -0.76
N TYR D 108 -4.00 39.23 -1.53
CA TYR D 108 -3.61 39.73 -2.87
C TYR D 108 -2.40 40.68 -2.75
N ASN D 109 -2.21 41.34 -1.61
CA ASN D 109 -1.11 42.34 -1.48
C ASN D 109 -0.04 41.81 -0.50
N ALA D 110 -0.02 40.51 -0.21
CA ALA D 110 1.07 39.90 0.58
C ALA D 110 2.37 39.94 -0.25
N ILE D 111 3.49 40.22 0.42
CA ILE D 111 4.84 40.21 -0.20
C ILE D 111 5.74 39.18 0.50
N SER D 112 5.17 38.35 1.38
CA SER D 112 5.87 37.20 2.01
C SER D 112 4.87 36.05 2.12
N LYS D 113 5.35 34.83 2.31
CA LYS D 113 4.44 33.67 2.49
C LYS D 113 3.84 33.81 3.88
N PRO D 114 2.61 33.32 4.12
CA PRO D 114 2.06 33.30 5.47
C PRO D 114 2.92 32.39 6.36
N GLU D 115 3.43 32.91 7.48
CA GLU D 115 4.13 32.11 8.52
C GLU D 115 3.05 31.71 9.53
N VAL D 116 2.65 30.44 9.54
CA VAL D 116 1.62 29.91 10.48
C VAL D 116 2.33 29.60 11.81
N LEU D 117 1.92 30.25 12.90
CA LEU D 117 2.61 30.16 14.20
C LEU D 117 1.97 29.07 15.07
N THR D 118 0.81 28.54 14.69
CA THR D 118 -0.03 27.67 15.55
C THR D 118 -0.14 26.27 14.96
N PRO D 119 -0.53 25.27 15.78
CA PRO D 119 -0.86 23.94 15.28
C PRO D 119 -1.97 23.96 14.21
N GLN D 120 -1.77 23.18 13.15
CA GLN D 120 -2.63 23.17 11.96
C GLN D 120 -3.80 22.23 12.18
N LEU D 121 -4.65 22.56 13.15
CA LEU D 121 -5.88 21.83 13.51
C LEU D 121 -7.06 22.76 13.29
N ALA D 122 -8.16 22.21 12.81
CA ALA D 122 -9.47 22.89 12.74
C ALA D 122 -10.41 22.22 13.74
N ARG D 123 -11.47 22.91 14.12
CA ARG D 123 -12.57 22.40 14.97
C ARG D 123 -13.73 22.05 14.06
N VAL D 124 -14.25 20.84 14.16
CA VAL D 124 -15.39 20.36 13.35
C VAL D 124 -16.55 20.08 14.30
N VAL D 125 -17.70 20.69 14.04
CA VAL D 125 -18.98 20.48 14.79
C VAL D 125 -19.73 19.32 14.11
N SER D 126 -20.54 18.58 14.88
CA SER D 126 -21.28 17.38 14.41
C SER D 126 -22.21 17.70 13.23
N ASP D 127 -22.58 18.96 13.03
CA ASP D 127 -23.45 19.38 11.90
C ASP D 127 -22.59 19.65 10.64
N GLY D 128 -21.27 19.57 10.73
CA GLY D 128 -20.37 19.77 9.58
C GLY D 128 -19.80 21.17 9.50
N GLU D 129 -20.07 22.04 10.48
CA GLU D 129 -19.44 23.39 10.53
C GLU D 129 -17.95 23.21 10.89
N VAL D 130 -17.08 23.92 10.19
CA VAL D 130 -15.62 23.91 10.43
C VAL D 130 -15.20 25.30 10.91
N LEU D 131 -14.39 25.36 11.97
CA LEU D 131 -13.66 26.60 12.37
C LEU D 131 -12.15 26.34 12.25
N TYR D 132 -11.47 27.08 11.40
CA TYR D 132 -10.00 27.08 11.30
C TYR D 132 -9.53 28.48 11.63
N MET D 133 -8.70 28.64 12.64
CA MET D 133 -8.17 29.97 13.04
C MET D 133 -6.67 29.89 13.28
N PRO D 134 -5.85 29.95 12.22
CA PRO D 134 -4.41 30.01 12.40
C PRO D 134 -3.98 31.41 12.82
N SER D 135 -2.91 31.47 13.61
CA SER D 135 -2.13 32.70 13.86
C SER D 135 -1.09 32.80 12.75
N ILE D 136 -1.13 33.90 12.02
CA ILE D 136 -0.28 34.14 10.84
C ILE D 136 0.54 35.41 11.06
N ARG D 137 1.83 35.32 10.78
CA ARG D 137 2.72 36.49 10.60
C ARG D 137 2.98 36.63 9.09
N GLN D 138 2.72 37.80 8.54
CA GLN D 138 2.88 38.05 7.09
C GLN D 138 3.21 39.52 6.85
N ARG D 139 3.92 39.80 5.75
CA ARG D 139 4.29 41.15 5.29
C ARG D 139 3.38 41.54 4.12
N PHE D 140 2.98 42.82 4.08
CA PHE D 140 2.04 43.38 3.08
C PHE D 140 2.58 44.70 2.51
N SER D 141 2.22 44.94 1.26
CA SER D 141 2.35 46.24 0.54
C SER D 141 1.05 47.00 0.75
N CYS D 142 1.09 48.12 1.46
CA CYS D 142 -0.13 48.93 1.73
C CYS D 142 0.25 50.35 2.18
N ASP D 143 -0.75 51.20 2.31
CA ASP D 143 -0.56 52.66 2.56
C ASP D 143 -0.19 52.86 4.04
N VAL D 144 1.09 53.14 4.29
CA VAL D 144 1.65 53.40 5.64
C VAL D 144 1.70 54.91 5.90
N SER D 145 1.35 55.74 4.93
CA SER D 145 1.43 57.23 5.06
C SER D 145 0.49 57.67 6.20
N GLY D 146 1.00 58.52 7.09
CA GLY D 146 0.23 59.12 8.19
C GLY D 146 0.34 58.31 9.47
N VAL D 147 1.22 57.29 9.51
CA VAL D 147 1.32 56.38 10.68
C VAL D 147 1.74 57.18 11.93
N ASP D 148 2.55 58.23 11.76
CA ASP D 148 3.08 59.05 12.90
C ASP D 148 2.23 60.31 13.09
N THR D 149 0.97 60.31 12.64
CA THR D 149 0.00 61.42 12.84
C THR D 149 -1.16 60.91 13.69
N GLU D 150 -2.02 61.81 14.14
CA GLU D 150 -3.14 61.53 15.06
C GLU D 150 -4.18 60.65 14.35
N SER D 151 -4.47 60.89 13.08
CA SER D 151 -5.51 60.16 12.32
C SER D 151 -4.95 58.82 11.81
N GLY D 152 -3.62 58.65 11.80
CA GLY D 152 -2.96 57.35 11.61
C GLY D 152 -2.92 56.94 10.15
N ALA D 153 -2.38 55.75 9.87
CA ALA D 153 -2.36 55.12 8.52
C ALA D 153 -3.58 54.21 8.40
N THR D 154 -4.03 53.96 7.16
CA THR D 154 -5.04 52.93 6.84
C THR D 154 -4.41 51.95 5.85
N CYS D 155 -4.11 50.74 6.32
CA CYS D 155 -3.51 49.63 5.52
C CYS D 155 -4.65 48.68 5.15
N ARG D 156 -4.88 48.46 3.85
CA ARG D 156 -5.95 47.57 3.35
C ARG D 156 -5.33 46.21 2.96
N ILE D 157 -5.91 45.13 3.42
CA ILE D 157 -5.52 43.73 3.08
C ILE D 157 -6.71 43.06 2.43
N LYS D 158 -6.54 42.55 1.21
CA LYS D 158 -7.62 41.85 0.46
C LYS D 158 -7.35 40.34 0.51
N ILE D 159 -8.32 39.57 0.98
CA ILE D 159 -8.21 38.09 1.11
C ILE D 159 -9.37 37.44 0.37
N GLY D 160 -9.06 36.55 -0.58
CA GLY D 160 -10.07 35.74 -1.28
C GLY D 160 -9.51 34.47 -1.84
N SER D 161 -10.38 33.64 -2.40
CA SER D 161 -10.04 32.38 -3.06
C SER D 161 -9.10 32.69 -4.23
N TRP D 162 -7.98 31.96 -4.32
CA TRP D 162 -7.03 32.12 -5.45
C TRP D 162 -7.63 31.53 -6.73
N THR D 163 -8.41 30.44 -6.68
CA THR D 163 -8.81 29.74 -7.93
C THR D 163 -10.33 29.57 -8.06
N HIS D 164 -11.13 29.85 -7.02
CA HIS D 164 -12.60 29.64 -7.09
C HIS D 164 -13.32 30.98 -7.22
N HIS D 165 -14.14 31.13 -8.27
CA HIS D 165 -14.97 32.35 -8.50
C HIS D 165 -16.24 32.28 -7.64
N SER D 166 -17.08 33.33 -7.71
CA SER D 166 -18.21 33.59 -6.79
C SER D 166 -19.28 32.52 -6.87
N ARG D 167 -19.38 31.74 -7.94
CA ARG D 167 -20.38 30.63 -7.99
C ARG D 167 -19.84 29.39 -7.26
N GLU D 168 -18.57 29.37 -6.86
CA GLU D 168 -17.99 28.18 -6.14
C GLU D 168 -17.68 28.55 -4.69
N ILE D 169 -17.07 29.72 -4.45
CA ILE D 169 -16.77 30.24 -3.09
C ILE D 169 -17.25 31.68 -3.01
N SER D 170 -18.05 31.98 -1.99
CA SER D 170 -18.33 33.35 -1.53
C SER D 170 -17.56 33.58 -0.23
N VAL D 171 -16.92 34.74 -0.14
CA VAL D 171 -16.16 35.17 1.07
C VAL D 171 -16.91 36.36 1.66
N ASP D 172 -17.27 36.24 2.94
CA ASP D 172 -18.05 37.28 3.66
C ASP D 172 -17.36 37.58 4.98
N PRO D 173 -17.34 38.86 5.40
CA PRO D 173 -16.94 39.18 6.77
C PRO D 173 -18.01 38.61 7.69
N THR D 174 -17.67 38.37 8.95
CA THR D 174 -18.61 37.88 10.01
C THR D 174 -19.52 39.01 10.46
N ASP D 179 -14.63 44.17 19.94
CA ASP D 179 -13.65 45.27 20.16
C ASP D 179 -12.39 44.98 19.33
N ASP D 180 -12.06 45.87 18.39
CA ASP D 180 -10.99 45.71 17.37
C ASP D 180 -9.62 45.47 18.03
N SER D 181 -9.43 45.96 19.26
CA SER D 181 -8.18 45.87 20.04
C SER D 181 -8.30 44.89 21.20
N GLU D 182 -9.33 44.05 21.26
CA GLU D 182 -9.54 43.09 22.37
C GLU D 182 -8.38 42.09 22.46
N TYR D 183 -7.74 41.74 21.35
CA TYR D 183 -6.66 40.72 21.31
C TYR D 183 -5.32 41.41 21.04
N PHE D 184 -5.34 42.68 20.65
CA PHE D 184 -4.12 43.39 20.18
C PHE D 184 -3.15 43.51 21.36
N SER D 185 -1.86 43.32 21.11
CA SER D 185 -0.80 43.38 22.15
C SER D 185 -0.71 44.80 22.69
N GLN D 186 -0.77 44.94 24.01
CA GLN D 186 -0.58 46.24 24.72
C GLN D 186 0.89 46.66 24.58
N TYR D 187 1.80 45.77 24.17
CA TYR D 187 3.26 46.03 24.14
C TYR D 187 3.75 46.43 22.75
N SER D 188 2.89 46.41 21.73
CA SER D 188 3.20 46.94 20.38
C SER D 188 3.59 48.42 20.49
N ARG D 189 4.48 48.89 19.59
CA ARG D 189 4.78 50.34 19.40
C ARG D 189 3.56 51.03 18.79
N PHE D 190 2.60 50.26 18.27
CA PHE D 190 1.43 50.81 17.53
C PHE D 190 0.16 50.55 18.33
N GLU D 191 -0.89 51.28 17.98
CA GLU D 191 -2.25 51.06 18.53
C GLU D 191 -3.25 51.12 17.38
N ILE D 192 -4.35 50.40 17.55
CA ILE D 192 -5.43 50.30 16.53
C ILE D 192 -6.48 51.37 16.84
N LEU D 193 -6.82 52.18 15.85
CA LEU D 193 -7.90 53.20 15.91
C LEU D 193 -9.20 52.56 15.44
N ASP D 194 -9.14 51.75 14.38
CA ASP D 194 -10.34 51.14 13.76
C ASP D 194 -9.96 49.98 12.84
N VAL D 195 -10.80 48.96 12.81
CA VAL D 195 -10.74 47.86 11.81
C VAL D 195 -12.12 47.75 11.16
N THR D 196 -12.19 47.85 9.85
CA THR D 196 -13.41 47.52 9.07
C THR D 196 -13.09 46.37 8.14
N GLN D 197 -14.07 45.50 7.92
CA GLN D 197 -13.97 44.28 7.09
C GLN D 197 -15.19 44.29 6.18
N LYS D 198 -15.00 44.48 4.88
CA LYS D 198 -16.11 44.72 3.90
C LYS D 198 -15.94 43.76 2.73
N LYS D 199 -17.05 43.37 2.09
CA LYS D 199 -17.02 42.43 0.95
C LYS D 199 -16.75 43.20 -0.34
N ASN D 200 -15.85 42.68 -1.18
CA ASN D 200 -15.42 43.24 -2.47
C ASN D 200 -15.56 42.12 -3.50
N SER D 201 -15.63 42.48 -4.76
CA SER D 201 -15.84 41.63 -5.95
C SER D 201 -14.85 42.16 -6.98
N VAL D 202 -13.98 41.31 -7.52
CA VAL D 202 -13.15 41.65 -8.72
C VAL D 202 -13.57 40.78 -9.92
N THR D 203 -13.88 41.41 -11.05
CA THR D 203 -13.95 40.79 -12.39
C THR D 203 -12.71 41.25 -13.17
N TYR D 204 -11.91 40.33 -13.70
CA TYR D 204 -10.71 40.60 -14.52
C TYR D 204 -11.11 40.59 -16.00
N SER D 205 -10.33 41.22 -16.88
CA SER D 205 -10.50 41.22 -18.36
C SER D 205 -10.47 39.79 -18.91
N CYS D 206 -9.55 38.95 -18.42
CA CYS D 206 -9.34 37.55 -18.88
C CYS D 206 -10.64 36.75 -18.85
N CYS D 207 -11.48 37.00 -17.83
CA CYS D 207 -12.39 35.98 -17.25
C CYS D 207 -13.79 36.55 -17.04
N PRO D 208 -14.85 35.78 -17.40
CA PRO D 208 -16.22 36.27 -17.23
C PRO D 208 -16.70 36.33 -15.77
N GLU D 209 -16.06 35.58 -14.87
CA GLU D 209 -16.55 35.34 -13.50
C GLU D 209 -15.93 36.37 -12.54
N ALA D 210 -16.69 36.71 -11.51
CA ALA D 210 -16.28 37.58 -10.39
C ALA D 210 -15.66 36.70 -9.28
N TYR D 211 -14.61 37.22 -8.65
CA TYR D 211 -13.89 36.61 -7.51
C TYR D 211 -14.12 37.50 -6.27
N GLU D 212 -14.62 36.89 -5.20
CA GLU D 212 -14.97 37.65 -3.99
C GLU D 212 -13.75 37.73 -3.06
N ASP D 213 -13.72 38.78 -2.28
CA ASP D 213 -12.64 39.05 -1.32
C ASP D 213 -13.29 39.77 -0.14
N VAL D 214 -12.68 39.62 1.03
CA VAL D 214 -12.89 40.51 2.18
C VAL D 214 -11.75 41.50 2.15
N GLU D 215 -12.09 42.79 2.17
CA GLU D 215 -11.11 43.89 2.30
C GLU D 215 -11.13 44.30 3.77
N VAL D 216 -9.96 44.21 4.41
CA VAL D 216 -9.76 44.55 5.84
C VAL D 216 -8.97 45.84 5.87
N SER D 217 -9.53 46.89 6.46
CA SER D 217 -8.90 48.23 6.58
C SER D 217 -8.45 48.40 8.02
N LEU D 218 -7.14 48.44 8.21
CA LEU D 218 -6.48 48.55 9.53
C LEU D 218 -6.04 50.01 9.67
N ASN D 219 -6.76 50.77 10.48
CA ASN D 219 -6.41 52.18 10.82
C ASN D 219 -5.61 52.11 12.13
N PHE D 220 -4.33 52.45 12.07
CA PHE D 220 -3.40 52.32 13.20
C PHE D 220 -2.43 53.50 13.20
N ARG D 221 -1.77 53.74 14.33
CA ARG D 221 -0.73 54.80 14.43
C ARG D 221 0.31 54.42 15.47
N LYS D 222 1.48 55.05 15.37
CA LYS D 222 2.56 54.94 16.39
C LYS D 222 2.04 55.56 17.71
N LYS D 223 2.30 54.91 18.85
CA LYS D 223 1.89 55.44 20.17
C LYS D 223 2.73 56.67 20.51
N GLY D 224 2.12 57.66 21.16
CA GLY D 224 2.66 59.03 21.39
C GLY D 224 4.12 59.01 21.84
N LEU E 20 -21.16 13.67 -14.45
CA LEU E 20 -19.93 13.66 -13.64
C LEU E 20 -20.00 14.85 -12.68
N ASP E 21 -19.71 14.64 -11.41
CA ASP E 21 -19.56 15.76 -10.44
C ASP E 21 -18.06 16.02 -10.22
N ARG E 22 -17.74 17.08 -9.48
CA ARG E 22 -16.37 17.51 -9.17
C ARG E 22 -15.59 16.37 -8.54
N ALA E 23 -16.22 15.65 -7.59
CA ALA E 23 -15.57 14.58 -6.81
C ALA E 23 -15.06 13.49 -7.78
N ASP E 24 -15.87 13.12 -8.77
CA ASP E 24 -15.54 12.07 -9.79
C ASP E 24 -14.37 12.54 -10.67
N ILE E 25 -14.45 13.78 -11.16
CA ILE E 25 -13.40 14.36 -12.04
C ILE E 25 -12.07 14.39 -11.27
N LEU E 26 -12.07 14.88 -10.03
CA LEU E 26 -10.82 15.02 -9.25
C LEU E 26 -10.28 13.63 -8.89
N TYR E 27 -11.14 12.65 -8.63
CA TYR E 27 -10.73 11.23 -8.42
C TYR E 27 -10.05 10.73 -9.70
N ASN E 28 -10.68 10.90 -10.86
CA ASN E 28 -10.15 10.41 -12.17
C ASN E 28 -8.77 11.03 -12.42
N ILE E 29 -8.63 12.34 -12.18
CA ILE E 29 -7.35 13.05 -12.41
C ILE E 29 -6.29 12.52 -11.43
N ARG E 30 -6.62 12.42 -10.15
CA ARG E 30 -5.64 11.92 -9.14
C ARG E 30 -5.18 10.50 -9.54
N GLN E 31 -6.09 9.63 -9.97
CA GLN E 31 -5.77 8.19 -10.20
C GLN E 31 -4.97 7.99 -11.49
N THR E 32 -5.09 8.86 -12.51
CA THR E 32 -4.52 8.61 -13.86
C THR E 32 -3.58 9.72 -14.34
N SER E 33 -3.40 10.78 -13.55
CA SER E 33 -2.49 11.88 -13.90
C SER E 33 -1.11 11.27 -13.67
N ARG E 34 -0.31 11.34 -14.70
CA ARG E 34 1.12 11.00 -14.80
C ARG E 34 1.88 12.32 -14.77
N PRO E 35 2.19 12.88 -13.58
CA PRO E 35 2.79 14.21 -13.46
C PRO E 35 4.23 14.28 -14.02
N ASP E 36 4.88 13.12 -14.23
CA ASP E 36 6.24 13.04 -14.79
C ASP E 36 6.20 13.01 -16.32
N VAL E 37 5.01 12.91 -16.91
CA VAL E 37 4.86 12.65 -18.38
C VAL E 37 4.39 13.92 -19.12
N ILE E 38 5.28 14.53 -19.90
CA ILE E 38 4.95 15.70 -20.76
C ILE E 38 3.82 15.28 -21.72
N PRO E 39 2.70 16.05 -21.80
CA PRO E 39 1.57 15.62 -22.62
C PRO E 39 1.66 16.05 -24.10
N THR E 40 2.67 15.59 -24.81
CA THR E 40 2.85 15.85 -26.26
C THR E 40 1.73 15.14 -27.03
N GLN E 41 1.20 15.77 -28.07
CA GLN E 41 0.18 15.22 -29.01
C GLN E 41 0.88 14.98 -30.34
N ARG E 42 0.74 13.78 -30.91
CA ARG E 42 1.21 13.41 -32.27
C ARG E 42 2.60 14.02 -32.52
N ASP E 43 3.52 13.83 -31.57
CA ASP E 43 4.97 14.20 -31.66
C ASP E 43 5.16 15.70 -31.90
N ARG E 44 4.16 16.55 -31.62
CA ARG E 44 4.29 18.04 -31.69
C ARG E 44 4.66 18.55 -30.30
N PRO E 45 5.30 19.74 -30.18
CA PRO E 45 5.65 20.28 -28.88
C PRO E 45 4.40 20.64 -28.08
N VAL E 46 4.50 20.61 -26.75
CA VAL E 46 3.48 21.23 -25.86
C VAL E 46 3.66 22.74 -25.97
N ALA E 47 2.60 23.46 -26.39
CA ALA E 47 2.59 24.93 -26.50
C ALA E 47 2.26 25.49 -25.12
N VAL E 48 3.25 26.09 -24.47
CA VAL E 48 3.09 26.73 -23.14
C VAL E 48 3.09 28.24 -23.37
N SER E 49 2.04 28.92 -22.90
CA SER E 49 1.95 30.40 -22.89
C SER E 49 2.33 30.88 -21.49
N VAL E 50 3.17 31.91 -21.44
CA VAL E 50 3.69 32.51 -20.19
C VAL E 50 3.56 34.02 -20.34
N SER E 51 2.96 34.67 -19.36
CA SER E 51 2.88 36.15 -19.27
C SER E 51 3.06 36.52 -17.79
N LEU E 52 4.03 37.40 -17.49
CA LEU E 52 4.21 37.91 -16.10
C LEU E 52 3.32 39.15 -15.92
N LYS E 53 2.52 39.17 -14.86
CA LYS E 53 1.77 40.37 -14.40
C LYS E 53 2.53 40.90 -13.19
N PHE E 54 3.20 42.04 -13.32
CA PHE E 54 4.02 42.62 -12.23
C PHE E 54 3.08 43.19 -11.17
N ILE E 55 3.36 42.86 -9.91
CA ILE E 55 2.51 43.30 -8.76
C ILE E 55 3.32 44.28 -7.90
N ASN E 56 4.63 44.04 -7.75
CA ASN E 56 5.43 44.90 -6.87
C ASN E 56 6.91 44.78 -7.23
N ILE E 57 7.64 45.87 -6.99
CA ILE E 57 9.13 45.93 -7.01
C ILE E 57 9.53 46.39 -5.61
N LEU E 58 10.19 45.51 -4.85
CA LEU E 58 10.32 45.64 -3.38
C LEU E 58 11.69 46.21 -3.02
N GLU E 59 12.73 45.76 -3.70
CA GLU E 59 14.12 46.16 -3.39
C GLU E 59 14.86 46.23 -4.71
N VAL E 60 15.64 47.28 -4.86
CA VAL E 60 16.44 47.56 -6.08
C VAL E 60 17.81 47.97 -5.55
N ASN E 61 18.87 47.48 -6.16
CA ASN E 61 20.25 47.85 -5.78
C ASN E 61 21.01 48.15 -7.07
N GLU E 62 21.29 49.43 -7.30
CA GLU E 62 21.93 49.92 -8.55
C GLU E 62 23.41 49.55 -8.53
N ILE E 63 24.00 49.34 -7.36
CA ILE E 63 25.42 48.92 -7.19
C ILE E 63 25.57 47.46 -7.61
N THR E 64 24.73 46.56 -7.07
CA THR E 64 24.84 45.09 -7.31
C THR E 64 24.05 44.67 -8.54
N ASN E 65 23.20 45.54 -9.08
CA ASN E 65 22.33 45.21 -10.25
C ASN E 65 21.43 44.02 -9.88
N GLU E 66 20.68 44.15 -8.79
CA GLU E 66 19.74 43.12 -8.29
C GLU E 66 18.40 43.78 -8.03
N VAL E 67 17.32 43.06 -8.32
CA VAL E 67 15.93 43.50 -8.04
C VAL E 67 15.19 42.33 -7.38
N ASP E 68 14.30 42.66 -6.46
CA ASP E 68 13.35 41.75 -5.79
C ASP E 68 11.96 42.16 -6.29
N VAL E 69 11.26 41.23 -6.94
CA VAL E 69 9.99 41.50 -7.68
C VAL E 69 8.93 40.49 -7.23
N VAL E 70 7.67 40.92 -7.19
CA VAL E 70 6.49 40.03 -7.03
C VAL E 70 5.72 40.10 -8.34
N PHE E 71 5.39 38.95 -8.92
CA PHE E 71 4.63 38.84 -10.17
C PHE E 71 3.72 37.61 -10.11
N TRP E 72 2.62 37.69 -10.85
CA TRP E 72 1.74 36.54 -11.14
C TRP E 72 2.22 35.94 -12.45
N GLN E 73 2.62 34.66 -12.42
CA GLN E 73 3.19 33.99 -13.62
C GLN E 73 2.04 33.22 -14.26
N GLN E 74 1.30 33.89 -15.15
CA GLN E 74 0.16 33.27 -15.87
C GLN E 74 0.73 32.25 -16.85
N THR E 75 0.39 30.98 -16.65
CA THR E 75 0.95 29.84 -17.40
C THR E 75 -0.21 28.97 -17.88
N THR E 76 -0.24 28.68 -19.18
CA THR E 76 -1.34 27.94 -19.83
C THR E 76 -0.75 26.89 -20.77
N TRP E 77 -1.41 25.75 -20.85
CA TRP E 77 -1.03 24.67 -21.79
C TRP E 77 -2.20 23.71 -21.85
N SER E 78 -2.17 22.79 -22.80
CA SER E 78 -3.23 21.78 -22.99
C SER E 78 -2.68 20.42 -22.56
N ASP E 79 -3.49 19.65 -21.84
CA ASP E 79 -3.18 18.24 -21.47
C ASP E 79 -4.48 17.46 -21.70
N ARG E 80 -4.60 16.85 -22.88
CA ARG E 80 -5.80 16.12 -23.34
C ARG E 80 -6.12 14.93 -22.42
N THR E 81 -5.15 14.41 -21.68
CA THR E 81 -5.39 13.26 -20.76
C THR E 81 -6.29 13.72 -19.59
N LEU E 82 -6.45 15.03 -19.37
CA LEU E 82 -7.26 15.57 -18.25
C LEU E 82 -8.73 15.74 -18.66
N ALA E 83 -9.04 15.68 -19.96
CA ALA E 83 -10.32 16.16 -20.53
C ALA E 83 -11.47 15.27 -20.08
N TRP E 84 -12.68 15.84 -19.96
CA TRP E 84 -13.92 15.08 -19.67
C TRP E 84 -15.06 15.69 -20.48
N ASN E 85 -16.14 14.92 -20.67
CA ASN E 85 -17.39 15.37 -21.34
C ASN E 85 -18.13 16.33 -20.38
N SER E 86 -18.27 17.60 -20.77
CA SER E 86 -18.82 18.68 -19.91
C SER E 86 -20.36 18.69 -19.88
N SER E 87 -21.04 17.79 -20.60
CA SER E 87 -22.52 17.67 -20.55
C SER E 87 -22.94 17.25 -19.13
N HIS E 88 -23.79 18.04 -18.49
CA HIS E 88 -24.28 17.84 -17.10
C HIS E 88 -23.09 17.67 -16.15
N SER E 89 -22.00 18.40 -16.35
CA SER E 89 -20.78 18.36 -15.50
C SER E 89 -20.21 19.76 -15.35
N PRO E 90 -19.37 20.02 -14.33
CA PRO E 90 -18.66 21.29 -14.25
C PRO E 90 -17.81 21.55 -15.50
N ASP E 91 -17.65 22.81 -15.88
CA ASP E 91 -16.80 23.22 -17.03
C ASP E 91 -15.33 23.25 -16.58
N GLN E 92 -15.06 23.41 -15.27
CA GLN E 92 -13.70 23.59 -14.72
C GLN E 92 -13.62 23.06 -13.30
N VAL E 93 -12.44 22.59 -12.90
CA VAL E 93 -12.15 22.21 -11.48
C VAL E 93 -10.78 22.79 -11.08
N SER E 94 -10.58 22.92 -9.79
CA SER E 94 -9.29 23.33 -9.19
C SER E 94 -8.54 22.07 -8.77
N VAL E 95 -7.28 21.93 -9.17
CA VAL E 95 -6.48 20.69 -9.00
C VAL E 95 -5.14 21.05 -8.40
N PRO E 96 -4.68 20.35 -7.35
CA PRO E 96 -3.33 20.57 -6.84
C PRO E 96 -2.30 20.23 -7.93
N ILE E 97 -1.28 21.06 -8.09
CA ILE E 97 -0.28 20.87 -9.19
C ILE E 97 0.49 19.56 -8.96
N SER E 98 0.55 19.03 -7.73
CA SER E 98 1.19 17.72 -7.45
C SER E 98 0.46 16.58 -8.21
N SER E 99 -0.79 16.78 -8.64
CA SER E 99 -1.55 15.77 -9.43
C SER E 99 -1.44 16.01 -10.94
N LEU E 100 -0.64 16.99 -11.41
CA LEU E 100 -0.59 17.38 -12.84
C LEU E 100 0.86 17.43 -13.29
N TRP E 101 1.10 17.19 -14.57
CA TRP E 101 2.36 17.63 -15.21
C TRP E 101 2.34 19.16 -15.27
N VAL E 102 3.44 19.78 -14.90
CA VAL E 102 3.63 21.26 -15.06
C VAL E 102 4.93 21.46 -15.81
N PRO E 103 5.03 22.48 -16.70
CA PRO E 103 6.27 22.75 -17.41
C PRO E 103 7.39 23.10 -16.43
N ASP E 104 8.61 22.63 -16.72
CA ASP E 104 9.81 22.82 -15.85
C ASP E 104 10.45 24.18 -16.17
N LEU E 105 9.69 25.26 -16.00
CA LEU E 105 10.14 26.64 -16.36
C LEU E 105 11.14 27.11 -15.31
N ALA E 106 12.16 27.83 -15.77
CA ALA E 106 13.15 28.50 -14.92
C ALA E 106 13.44 29.87 -15.51
N ALA E 107 13.70 30.84 -14.63
CA ALA E 107 14.25 32.16 -14.98
C ALA E 107 15.76 32.07 -15.01
N TYR E 108 16.38 32.28 -16.18
CA TYR E 108 17.82 32.07 -16.43
C TYR E 108 18.65 33.05 -15.59
N ASN E 109 18.11 34.21 -15.21
CA ASN E 109 18.88 35.23 -14.46
C ASN E 109 18.34 35.36 -13.03
N ALA E 110 17.55 34.40 -12.54
CA ALA E 110 17.15 34.35 -11.11
C ALA E 110 18.40 34.07 -10.26
N ILE E 111 18.51 34.73 -9.10
CA ILE E 111 19.60 34.52 -8.12
C ILE E 111 18.99 34.07 -6.78
N SER E 112 17.69 33.78 -6.71
CA SER E 112 17.01 33.17 -5.54
C SER E 112 16.01 32.15 -6.05
N LYS E 113 15.58 31.22 -5.20
CA LYS E 113 14.52 30.26 -5.60
C LYS E 113 13.21 31.02 -5.70
N PRO E 114 12.27 30.63 -6.57
CA PRO E 114 10.96 31.27 -6.57
C PRO E 114 10.26 31.01 -5.23
N GLU E 115 9.85 32.06 -4.51
CA GLU E 115 9.03 31.99 -3.28
C GLU E 115 7.57 32.07 -3.73
N VAL E 116 6.84 30.95 -3.69
CA VAL E 116 5.42 30.87 -4.12
C VAL E 116 4.55 31.35 -2.95
N LEU E 117 3.77 32.42 -3.14
CA LEU E 117 3.03 33.09 -2.06
C LEU E 117 1.60 32.57 -2.01
N THR E 118 1.15 31.80 -3.01
CA THR E 118 -0.27 31.42 -3.20
C THR E 118 -0.45 29.92 -3.07
N PRO E 119 -1.70 29.44 -2.85
CA PRO E 119 -2.00 28.01 -2.91
C PRO E 119 -1.65 27.39 -4.26
N GLN E 120 -1.02 26.23 -4.23
CA GLN E 120 -0.44 25.56 -5.42
C GLN E 120 -1.52 24.71 -6.09
N LEU E 121 -2.53 25.40 -6.61
CA LEU E 121 -3.66 24.85 -7.35
C LEU E 121 -3.64 25.43 -8.75
N ALA E 122 -3.98 24.62 -9.74
CA ALA E 122 -4.24 25.04 -11.12
C ALA E 122 -5.74 24.91 -11.38
N ARG E 123 -6.22 25.57 -12.41
CA ARG E 123 -7.60 25.43 -12.96
C ARG E 123 -7.50 24.52 -14.18
N VAL E 124 -8.31 23.46 -14.22
CA VAL E 124 -8.39 22.56 -15.41
C VAL E 124 -9.77 22.73 -16.03
N VAL E 125 -9.82 23.04 -17.33
CA VAL E 125 -11.05 23.15 -18.15
C VAL E 125 -11.34 21.75 -18.73
N SER E 126 -12.63 21.43 -18.96
CA SER E 126 -13.10 20.11 -19.42
C SER E 126 -12.44 19.68 -20.75
N ASP E 127 -11.91 20.62 -21.52
CA ASP E 127 -11.22 20.33 -22.81
C ASP E 127 -9.75 20.00 -22.57
N GLY E 128 -9.26 20.09 -21.34
CA GLY E 128 -7.87 19.74 -20.98
C GLY E 128 -6.95 20.95 -20.93
N GLU E 129 -7.48 22.16 -21.09
CA GLU E 129 -6.67 23.39 -20.88
C GLU E 129 -6.36 23.54 -19.39
N VAL E 130 -5.11 23.84 -19.06
CA VAL E 130 -4.66 24.08 -17.67
C VAL E 130 -4.25 25.53 -17.54
N LEU E 131 -4.71 26.21 -16.48
CA LEU E 131 -4.20 27.55 -16.09
CA LEU E 131 -4.20 27.55 -16.10
C LEU E 131 -3.57 27.44 -14.71
N TYR E 132 -2.28 27.73 -14.60
CA TYR E 132 -1.55 27.78 -13.33
C TYR E 132 -1.00 29.21 -13.23
N MET E 133 -1.39 29.94 -12.18
CA MET E 133 -0.90 31.32 -12.00
C MET E 133 -0.46 31.52 -10.56
N PRO E 134 0.76 31.11 -10.19
CA PRO E 134 1.29 31.37 -8.87
C PRO E 134 1.72 32.84 -8.77
N SER E 135 1.58 33.41 -7.57
CA SER E 135 2.25 34.66 -7.17
C SER E 135 3.63 34.26 -6.64
N ILE E 136 4.65 34.83 -7.26
CA ILE E 136 6.07 34.52 -7.02
C ILE E 136 6.78 35.79 -6.57
N ARG E 137 7.55 35.67 -5.49
CA ARG E 137 8.59 36.65 -5.13
C ARG E 137 9.94 36.03 -5.46
N GLN E 138 10.76 36.72 -6.25
CA GLN E 138 12.07 36.22 -6.70
C GLN E 138 13.02 37.38 -6.92
N ARG E 139 14.31 37.12 -6.77
CA ARG E 139 15.42 38.08 -6.98
C ARG E 139 16.10 37.74 -8.31
N PHE E 140 16.48 38.80 -9.04
CA PHE E 140 17.09 38.71 -10.39
C PHE E 140 18.34 39.57 -10.48
N SER E 141 19.27 39.11 -11.29
CA SER E 141 20.45 39.87 -11.81
C SER E 141 20.02 40.52 -13.12
N CYS E 142 19.95 41.86 -13.15
CA CYS E 142 19.55 42.58 -14.37
C CYS E 142 19.99 44.04 -14.28
N ASP E 143 19.81 44.77 -15.38
CA ASP E 143 20.31 46.17 -15.53
C ASP E 143 19.40 47.12 -14.73
N VAL E 144 19.89 47.59 -13.59
CA VAL E 144 19.15 48.53 -12.69
C VAL E 144 19.61 49.96 -12.98
N SER E 145 20.58 50.16 -13.87
CA SER E 145 21.13 51.51 -14.19
C SER E 145 20.02 52.39 -14.75
N GLY E 146 19.89 53.61 -14.23
CA GLY E 146 18.93 54.62 -14.71
C GLY E 146 17.61 54.57 -13.95
N VAL E 147 17.53 53.79 -12.88
CA VAL E 147 16.25 53.60 -12.12
C VAL E 147 15.78 54.96 -11.55
N ASP E 148 16.70 55.83 -11.17
CA ASP E 148 16.38 57.15 -10.54
C ASP E 148 16.40 58.27 -11.59
N THR E 149 16.23 57.95 -12.88
CA THR E 149 16.10 58.92 -14.00
C THR E 149 14.71 58.82 -14.60
N GLU E 150 14.38 59.75 -15.48
CA GLU E 150 13.04 59.88 -16.11
C GLU E 150 12.78 58.69 -17.02
N SER E 151 13.78 58.23 -17.78
CA SER E 151 13.61 57.12 -18.75
C SER E 151 13.68 55.76 -18.03
N GLY E 152 14.18 55.72 -16.80
CA GLY E 152 14.08 54.57 -15.90
C GLY E 152 15.07 53.46 -16.25
N ALA E 153 15.02 52.35 -15.52
CA ALA E 153 15.82 51.13 -15.80
C ALA E 153 15.00 50.19 -16.68
N THR E 154 15.68 49.32 -17.42
CA THR E 154 15.06 48.18 -18.13
C THR E 154 15.71 46.88 -17.62
N CYS E 155 14.94 46.11 -16.85
CA CYS E 155 15.35 44.80 -16.30
C CYS E 155 14.74 43.70 -17.17
N ARG E 156 15.57 42.84 -17.77
CA ARG E 156 15.13 41.77 -18.69
C ARG E 156 15.18 40.44 -17.93
N ILE E 157 14.08 39.67 -17.97
CA ILE E 157 13.96 38.34 -17.33
C ILE E 157 13.65 37.33 -18.42
N LYS E 158 14.50 36.29 -18.55
CA LYS E 158 14.29 35.21 -19.53
C LYS E 158 13.74 33.97 -18.81
N ILE E 159 12.62 33.43 -19.30
CA ILE E 159 11.98 32.21 -18.74
C ILE E 159 11.81 31.18 -19.85
N GLY E 160 12.34 29.96 -19.64
CA GLY E 160 12.15 28.83 -20.55
C GLY E 160 12.22 27.49 -19.83
N SER E 161 11.94 26.41 -20.55
CA SER E 161 12.07 25.03 -20.04
C SER E 161 13.54 24.78 -19.70
N TRP E 162 13.80 24.23 -18.52
CA TRP E 162 15.16 23.86 -18.11
C TRP E 162 15.67 22.63 -18.90
N THR E 163 14.81 21.67 -19.23
CA THR E 163 15.30 20.38 -19.79
C THR E 163 14.66 20.03 -21.14
N HIS E 164 13.62 20.72 -21.58
CA HIS E 164 12.91 20.36 -22.84
C HIS E 164 13.28 21.39 -23.95
N HIS E 165 13.76 20.89 -25.09
CA HIS E 165 14.03 21.69 -26.31
C HIS E 165 12.73 21.94 -27.07
N SER E 166 12.81 22.70 -28.17
CA SER E 166 11.66 23.29 -28.91
C SER E 166 10.79 22.22 -29.54
N ARG E 167 11.27 21.00 -29.76
CA ARG E 167 10.41 19.92 -30.31
C ARG E 167 9.57 19.29 -29.19
N GLU E 168 9.83 19.60 -27.91
CA GLU E 168 9.04 19.06 -26.77
C GLU E 168 8.19 20.17 -26.13
N ILE E 169 8.77 21.34 -25.90
CA ILE E 169 8.08 22.52 -25.30
C ILE E 169 8.40 23.75 -26.15
N SER E 170 7.37 24.46 -26.58
CA SER E 170 7.47 25.84 -27.09
C SER E 170 6.91 26.79 -26.02
N VAL E 171 7.59 27.91 -25.79
CA VAL E 171 7.13 28.95 -24.85
C VAL E 171 6.83 30.20 -25.68
N ASP E 172 5.63 30.74 -25.51
CA ASP E 172 5.15 31.93 -26.24
C ASP E 172 4.58 32.93 -25.24
N PRO E 173 4.80 34.24 -25.47
CA PRO E 173 4.04 35.26 -24.73
C PRO E 173 2.58 35.14 -25.17
N THR E 174 1.65 35.60 -24.34
CA THR E 174 0.19 35.62 -24.67
C THR E 174 -0.14 36.73 -25.67
N SER E 178 -3.27 43.52 -23.59
CA SER E 178 -3.90 44.17 -22.42
C SER E 178 -2.82 44.52 -21.38
N ASP E 179 -3.16 45.21 -20.29
CA ASP E 179 -2.12 45.80 -19.41
C ASP E 179 -1.52 44.83 -18.35
N ASP E 180 -0.31 44.37 -18.66
CA ASP E 180 0.63 43.62 -17.78
C ASP E 180 0.88 44.34 -16.45
N SER E 181 0.72 45.66 -16.41
CA SER E 181 0.95 46.56 -15.25
C SER E 181 -0.37 47.02 -14.60
N GLU E 182 -1.53 46.52 -15.02
CA GLU E 182 -2.84 46.98 -14.50
C GLU E 182 -2.95 46.72 -12.98
N TYR E 183 -2.29 45.66 -12.47
CA TYR E 183 -2.43 45.20 -11.07
C TYR E 183 -1.17 45.51 -10.26
N PHE E 184 -0.29 46.35 -10.79
CA PHE E 184 0.90 46.84 -10.06
C PHE E 184 0.45 47.65 -8.84
N SER E 185 1.12 47.47 -7.70
CA SER E 185 0.76 48.14 -6.43
C SER E 185 0.96 49.65 -6.57
N GLN E 186 -0.07 50.42 -6.23
CA GLN E 186 -0.02 51.89 -6.22
C GLN E 186 0.91 52.35 -5.08
N TYR E 187 1.24 51.47 -4.12
CA TYR E 187 2.00 51.85 -2.90
C TYR E 187 3.49 51.51 -3.02
N SER E 188 3.93 50.89 -4.13
CA SER E 188 5.36 50.65 -4.42
C SER E 188 6.09 52.01 -4.49
N ARG E 189 7.38 52.04 -4.14
CA ARG E 189 8.28 53.20 -4.36
CA ARG E 189 8.28 53.19 -4.36
C ARG E 189 8.52 53.37 -5.87
N PHE E 190 8.19 52.35 -6.67
CA PHE E 190 8.50 52.32 -8.11
C PHE E 190 7.19 52.39 -8.91
N GLU E 191 7.32 52.73 -10.19
CA GLU E 191 6.20 52.70 -11.17
C GLU E 191 6.72 52.07 -12.46
N ILE E 192 5.82 51.44 -13.19
CA ILE E 192 6.11 50.78 -14.49
C ILE E 192 5.84 51.78 -15.63
N LEU E 193 6.83 51.96 -16.49
CA LEU E 193 6.73 52.78 -17.73
C LEU E 193 6.27 51.90 -18.88
N ASP E 194 6.79 50.67 -18.97
CA ASP E 194 6.52 49.76 -20.11
C ASP E 194 6.90 48.32 -19.74
N VAL E 195 6.12 47.37 -20.25
CA VAL E 195 6.46 45.92 -20.22
C VAL E 195 6.33 45.39 -21.65
N THR E 196 7.38 44.79 -22.19
CA THR E 196 7.32 44.02 -23.45
C THR E 196 7.70 42.57 -23.16
N GLN E 197 7.08 41.63 -23.85
CA GLN E 197 7.25 40.16 -23.64
C GLN E 197 7.42 39.56 -25.05
N LYS E 198 8.64 39.11 -25.42
CA LYS E 198 8.97 38.64 -26.78
C LYS E 198 9.59 37.22 -26.72
N LYS E 199 9.41 36.46 -27.78
CA LYS E 199 9.92 35.07 -27.88
C LYS E 199 11.38 35.11 -28.36
N ASN E 200 12.24 34.30 -27.75
CA ASN E 200 13.60 33.95 -28.23
C ASN E 200 13.70 32.44 -28.45
N SER E 201 14.42 32.02 -29.49
CA SER E 201 14.75 30.60 -29.77
C SER E 201 16.26 30.53 -29.93
N VAL E 202 16.94 29.83 -29.02
CA VAL E 202 18.43 29.84 -28.97
C VAL E 202 18.93 28.41 -29.18
N THR E 203 19.91 28.25 -30.07
CA THR E 203 20.77 27.02 -30.16
C THR E 203 22.14 27.36 -29.54
N TYR E 204 22.55 26.58 -28.54
CA TYR E 204 23.84 26.71 -27.83
C TYR E 204 24.84 25.75 -28.51
N SER E 205 26.15 26.03 -28.38
CA SER E 205 27.25 25.21 -28.93
C SER E 205 27.19 23.77 -28.40
N CYS E 206 26.89 23.60 -27.10
CA CYS E 206 26.80 22.28 -26.40
C CYS E 206 25.91 21.30 -27.16
N CYS E 207 24.81 21.77 -27.73
CA CYS E 207 23.56 21.00 -27.93
C CYS E 207 22.99 21.22 -29.32
N PRO E 208 22.53 20.16 -30.02
CA PRO E 208 22.02 20.31 -31.39
C PRO E 208 20.65 21.00 -31.48
N GLU E 209 19.87 20.99 -30.40
CA GLU E 209 18.45 21.43 -30.38
C GLU E 209 18.36 22.90 -29.97
N ALA E 210 17.27 23.55 -30.39
CA ALA E 210 16.92 24.94 -30.00
C ALA E 210 16.07 24.92 -28.71
N TYR E 211 16.31 25.87 -27.82
CA TYR E 211 15.55 26.08 -26.56
C TYR E 211 14.83 27.43 -26.62
N GLU E 212 13.53 27.41 -26.39
CA GLU E 212 12.71 28.63 -26.42
C GLU E 212 12.70 29.30 -25.05
N ASP E 213 12.49 30.60 -25.08
CA ASP E 213 12.38 31.42 -23.84
C ASP E 213 11.46 32.60 -24.19
N VAL E 214 10.76 33.11 -23.21
CA VAL E 214 10.08 34.42 -23.27
C VAL E 214 11.01 35.39 -22.54
N GLU E 215 11.36 36.48 -23.20
CA GLU E 215 12.14 37.59 -22.62
C GLU E 215 11.14 38.67 -22.25
N VAL E 216 11.09 39.03 -20.97
CA VAL E 216 10.20 40.08 -20.43
C VAL E 216 11.10 41.27 -20.09
N SER E 217 10.84 42.43 -20.69
CA SER E 217 11.57 43.69 -20.44
C SER E 217 10.69 44.60 -19.57
N LEU E 218 11.13 44.83 -18.34
CA LEU E 218 10.42 45.66 -17.36
C LEU E 218 11.13 47.01 -17.32
N ASN E 219 10.49 48.04 -17.89
CA ASN E 219 10.98 49.43 -17.84
C ASN E 219 10.27 50.10 -16.66
N PHE E 220 11.02 50.45 -15.63
CA PHE E 220 10.46 50.98 -14.36
C PHE E 220 11.38 52.08 -13.82
N ARG E 221 10.87 52.90 -12.92
CA ARG E 221 11.69 53.97 -12.27
C ARG E 221 11.17 54.27 -10.88
N LYS E 222 12.02 54.87 -10.04
CA LYS E 222 11.62 55.42 -8.72
C LYS E 222 10.60 56.55 -8.93
N LYS E 223 9.54 56.61 -8.12
CA LYS E 223 8.52 57.69 -8.17
C LYS E 223 9.14 58.99 -7.65
N LEU F 20 -25.76 13.07 -2.22
CA LEU F 20 -24.88 11.89 -2.27
C LEU F 20 -25.35 11.03 -3.42
N ASP F 21 -24.44 10.59 -4.30
CA ASP F 21 -24.76 9.57 -5.34
C ASP F 21 -24.28 8.20 -4.84
N ARG F 22 -24.62 7.16 -5.61
CA ARG F 22 -24.27 5.75 -5.31
C ARG F 22 -22.77 5.62 -5.12
N ALA F 23 -21.97 6.25 -5.99
CA ALA F 23 -20.50 6.13 -5.97
C ALA F 23 -19.95 6.60 -4.61
N ASP F 24 -20.48 7.72 -4.08
CA ASP F 24 -20.04 8.33 -2.79
C ASP F 24 -20.43 7.39 -1.64
N ILE F 25 -21.67 6.89 -1.64
CA ILE F 25 -22.19 5.99 -0.57
C ILE F 25 -21.33 4.73 -0.53
N LEU F 26 -21.06 4.11 -1.70
CA LEU F 26 -20.30 2.85 -1.74
C LEU F 26 -18.84 3.10 -1.34
N TYR F 27 -18.28 4.25 -1.70
CA TYR F 27 -16.93 4.66 -1.23
C TYR F 27 -16.93 4.78 0.31
N ASN F 28 -17.90 5.50 0.87
CA ASN F 28 -18.01 5.72 2.35
C ASN F 28 -18.09 4.36 3.06
N ILE F 29 -18.92 3.45 2.55
CA ILE F 29 -19.12 2.11 3.16
C ILE F 29 -17.81 1.33 3.06
N ARG F 30 -17.17 1.30 1.89
CA ARG F 30 -15.91 0.54 1.71
C ARG F 30 -14.85 1.09 2.69
N GLN F 31 -14.76 2.41 2.87
CA GLN F 31 -13.69 3.03 3.70
C GLN F 31 -13.92 2.80 5.19
N THR F 32 -15.16 2.69 5.69
CA THR F 32 -15.49 2.78 7.14
C THR F 32 -16.32 1.60 7.65
N SER F 33 -16.71 0.64 6.83
CA SER F 33 -17.75 -0.37 7.25
C SER F 33 -17.37 -1.29 8.45
N ARG F 34 -16.09 -1.62 8.69
CA ARG F 34 -15.54 -2.53 9.73
C ARG F 34 -16.23 -3.89 9.69
N PRO F 35 -15.93 -4.75 8.68
CA PRO F 35 -16.63 -6.03 8.51
C PRO F 35 -16.42 -7.05 9.64
N ASP F 36 -15.37 -6.85 10.45
CA ASP F 36 -15.01 -7.76 11.58
C ASP F 36 -15.73 -7.30 12.84
N VAL F 37 -16.44 -6.17 12.81
CA VAL F 37 -17.01 -5.55 14.04
C VAL F 37 -18.53 -5.71 14.06
N ILE F 38 -19.04 -6.55 14.95
CA ILE F 38 -20.50 -6.72 15.19
C ILE F 38 -21.09 -5.35 15.55
N PRO F 39 -22.16 -4.87 14.88
CA PRO F 39 -22.68 -3.52 15.15
C PRO F 39 -23.69 -3.47 16.32
N THR F 40 -23.25 -3.82 17.52
CA THR F 40 -24.08 -3.71 18.75
C THR F 40 -24.34 -2.24 19.05
N GLN F 41 -25.53 -1.91 19.54
CA GLN F 41 -25.89 -0.57 20.10
C GLN F 41 -25.96 -0.69 21.62
N ARG F 42 -25.22 0.16 22.33
CA ARG F 42 -25.20 0.26 23.82
C ARG F 42 -25.19 -1.16 24.43
N ASP F 43 -24.33 -2.05 23.92
CA ASP F 43 -24.09 -3.42 24.43
C ASP F 43 -25.36 -4.28 24.47
N ARG F 44 -26.37 -3.94 23.67
CA ARG F 44 -27.60 -4.77 23.45
C ARG F 44 -27.39 -5.64 22.20
N PRO F 45 -28.06 -6.81 22.10
CA PRO F 45 -27.76 -7.74 21.03
C PRO F 45 -28.16 -7.16 19.65
N VAL F 46 -27.46 -7.58 18.60
CA VAL F 46 -27.88 -7.34 17.20
C VAL F 46 -29.04 -8.30 16.93
N ALA F 47 -30.21 -7.77 16.57
CA ALA F 47 -31.41 -8.56 16.22
C ALA F 47 -31.29 -9.00 14.77
N VAL F 48 -31.06 -10.28 14.55
CA VAL F 48 -30.98 -10.88 13.21
C VAL F 48 -32.28 -11.66 12.97
N SER F 49 -32.99 -11.36 11.88
CA SER F 49 -34.16 -12.14 11.41
C SER F 49 -33.71 -13.08 10.30
N VAL F 50 -34.14 -14.33 10.38
CA VAL F 50 -33.82 -15.41 9.41
C VAL F 50 -35.11 -16.12 9.06
N SER F 51 -35.39 -16.27 7.78
CA SER F 51 -36.51 -17.08 7.25
C SER F 51 -36.03 -17.82 6.00
N LEU F 52 -36.18 -19.14 5.98
CA LEU F 52 -35.84 -19.97 4.80
C LEU F 52 -37.06 -20.04 3.86
N LYS F 53 -36.86 -19.71 2.58
CA LYS F 53 -37.84 -19.95 1.50
C LYS F 53 -37.33 -21.16 0.71
N PHE F 54 -38.02 -22.29 0.83
CA PHE F 54 -37.61 -23.54 0.15
C PHE F 54 -37.91 -23.41 -1.35
N ILE F 55 -36.92 -23.77 -2.17
CA ILE F 55 -37.00 -23.67 -3.64
C ILE F 55 -37.00 -25.09 -4.23
N ASN F 56 -36.25 -26.01 -3.64
CA ASN F 56 -36.17 -27.37 -4.21
C ASN F 56 -35.69 -28.36 -3.15
N ILE F 57 -36.13 -29.61 -3.32
CA ILE F 57 -35.64 -30.80 -2.59
C ILE F 57 -35.14 -31.74 -3.67
N LEU F 58 -33.83 -31.98 -3.74
CA LEU F 58 -33.15 -32.55 -4.92
C LEU F 58 -32.89 -34.04 -4.73
N GLU F 59 -32.47 -34.41 -3.54
CA GLU F 59 -32.10 -35.82 -3.23
C GLU F 59 -32.51 -36.07 -1.78
N VAL F 60 -33.12 -37.22 -1.58
CA VAL F 60 -33.62 -37.68 -0.26
C VAL F 60 -33.16 -39.13 -0.17
N ASN F 61 -32.67 -39.53 1.00
CA ASN F 61 -32.21 -40.92 1.25
C ASN F 61 -32.78 -41.33 2.59
N GLU F 62 -33.79 -42.21 2.58
CA GLU F 62 -34.52 -42.65 3.78
C GLU F 62 -33.63 -43.62 4.58
N ILE F 63 -32.66 -44.27 3.93
CA ILE F 63 -31.69 -45.19 4.59
C ILE F 63 -30.69 -44.36 5.42
N THR F 64 -30.07 -43.34 4.83
CA THR F 64 -29.00 -42.55 5.48
C THR F 64 -29.58 -41.36 6.24
N ASN F 65 -30.87 -41.03 6.05
CA ASN F 65 -31.52 -39.86 6.68
C ASN F 65 -30.76 -38.58 6.27
N GLU F 66 -30.62 -38.37 4.96
CA GLU F 66 -29.94 -37.18 4.39
C GLU F 66 -30.85 -36.57 3.32
N VAL F 67 -30.84 -35.24 3.24
CA VAL F 67 -31.61 -34.47 2.23
C VAL F 67 -30.66 -33.41 1.65
N ASP F 68 -30.81 -33.16 0.36
CA ASP F 68 -30.14 -32.07 -0.41
C ASP F 68 -31.24 -31.08 -0.77
N VAL F 69 -31.11 -29.83 -0.30
CA VAL F 69 -32.18 -28.79 -0.39
C VAL F 69 -31.59 -27.52 -1.00
N VAL F 70 -32.40 -26.79 -1.75
CA VAL F 70 -32.08 -25.40 -2.20
C VAL F 70 -33.09 -24.48 -1.51
N PHE F 71 -32.59 -23.43 -0.85
CA PHE F 71 -33.44 -22.44 -0.15
C PHE F 71 -32.81 -21.05 -0.27
N TRP F 72 -33.66 -20.03 -0.23
CA TRP F 72 -33.27 -18.61 -0.10
C TRP F 72 -33.26 -18.30 1.38
N GLN F 73 -32.10 -17.88 1.90
CA GLN F 73 -31.95 -17.61 3.35
C GLN F 73 -32.12 -16.11 3.54
N GLN F 74 -33.37 -15.68 3.73
CA GLN F 74 -33.70 -14.25 3.92
C GLN F 74 -33.18 -13.82 5.30
N THR F 75 -32.23 -12.90 5.31
CA THR F 75 -31.48 -12.47 6.53
C THR F 75 -31.52 -10.95 6.61
N THR F 76 -31.91 -10.42 7.76
CA THR F 76 -32.06 -8.96 7.96
C THR F 76 -31.49 -8.57 9.31
N TRP F 77 -30.88 -7.40 9.38
CA TRP F 77 -30.37 -6.84 10.64
C TRP F 77 -30.08 -5.36 10.40
N SER F 78 -29.81 -4.62 11.46
CA SER F 78 -29.51 -3.18 11.37
C SER F 78 -28.02 -2.96 11.63
N ASP F 79 -27.38 -2.10 10.86
CA ASP F 79 -26.00 -1.63 11.10
C ASP F 79 -25.99 -0.12 10.89
N ARG F 80 -26.13 0.63 11.98
CA ARG F 80 -26.26 2.11 11.96
C ARG F 80 -24.99 2.75 11.40
N THR F 81 -23.84 2.07 11.41
CA THR F 81 -22.58 2.65 10.86
C THR F 81 -22.71 2.80 9.34
N LEU F 82 -23.66 2.13 8.69
CA LEU F 82 -23.82 2.16 7.21
C LEU F 82 -24.71 3.35 6.78
N ALA F 83 -25.44 3.96 7.71
CA ALA F 83 -26.58 4.87 7.42
C ALA F 83 -26.10 6.15 6.74
N TRP F 84 -26.92 6.74 5.89
CA TRP F 84 -26.66 8.06 5.25
C TRP F 84 -27.97 8.86 5.18
N ASN F 85 -27.86 10.18 5.03
CA ASN F 85 -28.99 11.11 4.82
C ASN F 85 -29.56 10.88 3.41
N SER F 86 -30.82 10.42 3.31
CA SER F 86 -31.46 9.99 2.03
C SER F 86 -32.03 11.19 1.25
N SER F 87 -31.96 12.42 1.77
CA SER F 87 -32.40 13.62 1.02
C SER F 87 -31.52 13.79 -0.23
N HIS F 88 -32.15 13.85 -1.39
CA HIS F 88 -31.50 13.94 -2.75
C HIS F 88 -30.43 12.86 -2.89
N SER F 89 -30.70 11.65 -2.40
CA SER F 89 -29.77 10.48 -2.50
C SER F 89 -30.58 9.22 -2.71
N PRO F 90 -29.98 8.13 -3.21
CA PRO F 90 -30.66 6.84 -3.29
C PRO F 90 -31.14 6.39 -1.91
N ASP F 91 -32.26 5.68 -1.86
CA ASP F 91 -32.82 5.10 -0.61
C ASP F 91 -32.06 3.81 -0.26
N GLN F 92 -31.46 3.15 -1.25
CA GLN F 92 -30.84 1.81 -1.11
C GLN F 92 -29.69 1.64 -2.09
N VAL F 93 -28.68 0.85 -1.71
CA VAL F 93 -27.57 0.44 -2.63
C VAL F 93 -27.30 -1.05 -2.44
N SER F 94 -26.70 -1.66 -3.45
CA SER F 94 -26.22 -3.06 -3.45
C SER F 94 -24.74 -3.05 -3.08
N VAL F 95 -24.36 -3.85 -2.08
CA VAL F 95 -23.00 -3.83 -1.47
C VAL F 95 -22.47 -5.25 -1.41
N PRO F 96 -21.23 -5.51 -1.86
CA PRO F 96 -20.63 -6.83 -1.70
C PRO F 96 -20.52 -7.15 -0.20
N ILE F 97 -20.87 -8.37 0.22
CA ILE F 97 -20.87 -8.74 1.66
C ILE F 97 -19.45 -8.66 2.23
N SER F 98 -18.41 -8.76 1.41
CA SER F 98 -17.00 -8.60 1.86
C SER F 98 -16.77 -7.19 2.41
N SER F 99 -17.60 -6.21 2.09
CA SER F 99 -17.48 -4.82 2.62
C SER F 99 -18.38 -4.59 3.84
N LEU F 100 -19.05 -5.60 4.37
CA LEU F 100 -20.05 -5.44 5.46
C LEU F 100 -19.78 -6.46 6.55
N TRP F 101 -20.15 -6.15 7.78
CA TRP F 101 -20.32 -7.21 8.80
C TRP F 101 -21.55 -8.04 8.40
N VAL F 102 -21.44 -9.35 8.46
CA VAL F 102 -22.59 -10.28 8.26
C VAL F 102 -22.60 -11.24 9.45
N PRO F 103 -23.78 -11.65 9.95
CA PRO F 103 -23.84 -12.60 11.06
C PRO F 103 -23.19 -13.94 10.68
N ASP F 104 -22.49 -14.55 11.63
CA ASP F 104 -21.74 -15.82 11.46
C ASP F 104 -22.70 -17.02 11.63
N LEU F 105 -23.77 -17.08 10.82
CA LEU F 105 -24.82 -18.12 10.96
C LEU F 105 -24.28 -19.46 10.45
N ALA F 106 -24.66 -20.54 11.11
CA ALA F 106 -24.38 -21.93 10.69
C ALA F 106 -25.62 -22.78 10.95
N ALA F 107 -25.85 -23.75 10.08
CA ALA F 107 -26.86 -24.82 10.25
C ALA F 107 -26.19 -25.97 11.03
N TYR F 108 -26.67 -26.25 12.24
CA TYR F 108 -26.06 -27.20 13.20
C TYR F 108 -26.08 -28.62 12.63
N ASN F 109 -27.02 -28.97 11.75
CA ASN F 109 -27.14 -30.36 11.24
C ASN F 109 -26.75 -30.41 9.75
N ALA F 110 -26.07 -29.40 9.22
CA ALA F 110 -25.50 -29.44 7.86
C ALA F 110 -24.36 -30.45 7.83
N ILE F 111 -24.28 -31.24 6.76
CA ILE F 111 -23.21 -32.25 6.52
C ILE F 111 -22.43 -31.91 5.25
N SER F 112 -22.68 -30.74 4.65
CA SER F 112 -21.89 -30.19 3.51
C SER F 112 -21.75 -28.69 3.75
N LYS F 113 -20.78 -28.05 3.09
CA LYS F 113 -20.63 -26.58 3.22
C LYS F 113 -21.76 -25.96 2.40
N PRO F 114 -22.25 -24.76 2.77
CA PRO F 114 -23.25 -24.09 1.95
C PRO F 114 -22.68 -23.78 0.57
N GLU F 115 -23.32 -24.24 -0.51
CA GLU F 115 -23.01 -23.85 -1.91
C GLU F 115 -23.88 -22.62 -2.22
N VAL F 116 -23.29 -21.43 -2.27
CA VAL F 116 -24.01 -20.16 -2.58
C VAL F 116 -24.13 -20.06 -4.10
N LEU F 117 -25.37 -20.01 -4.62
CA LEU F 117 -25.65 -20.08 -6.08
C LEU F 117 -25.76 -18.68 -6.68
N THR F 118 -25.84 -17.64 -5.85
CA THR F 118 -26.21 -16.27 -6.27
C THR F 118 -25.02 -15.33 -6.04
N PRO F 119 -25.02 -14.14 -6.68
CA PRO F 119 -24.04 -13.09 -6.38
C PRO F 119 -24.08 -12.68 -4.91
N GLN F 120 -22.91 -12.52 -4.31
CA GLN F 120 -22.74 -12.26 -2.86
C GLN F 120 -22.85 -10.75 -2.58
N LEU F 121 -24.02 -10.21 -2.86
CA LEU F 121 -24.39 -8.79 -2.66
C LEU F 121 -25.53 -8.74 -1.65
N ALA F 122 -25.49 -7.76 -0.76
CA ALA F 122 -26.61 -7.42 0.15
C ALA F 122 -27.21 -6.09 -0.31
N ARG F 123 -28.44 -5.82 0.11
CA ARG F 123 -29.11 -4.52 -0.08
C ARG F 123 -28.99 -3.74 1.23
N VAL F 124 -28.52 -2.49 1.16
CA VAL F 124 -28.40 -1.63 2.36
C VAL F 124 -29.35 -0.45 2.16
N VAL F 125 -30.23 -0.22 3.14
CA VAL F 125 -31.17 0.94 3.17
C VAL F 125 -30.47 2.09 3.88
N SER F 126 -30.81 3.34 3.54
CA SER F 126 -30.16 4.59 4.05
C SER F 126 -30.25 4.66 5.59
N ASP F 127 -31.18 3.94 6.23
CA ASP F 127 -31.32 3.94 7.71
C ASP F 127 -30.39 2.88 8.33
N GLY F 128 -29.67 2.09 7.52
CA GLY F 128 -28.71 1.09 8.03
C GLY F 128 -29.30 -0.31 8.08
N GLU F 129 -30.52 -0.52 7.60
CA GLU F 129 -31.09 -1.89 7.50
C GLU F 129 -30.36 -2.65 6.37
N VAL F 130 -29.98 -3.90 6.63
CA VAL F 130 -29.29 -4.75 5.63
C VAL F 130 -30.20 -5.93 5.31
N LEU F 131 -30.37 -6.26 4.03
CA LEU F 131 -31.04 -7.50 3.58
C LEU F 131 -30.03 -8.32 2.78
N TYR F 132 -29.73 -9.53 3.24
CA TYR F 132 -28.87 -10.48 2.52
C TYR F 132 -29.71 -11.73 2.31
N MET F 133 -29.91 -12.13 1.06
CA MET F 133 -30.70 -13.35 0.76
C MET F 133 -29.97 -14.19 -0.29
N PRO F 134 -28.99 -15.01 0.13
CA PRO F 134 -28.35 -15.92 -0.80
C PRO F 134 -29.26 -17.12 -1.08
N SER F 135 -29.15 -17.65 -2.29
CA SER F 135 -29.66 -18.99 -2.65
C SER F 135 -28.56 -20.00 -2.30
N ILE F 136 -28.90 -20.95 -1.45
CA ILE F 136 -27.97 -21.95 -0.89
C ILE F 136 -28.44 -23.35 -1.26
N ARG F 137 -27.55 -24.17 -1.77
CA ARG F 137 -27.72 -25.63 -1.85
C ARG F 137 -26.87 -26.26 -0.76
N GLN F 138 -27.47 -27.09 0.08
CA GLN F 138 -26.78 -27.69 1.25
C GLN F 138 -27.42 -29.04 1.56
N ARG F 139 -26.61 -29.95 2.12
CA ARG F 139 -27.04 -31.31 2.57
C ARG F 139 -27.16 -31.28 4.10
N PHE F 140 -28.19 -31.95 4.62
CA PHE F 140 -28.55 -32.02 6.05
C PHE F 140 -28.80 -33.47 6.48
N SER F 141 -28.46 -33.74 7.73
CA SER F 141 -28.84 -34.94 8.51
C SER F 141 -30.16 -34.63 9.21
N CYS F 142 -31.24 -35.31 8.84
CA CYS F 142 -32.56 -35.09 9.48
C CYS F 142 -33.48 -36.28 9.22
N ASP F 143 -34.65 -36.26 9.85
CA ASP F 143 -35.62 -37.39 9.83
C ASP F 143 -36.34 -37.42 8.48
N VAL F 144 -35.96 -38.37 7.63
CA VAL F 144 -36.53 -38.57 6.28
C VAL F 144 -37.62 -39.65 6.34
N SER F 145 -37.83 -40.29 7.50
CA SER F 145 -38.82 -41.38 7.65
C SER F 145 -40.23 -40.85 7.33
N GLY F 146 -40.98 -41.57 6.49
CA GLY F 146 -42.37 -41.27 6.13
C GLY F 146 -42.47 -40.43 4.88
N VAL F 147 -41.36 -40.22 4.16
CA VAL F 147 -41.33 -39.32 2.97
C VAL F 147 -42.27 -39.88 1.89
N ASP F 148 -42.42 -41.21 1.79
CA ASP F 148 -43.26 -41.87 0.76
C ASP F 148 -44.66 -42.19 1.31
N THR F 149 -45.10 -41.51 2.37
CA THR F 149 -46.46 -41.66 2.95
C THR F 149 -47.22 -40.35 2.79
N GLU F 150 -48.51 -40.38 3.09
CA GLU F 150 -49.44 -39.22 2.93
C GLU F 150 -49.05 -38.11 3.91
N SER F 151 -48.67 -38.42 5.14
CA SER F 151 -48.36 -37.41 6.18
C SER F 151 -46.92 -36.89 6.01
N GLY F 152 -46.08 -37.61 5.24
CA GLY F 152 -44.77 -37.12 4.76
C GLY F 152 -43.71 -37.18 5.85
N ALA F 153 -42.50 -36.72 5.54
CA ALA F 153 -41.38 -36.58 6.49
C ALA F 153 -41.39 -35.17 7.07
N THR F 154 -40.81 -35.00 8.26
CA THR F 154 -40.53 -33.69 8.88
C THR F 154 -39.02 -33.61 9.14
N CYS F 155 -38.33 -32.77 8.36
CA CYS F 155 -36.88 -32.50 8.47
C CYS F 155 -36.71 -31.19 9.23
N ARG F 156 -35.99 -31.20 10.36
CA ARG F 156 -35.75 -29.99 11.18
C ARG F 156 -34.32 -29.47 10.91
N ILE F 157 -34.19 -28.17 10.64
CA ILE F 157 -32.89 -27.49 10.39
C ILE F 157 -32.76 -26.40 11.44
N LYS F 158 -31.68 -26.43 12.24
CA LYS F 158 -31.38 -25.40 13.26
C LYS F 158 -30.29 -24.45 12.74
N ILE F 159 -30.57 -23.16 12.77
CA ILE F 159 -29.62 -22.09 12.32
C ILE F 159 -29.41 -21.10 13.45
N GLY F 160 -28.14 -20.85 13.83
CA GLY F 160 -27.77 -19.84 14.83
C GLY F 160 -26.36 -19.33 14.61
N SER F 161 -25.99 -18.31 15.37
CA SER F 161 -24.62 -17.75 15.39
C SER F 161 -23.67 -18.85 15.88
N TRP F 162 -22.56 -19.04 15.19
CA TRP F 162 -21.51 -20.01 15.60
C TRP F 162 -20.77 -19.51 16.83
N THR F 163 -20.52 -18.20 16.98
CA THR F 163 -19.62 -17.72 18.05
C THR F 163 -20.26 -16.68 18.96
N HIS F 164 -21.43 -16.13 18.63
CA HIS F 164 -22.04 -15.03 19.43
C HIS F 164 -23.23 -15.58 20.23
N HIS F 165 -23.21 -15.42 21.54
CA HIS F 165 -24.32 -15.81 22.46
C HIS F 165 -25.41 -14.72 22.45
N SER F 166 -26.49 -14.94 23.19
CA SER F 166 -27.77 -14.17 23.11
C SER F 166 -27.59 -12.71 23.53
N ARG F 167 -26.54 -12.36 24.28
CA ARG F 167 -26.29 -10.93 24.62
C ARG F 167 -25.61 -10.19 23.46
N GLU F 168 -25.14 -10.90 22.42
CA GLU F 168 -24.46 -10.27 21.27
C GLU F 168 -25.33 -10.39 20.01
N ILE F 169 -25.90 -11.56 19.75
CA ILE F 169 -26.80 -11.82 18.60
C ILE F 169 -28.06 -12.52 19.12
N SER F 170 -29.22 -11.99 18.77
CA SER F 170 -30.52 -12.69 18.85
C SER F 170 -30.95 -13.09 17.42
N VAL F 171 -31.44 -14.30 17.27
CA VAL F 171 -31.93 -14.83 15.97
C VAL F 171 -33.44 -15.10 16.15
N ASP F 172 -34.25 -14.50 15.29
CA ASP F 172 -35.74 -14.59 15.34
C ASP F 172 -36.25 -14.94 13.94
N PRO F 173 -37.30 -15.77 13.84
CA PRO F 173 -38.00 -15.95 12.57
C PRO F 173 -38.68 -14.61 12.24
N THR F 174 -38.98 -14.39 10.97
CA THR F 174 -39.64 -13.18 10.42
C THR F 174 -41.12 -13.10 10.86
N ASN F 177 -43.94 -14.48 6.99
CA ASN F 177 -44.98 -13.94 6.07
C ASN F 177 -45.55 -15.05 5.18
N SER F 178 -45.17 -16.32 5.41
CA SER F 178 -45.79 -17.54 4.82
C SER F 178 -45.60 -17.59 3.29
N ASP F 179 -44.61 -16.88 2.75
CA ASP F 179 -44.14 -17.09 1.35
C ASP F 179 -43.25 -18.34 1.31
N ASP F 180 -43.15 -19.13 2.39
CA ASP F 180 -42.06 -20.12 2.61
C ASP F 180 -42.09 -21.22 1.54
N SER F 181 -43.26 -21.55 0.99
CA SER F 181 -43.42 -22.60 -0.06
C SER F 181 -43.87 -21.96 -1.38
N GLU F 182 -44.07 -20.64 -1.42
CA GLU F 182 -44.67 -19.92 -2.58
C GLU F 182 -43.79 -20.09 -3.82
N TYR F 183 -42.46 -20.24 -3.66
CA TYR F 183 -41.46 -20.25 -4.75
C TYR F 183 -40.88 -21.65 -4.90
N PHE F 184 -41.47 -22.66 -4.28
CA PHE F 184 -41.02 -24.07 -4.42
C PHE F 184 -41.19 -24.51 -5.88
N SER F 185 -40.22 -25.25 -6.42
CA SER F 185 -40.22 -25.69 -7.83
C SER F 185 -41.36 -26.69 -8.04
N GLN F 186 -42.18 -26.45 -9.06
CA GLN F 186 -43.28 -27.36 -9.47
C GLN F 186 -42.66 -28.62 -10.06
N TYR F 187 -41.36 -28.64 -10.41
CA TYR F 187 -40.72 -29.78 -11.12
C TYR F 187 -39.97 -30.71 -10.16
N SER F 188 -39.92 -30.39 -8.87
CA SER F 188 -39.36 -31.29 -7.82
C SER F 188 -40.16 -32.61 -7.81
N ARG F 189 -39.51 -33.74 -7.47
CA ARG F 189 -40.21 -35.02 -7.20
C ARG F 189 -41.01 -34.89 -5.90
N PHE F 190 -40.75 -33.84 -5.11
CA PHE F 190 -41.34 -33.66 -3.76
C PHE F 190 -42.28 -32.48 -3.77
N GLU F 191 -43.14 -32.41 -2.75
CA GLU F 191 -44.03 -31.26 -2.49
C GLU F 191 -43.97 -30.95 -1.00
N ILE F 192 -44.19 -29.68 -0.67
CA ILE F 192 -44.19 -29.17 0.72
C ILE F 192 -45.63 -29.22 1.26
N LEU F 193 -45.81 -29.83 2.42
CA LEU F 193 -47.09 -29.88 3.16
C LEU F 193 -47.15 -28.70 4.11
N ASP F 194 -46.06 -28.39 4.79
CA ASP F 194 -46.02 -27.35 5.84
C ASP F 194 -44.56 -26.94 6.14
N VAL F 195 -44.36 -25.66 6.46
CA VAL F 195 -43.09 -25.12 7.01
C VAL F 195 -43.45 -24.33 8.26
N THR F 196 -42.83 -24.64 9.40
CA THR F 196 -42.89 -23.81 10.63
C THR F 196 -41.47 -23.38 10.99
N GLN F 197 -41.31 -22.19 11.53
CA GLN F 197 -40.01 -21.55 11.86
C GLN F 197 -40.15 -20.95 13.25
N LYS F 198 -39.51 -21.52 14.26
CA LYS F 198 -39.70 -21.14 15.69
C LYS F 198 -38.34 -20.83 16.35
N LYS F 199 -38.34 -19.96 17.36
CA LYS F 199 -37.10 -19.59 18.07
C LYS F 199 -36.82 -20.58 19.19
N ASN F 200 -35.55 -20.99 19.32
CA ASN F 200 -34.99 -21.74 20.47
C ASN F 200 -33.87 -20.92 21.11
N SER F 201 -33.66 -21.14 22.41
CA SER F 201 -32.53 -20.60 23.19
C SER F 201 -31.86 -21.78 23.89
N VAL F 202 -30.60 -22.09 23.57
CA VAL F 202 -29.89 -23.31 24.07
C VAL F 202 -28.69 -22.87 24.92
N THR F 203 -28.57 -23.45 26.11
CA THR F 203 -27.36 -23.42 26.97
C THR F 203 -26.67 -24.78 26.85
N TYR F 204 -25.39 -24.79 26.48
CA TYR F 204 -24.53 -26.01 26.42
C TYR F 204 -23.78 -26.15 27.76
N SER F 205 -23.42 -27.37 28.14
CA SER F 205 -22.77 -27.67 29.46
C SER F 205 -21.44 -26.91 29.58
N CYS F 206 -20.65 -26.87 28.51
CA CYS F 206 -19.34 -26.18 28.39
C CYS F 206 -19.39 -24.74 28.94
N CYS F 207 -20.48 -24.02 28.69
CA CYS F 207 -20.49 -22.55 28.50
C CYS F 207 -21.66 -21.91 29.25
N PRO F 208 -21.44 -20.78 29.94
CA PRO F 208 -22.46 -20.18 30.81
C PRO F 208 -23.60 -19.50 30.05
N GLU F 209 -23.37 -19.10 28.79
CA GLU F 209 -24.29 -18.23 28.01
C GLU F 209 -25.25 -19.09 27.20
N ALA F 210 -26.44 -18.54 26.93
CA ALA F 210 -27.44 -19.09 25.98
C ALA F 210 -27.15 -18.60 24.55
N TYR F 211 -27.34 -19.47 23.57
CA TYR F 211 -27.20 -19.22 22.12
C TYR F 211 -28.58 -19.37 21.46
N GLU F 212 -29.01 -18.38 20.69
CA GLU F 212 -30.32 -18.42 20.01
C GLU F 212 -30.20 -19.11 18.65
N ASP F 213 -31.29 -19.73 18.24
CA ASP F 213 -31.35 -20.46 16.95
C ASP F 213 -32.79 -20.36 16.48
N VAL F 214 -32.97 -20.39 15.16
CA VAL F 214 -34.28 -20.63 14.52
C VAL F 214 -34.30 -22.10 14.13
N GLU F 215 -35.34 -22.80 14.56
CA GLU F 215 -35.62 -24.20 14.15
C GLU F 215 -36.67 -24.15 13.05
N VAL F 216 -36.33 -24.67 11.88
CA VAL F 216 -37.22 -24.71 10.69
C VAL F 216 -37.64 -26.17 10.52
N SER F 217 -38.94 -26.43 10.54
CA SER F 217 -39.53 -27.79 10.31
C SER F 217 -40.13 -27.84 8.91
N LEU F 218 -39.53 -28.65 8.06
CA LEU F 218 -39.95 -28.85 6.65
C LEU F 218 -40.72 -30.17 6.59
N ASN F 219 -42.04 -30.10 6.48
CA ASN F 219 -42.92 -31.28 6.28
C ASN F 219 -43.14 -31.42 4.77
N PHE F 220 -42.61 -32.50 4.18
CA PHE F 220 -42.64 -32.72 2.72
C PHE F 220 -42.87 -34.20 2.43
N ARG F 221 -43.25 -34.53 1.20
CA ARG F 221 -43.45 -35.94 0.77
C ARG F 221 -43.19 -36.08 -0.72
N LYS F 222 -42.91 -37.31 -1.16
CA LYS F 222 -42.82 -37.68 -2.61
C LYS F 222 -44.20 -37.48 -3.24
N LYS F 223 -44.26 -36.90 -4.44
CA LYS F 223 -45.52 -36.68 -5.17
C LYS F 223 -46.12 -38.02 -5.63
N GLY F 224 -45.32 -38.97 -6.14
CA GLY F 224 -45.74 -40.36 -6.41
C GLY F 224 -46.17 -40.52 -7.86
N LEU G 20 -12.45 0.43 26.60
CA LEU G 20 -12.22 -0.14 25.26
C LEU G 20 -13.54 -0.74 24.80
N ASP G 21 -13.98 -0.46 23.57
CA ASP G 21 -15.12 -1.16 22.95
C ASP G 21 -14.59 -2.24 22.00
N ARG G 22 -15.50 -3.05 21.46
CA ARG G 22 -15.21 -4.15 20.52
C ARG G 22 -14.41 -3.63 19.34
N ALA G 23 -14.81 -2.50 18.78
CA ALA G 23 -14.20 -1.91 17.56
C ALA G 23 -12.72 -1.64 17.82
N ASP G 24 -12.36 -1.11 18.99
CA ASP G 24 -10.97 -0.77 19.38
C ASP G 24 -10.15 -2.07 19.54
N ILE G 25 -10.70 -3.05 20.24
CA ILE G 25 -10.02 -4.36 20.48
C ILE G 25 -9.73 -5.02 19.13
N LEU G 26 -10.73 -5.08 18.25
CA LEU G 26 -10.58 -5.79 16.94
C LEU G 26 -9.62 -5.01 16.06
N TYR G 27 -9.60 -3.68 16.12
CA TYR G 27 -8.59 -2.83 15.43
C TYR G 27 -7.20 -3.18 15.95
N ASN G 28 -7.00 -3.19 17.28
CA ASN G 28 -5.68 -3.49 17.89
C ASN G 28 -5.18 -4.87 17.43
N ILE G 29 -6.06 -5.87 17.44
CA ILE G 29 -5.70 -7.26 17.03
C ILE G 29 -5.35 -7.27 15.53
N ARG G 30 -6.17 -6.67 14.70
CA ARG G 30 -5.91 -6.64 13.23
C ARG G 30 -4.56 -5.94 12.97
N GLN G 31 -4.26 -4.84 13.65
CA GLN G 31 -3.04 -4.01 13.35
C GLN G 31 -1.77 -4.68 13.86
N THR G 32 -1.81 -5.53 14.89
CA THR G 32 -0.59 -6.09 15.56
C THR G 32 -0.52 -7.63 15.55
N SER G 33 -1.54 -8.28 15.01
CA SER G 33 -1.60 -9.70 14.67
C SER G 33 -0.41 -10.07 13.79
N ARG G 34 0.36 -10.96 14.37
CA ARG G 34 1.44 -11.73 13.70
C ARG G 34 0.97 -13.17 13.59
N PRO G 35 0.11 -13.51 12.60
CA PRO G 35 -0.45 -14.86 12.47
C PRO G 35 0.58 -15.95 12.15
N ASP G 36 1.77 -15.54 11.67
CA ASP G 36 2.87 -16.47 11.31
CA ASP G 36 2.92 -16.39 11.29
C ASP G 36 3.73 -16.76 12.53
N VAL G 37 3.51 -16.08 13.66
CA VAL G 37 4.42 -16.13 14.82
C VAL G 37 3.79 -16.93 15.98
N ILE G 38 4.32 -18.11 16.26
CA ILE G 38 3.91 -18.96 17.42
C ILE G 38 4.09 -18.14 18.71
N PRO G 39 3.06 -18.01 19.58
CA PRO G 39 3.18 -17.17 20.78
C PRO G 39 3.79 -17.90 21.99
N THR G 40 5.04 -18.35 21.87
CA THR G 40 5.78 -18.99 22.99
C THR G 40 6.05 -17.94 24.07
N GLN G 41 5.98 -18.33 25.34
CA GLN G 41 6.37 -17.49 26.50
C GLN G 41 7.66 -18.07 27.07
N ARG G 42 8.72 -17.25 27.22
CA ARG G 42 9.97 -17.59 27.95
C ARG G 42 10.41 -19.02 27.58
N ASP G 43 10.46 -19.32 26.28
CA ASP G 43 11.00 -20.58 25.70
C ASP G 43 10.27 -21.83 26.23
N ARG G 44 9.04 -21.68 26.73
CA ARG G 44 8.15 -22.82 27.08
C ARG G 44 7.26 -23.11 25.86
N PRO G 45 6.79 -24.37 25.69
CA PRO G 45 5.90 -24.69 24.58
C PRO G 45 4.57 -23.95 24.72
N VAL G 46 3.91 -23.70 23.60
CA VAL G 46 2.48 -23.31 23.60
C VAL G 46 1.67 -24.57 23.95
N ALA G 47 0.89 -24.50 25.03
CA ALA G 47 0.01 -25.61 25.47
C ALA G 47 -1.29 -25.54 24.68
N VAL G 48 -1.48 -26.45 23.74
CA VAL G 48 -2.71 -26.55 22.91
C VAL G 48 -3.55 -27.71 23.46
N SER G 49 -4.81 -27.46 23.80
CA SER G 49 -5.81 -28.50 24.12
C SER G 49 -6.68 -28.75 22.89
N VAL G 50 -6.88 -30.03 22.55
CA VAL G 50 -7.62 -30.47 21.33
C VAL G 50 -8.49 -31.66 21.69
N SER G 51 -9.78 -31.60 21.38
CA SER G 51 -10.79 -32.62 21.73
C SER G 51 -11.88 -32.67 20.65
N LEU G 52 -12.13 -33.84 20.06
CA LEU G 52 -13.16 -33.99 18.99
C LEU G 52 -14.53 -34.32 19.62
N LYS G 53 -15.57 -33.56 19.32
CA LYS G 53 -16.98 -33.91 19.55
C LYS G 53 -17.62 -34.43 18.27
N PHE G 54 -17.91 -35.72 18.22
CA PHE G 54 -18.48 -36.36 17.02
C PHE G 54 -19.95 -35.95 16.86
N ILE G 55 -20.30 -35.56 15.64
CA ILE G 55 -21.66 -35.05 15.27
C ILE G 55 -22.33 -36.05 14.34
N ASN G 56 -21.59 -36.70 13.46
CA ASN G 56 -22.19 -37.66 12.51
C ASN G 56 -21.12 -38.61 11.98
N ILE G 57 -21.55 -39.82 11.63
CA ILE G 57 -20.78 -40.84 10.88
C ILE G 57 -21.63 -41.12 9.63
N LEU G 58 -21.13 -40.74 8.46
CA LEU G 58 -21.94 -40.61 7.22
C LEU G 58 -21.76 -41.84 6.34
N GLU G 59 -20.54 -42.34 6.25
CA GLU G 59 -20.20 -43.49 5.39
C GLU G 59 -19.11 -44.28 6.12
N VAL G 60 -19.26 -45.58 6.07
CA VAL G 60 -18.30 -46.55 6.66
C VAL G 60 -18.12 -47.60 5.57
N ASN G 61 -16.90 -48.06 5.36
CA ASN G 61 -16.59 -49.14 4.40
C ASN G 61 -15.66 -50.14 5.11
N GLU G 62 -16.19 -51.31 5.45
CA GLU G 62 -15.49 -52.35 6.21
C GLU G 62 -14.46 -53.03 5.31
N ILE G 63 -14.66 -53.00 3.99
CA ILE G 63 -13.71 -53.56 2.98
C ILE G 63 -12.47 -52.66 2.90
N THR G 64 -12.65 -51.35 2.71
CA THR G 64 -11.53 -50.39 2.48
C THR G 64 -11.00 -49.84 3.80
N ASN G 65 -11.72 -50.05 4.91
CA ASN G 65 -11.33 -49.51 6.24
C ASN G 65 -11.28 -47.97 6.14
N GLU G 66 -12.37 -47.35 5.70
CA GLU G 66 -12.49 -45.88 5.57
C GLU G 66 -13.78 -45.43 6.24
N VAL G 67 -13.75 -44.26 6.87
CA VAL G 67 -14.95 -43.63 7.50
C VAL G 67 -14.99 -42.15 7.08
N ASP G 68 -16.19 -41.64 6.88
CA ASP G 68 -16.50 -40.22 6.63
C ASP G 68 -17.24 -39.73 7.88
N VAL G 69 -16.69 -38.74 8.57
CA VAL G 69 -17.16 -38.27 9.90
C VAL G 69 -17.33 -36.75 9.87
N VAL G 70 -18.29 -36.25 10.65
CA VAL G 70 -18.41 -34.80 10.99
C VAL G 70 -18.14 -34.67 12.47
N PHE G 71 -17.24 -33.77 12.85
CA PHE G 71 -16.86 -33.50 14.27
C PHE G 71 -16.59 -32.02 14.47
N TRP G 72 -16.80 -31.56 15.70
CA TRP G 72 -16.36 -30.24 16.19
C TRP G 72 -14.98 -30.42 16.80
N GLN G 73 -13.98 -29.72 16.27
CA GLN G 73 -12.59 -29.83 16.76
C GLN G 73 -12.34 -28.71 17.78
N GLN G 74 -12.67 -28.96 19.03
CA GLN G 74 -12.50 -27.98 20.13
C GLN G 74 -11.01 -27.78 20.38
N THR G 75 -10.52 -26.56 20.15
CA THR G 75 -9.08 -26.21 20.19
C THR G 75 -8.89 -24.95 21.04
N THR G 76 -7.99 -24.98 22.01
CA THR G 76 -7.75 -23.89 22.96
C THR G 76 -6.23 -23.71 23.15
N TRP G 77 -5.81 -22.46 23.32
CA TRP G 77 -4.41 -22.11 23.64
C TRP G 77 -4.41 -20.67 24.11
N SER G 78 -3.28 -20.23 24.64
CA SER G 78 -3.11 -18.85 25.15
C SER G 78 -2.18 -18.09 24.19
N ASP G 79 -2.54 -16.85 23.86
CA ASP G 79 -1.69 -15.91 23.10
C ASP G 79 -1.77 -14.56 23.83
N ARG G 80 -0.80 -14.30 24.69
CA ARG G 80 -0.76 -13.12 25.59
C ARG G 80 -0.67 -11.83 24.76
N THR G 81 -0.21 -11.88 23.51
CA THR G 81 -0.13 -10.66 22.65
C THR G 81 -1.56 -10.16 22.34
N LEU G 82 -2.59 -10.98 22.52
CA LEU G 82 -4.00 -10.60 22.21
C LEU G 82 -4.67 -9.89 23.40
N ALA G 83 -4.07 -9.96 24.59
CA ALA G 83 -4.74 -9.63 25.87
C ALA G 83 -5.07 -8.13 25.95
N TRP G 84 -6.13 -7.77 26.66
CA TRP G 84 -6.49 -6.36 26.94
C TRP G 84 -7.04 -6.26 28.37
N ASN G 85 -7.04 -5.06 28.95
CA ASN G 85 -7.62 -4.75 30.27
C ASN G 85 -9.16 -4.80 30.15
N SER G 86 -9.81 -5.74 30.83
CA SER G 86 -11.27 -6.02 30.70
C SER G 86 -12.13 -5.07 31.55
N SER G 87 -11.53 -4.15 32.33
CA SER G 87 -12.29 -3.13 33.10
C SER G 87 -13.06 -2.23 32.11
N HIS G 88 -14.38 -2.15 32.25
CA HIS G 88 -15.30 -1.38 31.38
C HIS G 88 -15.07 -1.74 29.91
N SER G 89 -14.82 -3.02 29.61
CA SER G 89 -14.61 -3.53 28.24
C SER G 89 -15.25 -4.90 28.12
N PRO G 90 -15.53 -5.39 26.89
CA PRO G 90 -15.99 -6.76 26.70
C PRO G 90 -14.98 -7.77 27.28
N ASP G 91 -15.48 -8.90 27.77
CA ASP G 91 -14.65 -10.00 28.30
C ASP G 91 -14.11 -10.83 27.13
N GLN G 92 -14.79 -10.83 25.98
CA GLN G 92 -14.51 -11.71 24.83
C GLN G 92 -14.93 -11.04 23.53
N VAL G 93 -14.23 -11.35 22.43
CA VAL G 93 -14.62 -10.93 21.06
C VAL G 93 -14.46 -12.13 20.12
N SER G 94 -15.16 -12.06 18.99
CA SER G 94 -15.03 -13.01 17.87
C SER G 94 -14.04 -12.43 16.85
N VAL G 95 -13.05 -13.20 16.45
CA VAL G 95 -11.93 -12.76 15.58
C VAL G 95 -11.77 -13.75 14.45
N PRO G 96 -11.66 -13.29 13.18
CA PRO G 96 -11.36 -14.20 12.08
C PRO G 96 -9.99 -14.86 12.31
N ILE G 97 -9.88 -16.16 12.07
CA ILE G 97 -8.62 -16.92 12.33
C ILE G 97 -7.53 -16.41 11.40
N SER G 98 -7.86 -15.77 10.27
CA SER G 98 -6.84 -15.16 9.36
C SER G 98 -6.09 -14.03 10.09
N SER G 99 -6.63 -13.47 11.17
CA SER G 99 -5.94 -12.42 11.96
C SER G 99 -5.19 -12.98 13.17
N LEU G 100 -5.13 -14.30 13.35
CA LEU G 100 -4.56 -14.93 14.58
C LEU G 100 -3.57 -15.99 14.18
N TRP G 101 -2.57 -16.23 15.02
CA TRP G 101 -1.81 -17.50 14.95
C TRP G 101 -2.75 -18.63 15.36
N VAL G 102 -2.76 -19.71 14.60
CA VAL G 102 -3.50 -20.95 14.94
C VAL G 102 -2.53 -22.10 14.86
N PRO G 103 -2.62 -23.11 15.75
CA PRO G 103 -1.73 -24.27 15.67
C PRO G 103 -1.91 -25.01 14.35
N ASP G 104 -0.78 -25.50 13.80
CA ASP G 104 -0.73 -26.21 12.49
C ASP G 104 -1.08 -27.70 12.71
N LEU G 105 -2.25 -27.99 13.25
CA LEU G 105 -2.70 -29.37 13.57
C LEU G 105 -3.05 -30.09 12.27
N ALA G 106 -2.70 -31.37 12.21
CA ALA G 106 -3.07 -32.29 11.13
C ALA G 106 -3.47 -33.64 11.74
N ALA G 107 -4.42 -34.31 11.09
CA ALA G 107 -4.79 -35.72 11.37
C ALA G 107 -3.91 -36.62 10.50
N TYR G 108 -3.06 -37.42 11.15
CA TYR G 108 -2.02 -38.26 10.48
C TYR G 108 -2.68 -39.30 9.56
N ASN G 109 -3.90 -39.73 9.83
CA ASN G 109 -4.57 -40.80 9.04
C ASN G 109 -5.74 -40.22 8.22
N ALA G 110 -5.80 -38.89 8.03
CA ALA G 110 -6.80 -38.28 7.11
C ALA G 110 -6.44 -38.66 5.67
N ILE G 111 -7.46 -38.98 4.85
CA ILE G 111 -7.29 -39.32 3.40
C ILE G 111 -8.06 -38.33 2.54
N SER G 112 -8.61 -37.26 3.12
CA SER G 112 -9.26 -36.13 2.40
C SER G 112 -8.88 -34.84 3.12
N LYS G 113 -8.99 -33.68 2.47
CA LYS G 113 -8.71 -32.40 3.15
C LYS G 113 -9.87 -32.11 4.08
N PRO G 114 -9.64 -31.42 5.21
CA PRO G 114 -10.75 -31.06 6.09
C PRO G 114 -11.72 -30.12 5.34
N GLU G 115 -13.01 -30.48 5.26
CA GLU G 115 -14.09 -29.59 4.77
C GLU G 115 -14.64 -28.83 6.00
N VAL G 116 -14.32 -27.56 6.14
CA VAL G 116 -14.78 -26.70 7.27
C VAL G 116 -16.21 -26.21 6.93
N LEU G 117 -17.19 -26.54 7.76
CA LEU G 117 -18.62 -26.30 7.48
C LEU G 117 -19.07 -25.00 8.13
N THR G 118 -18.26 -24.40 9.00
CA THR G 118 -18.68 -23.28 9.87
C THR G 118 -17.89 -22.01 9.52
N PRO G 119 -18.37 -20.83 9.94
CA PRO G 119 -17.59 -19.59 9.85
C PRO G 119 -16.25 -19.69 10.57
N GLN G 120 -15.19 -19.20 9.93
CA GLN G 120 -13.79 -19.37 10.42
C GLN G 120 -13.46 -18.23 11.39
N LEU G 121 -14.16 -18.23 12.52
CA LEU G 121 -14.01 -17.27 13.63
C LEU G 121 -13.58 -18.03 14.87
N ALA G 122 -12.71 -17.43 15.67
CA ALA G 122 -12.35 -17.90 17.01
C ALA G 122 -12.93 -16.92 18.04
N ARG G 123 -13.04 -17.37 19.28
CA ARG G 123 -13.39 -16.53 20.45
C ARG G 123 -12.09 -16.20 21.18
N VAL G 124 -11.82 -14.93 21.45
CA VAL G 124 -10.63 -14.47 22.19
C VAL G 124 -11.10 -13.84 23.49
N VAL G 125 -10.58 -14.33 24.62
CA VAL G 125 -10.86 -13.79 25.98
C VAL G 125 -9.82 -12.72 26.28
N SER G 126 -10.16 -11.73 27.10
CA SER G 126 -9.33 -10.55 27.44
C SER G 126 -7.97 -10.96 28.03
N ASP G 127 -7.85 -12.16 28.57
CA ASP G 127 -6.57 -12.67 29.15
C ASP G 127 -5.71 -13.31 28.05
N GLY G 128 -6.19 -13.40 26.82
CA GLY G 128 -5.41 -13.96 25.69
C GLY G 128 -5.72 -15.42 25.40
N GLU G 129 -6.68 -16.02 26.10
CA GLU G 129 -7.13 -17.40 25.78
C GLU G 129 -7.91 -17.36 24.46
N VAL G 130 -7.62 -18.31 23.58
CA VAL G 130 -8.31 -18.44 22.26
C VAL G 130 -9.08 -19.76 22.24
N LEU G 131 -10.32 -19.74 21.81
CA LEU G 131 -11.13 -20.96 21.54
CA LEU G 131 -11.12 -20.97 21.54
C LEU G 131 -11.52 -20.97 20.06
N TYR G 132 -11.07 -21.98 19.33
CA TYR G 132 -11.42 -22.19 17.90
C TYR G 132 -12.06 -23.57 17.82
N MET G 133 -13.30 -23.65 17.37
CA MET G 133 -14.01 -24.93 17.24
C MET G 133 -14.71 -25.00 15.89
N PRO G 134 -13.99 -25.37 14.81
CA PRO G 134 -14.63 -25.57 13.52
C PRO G 134 -15.39 -26.90 13.49
N SER G 135 -16.50 -26.93 12.76
CA SER G 135 -17.16 -28.17 12.32
C SER G 135 -16.49 -28.63 11.05
N ILE G 136 -15.97 -29.86 11.06
CA ILE G 136 -15.16 -30.45 9.98
C ILE G 136 -15.84 -31.74 9.51
N ARG G 137 -15.98 -31.91 8.19
CA ARG G 137 -16.22 -33.21 7.56
C ARG G 137 -14.92 -33.70 6.93
N GLN G 138 -14.49 -34.90 7.27
CA GLN G 138 -13.21 -35.46 6.77
C GLN G 138 -13.31 -36.99 6.71
N ARG G 139 -12.53 -37.58 5.81
CA ARG G 139 -12.41 -39.04 5.61
C ARG G 139 -11.09 -39.53 6.22
N PHE G 140 -11.13 -40.71 6.86
CA PHE G 140 -10.00 -41.32 7.59
C PHE G 140 -9.83 -42.78 7.20
N SER G 141 -8.56 -43.22 7.23
CA SER G 141 -8.14 -44.63 7.18
C SER G 141 -8.04 -45.14 8.62
N CYS G 142 -8.90 -46.08 9.00
CA CYS G 142 -8.89 -46.62 10.39
C CYS G 142 -9.62 -47.97 10.45
N ASP G 143 -9.57 -48.62 11.60
CA ASP G 143 -10.10 -49.99 11.80
C ASP G 143 -11.63 -49.94 11.90
N VAL G 144 -12.30 -50.38 10.83
CA VAL G 144 -13.78 -50.43 10.75
C VAL G 144 -14.28 -51.84 11.12
N SER G 145 -13.38 -52.79 11.34
CA SER G 145 -13.75 -54.21 11.64
C SER G 145 -14.58 -54.27 12.91
N GLY G 146 -15.72 -54.98 12.86
CA GLY G 146 -16.59 -55.18 14.05
C GLY G 146 -17.70 -54.15 14.13
N VAL G 147 -17.85 -53.31 13.12
CA VAL G 147 -18.84 -52.19 13.14
C VAL G 147 -20.26 -52.78 13.23
N ASP G 148 -20.52 -53.96 12.66
CA ASP G 148 -21.87 -54.60 12.65
C ASP G 148 -21.99 -55.63 13.78
N THR G 149 -21.19 -55.51 14.84
CA THR G 149 -21.26 -56.37 16.05
C THR G 149 -21.64 -55.49 17.24
N GLU G 150 -21.94 -56.13 18.37
CA GLU G 150 -22.40 -55.48 19.62
C GLU G 150 -21.27 -54.62 20.20
N SER G 151 -20.03 -55.09 20.17
CA SER G 151 -18.88 -54.38 20.80
C SER G 151 -18.34 -53.30 19.83
N GLY G 152 -18.73 -53.36 18.55
CA GLY G 152 -18.54 -52.24 17.59
C GLY G 152 -17.10 -52.17 17.08
N ALA G 153 -16.82 -51.18 16.25
CA ALA G 153 -15.47 -50.86 15.73
C ALA G 153 -14.83 -49.81 16.63
N THR G 154 -13.50 -49.75 16.63
CA THR G 154 -12.72 -48.67 17.27
C THR G 154 -11.83 -48.03 16.18
N CYS G 155 -12.19 -46.80 15.80
CA CYS G 155 -11.47 -45.99 14.78
C CYS G 155 -10.61 -44.98 15.55
N ARG G 156 -9.28 -45.02 15.34
CA ARG G 156 -8.32 -44.14 16.05
CA ARG G 156 -8.31 -44.13 16.05
C ARG G 156 -7.90 -43.01 15.09
N ILE G 157 -7.99 -41.76 15.56
CA ILE G 157 -7.56 -40.56 14.80
C ILE G 157 -6.45 -39.89 15.59
N LYS G 158 -5.28 -39.72 14.99
CA LYS G 158 -4.12 -39.05 15.64
C LYS G 158 -4.00 -37.62 15.11
N ILE G 159 -3.98 -36.64 16.02
CA ILE G 159 -3.88 -35.20 15.69
C ILE G 159 -2.67 -34.61 16.41
N GLY G 160 -1.80 -33.92 15.68
CA GLY G 160 -0.63 -33.22 16.24
C GLY G 160 -0.17 -32.09 15.34
N SER G 161 0.76 -31.28 15.84
CA SER G 161 1.43 -30.22 15.06
C SER G 161 2.18 -30.88 13.90
N TRP G 162 2.01 -30.35 12.70
CA TRP G 162 2.73 -30.86 11.51
C TRP G 162 4.21 -30.44 11.56
N THR G 163 4.56 -29.26 12.09
CA THR G 163 5.95 -28.77 11.97
C THR G 163 6.59 -28.41 13.32
N HIS G 164 5.85 -28.37 14.42
CA HIS G 164 6.39 -27.94 15.74
C HIS G 164 6.56 -29.16 16.65
N HIS G 165 7.78 -29.36 17.16
CA HIS G 165 8.11 -30.43 18.15
C HIS G 165 7.68 -29.99 19.56
N SER G 166 7.87 -30.88 20.54
CA SER G 166 7.30 -30.78 21.92
C SER G 166 7.85 -29.58 22.68
N ARG G 167 8.99 -29.01 22.29
CA ARG G 167 9.51 -27.79 22.98
C ARG G 167 8.81 -26.54 22.44
N GLU G 168 8.04 -26.63 21.35
CA GLU G 168 7.34 -25.45 20.76
C GLU G 168 5.83 -25.61 20.95
N ILE G 169 5.27 -26.79 20.71
CA ILE G 169 3.82 -27.08 20.91
C ILE G 169 3.70 -28.38 21.69
N SER G 170 2.92 -28.33 22.78
CA SER G 170 2.40 -29.53 23.47
C SER G 170 0.91 -29.64 23.16
N VAL G 171 0.42 -30.86 22.95
CA VAL G 171 -1.01 -31.18 22.74
C VAL G 171 -1.46 -32.04 23.91
N ASP G 172 -2.57 -31.69 24.53
CA ASP G 172 -3.32 -32.46 25.55
C ASP G 172 -4.80 -32.48 25.18
N PRO G 173 -5.61 -33.46 25.65
CA PRO G 173 -7.06 -33.39 25.52
C PRO G 173 -7.56 -32.21 26.35
N THR G 174 -8.67 -31.61 25.92
CA THR G 174 -9.44 -30.62 26.70
C THR G 174 -10.09 -31.36 27.87
N THR G 175 -10.66 -30.60 28.78
CA THR G 175 -11.30 -31.11 30.02
C THR G 175 -12.77 -31.45 29.72
N GLU G 176 -13.25 -31.26 28.48
CA GLU G 176 -14.71 -31.33 28.14
C GLU G 176 -15.29 -32.58 28.82
N ASN G 177 -16.34 -32.41 29.62
CA ASN G 177 -16.98 -33.45 30.46
C ASN G 177 -18.49 -33.45 30.17
N SER G 178 -18.84 -33.99 29.01
CA SER G 178 -20.25 -34.19 28.58
C SER G 178 -20.38 -35.60 27.98
N ASP G 179 -21.60 -36.09 27.86
CA ASP G 179 -21.91 -37.33 27.09
C ASP G 179 -21.18 -37.22 25.74
N ASP G 180 -20.38 -38.20 25.37
CA ASP G 180 -19.73 -38.36 24.03
C ASP G 180 -20.74 -38.29 22.88
N SER G 181 -22.03 -38.58 23.14
CA SER G 181 -23.13 -38.56 22.16
C SER G 181 -24.07 -37.37 22.36
N GLU G 182 -23.71 -36.36 23.14
CA GLU G 182 -24.59 -35.21 23.48
C GLU G 182 -24.99 -34.45 22.20
N TYR G 183 -24.07 -34.34 21.24
CA TYR G 183 -24.26 -33.56 19.98
C TYR G 183 -24.34 -34.55 18.81
N PHE G 184 -24.19 -35.84 19.01
CA PHE G 184 -24.22 -36.82 17.91
C PHE G 184 -25.64 -36.86 17.32
N SER G 185 -25.76 -36.94 15.99
CA SER G 185 -27.06 -36.95 15.28
C SER G 185 -27.82 -38.22 15.64
N GLN G 186 -29.08 -38.07 16.07
CA GLN G 186 -29.98 -39.22 16.37
C GLN G 186 -30.35 -39.91 15.04
N TYR G 187 -30.11 -39.27 13.89
CA TYR G 187 -30.57 -39.78 12.57
C TYR G 187 -29.44 -40.52 11.82
N SER G 188 -28.23 -40.55 12.35
CA SER G 188 -27.12 -41.40 11.83
C SER G 188 -27.56 -42.88 11.84
N ARG G 189 -27.07 -43.68 10.89
CA ARG G 189 -27.21 -45.16 10.90
C ARG G 189 -26.35 -45.74 12.02
N PHE G 190 -25.44 -44.94 12.58
CA PHE G 190 -24.45 -45.42 13.59
C PHE G 190 -24.76 -44.79 14.95
N GLU G 191 -24.18 -45.37 16.00
CA GLU G 191 -24.27 -44.82 17.38
C GLU G 191 -22.89 -44.97 18.01
N ILE G 192 -22.58 -44.06 18.93
CA ILE G 192 -21.30 -44.01 19.67
C ILE G 192 -21.45 -44.80 20.97
N LEU G 193 -20.53 -45.74 21.20
CA LEU G 193 -20.43 -46.51 22.45
C LEU G 193 -19.51 -45.75 23.42
N ASP G 194 -18.40 -45.21 22.92
CA ASP G 194 -17.39 -44.53 23.77
C ASP G 194 -16.41 -43.70 22.92
N VAL G 195 -15.97 -42.58 23.46
CA VAL G 195 -14.86 -41.77 22.89
C VAL G 195 -13.81 -41.57 23.99
N THR G 196 -12.58 -41.99 23.75
CA THR G 196 -11.46 -41.81 24.69
C THR G 196 -10.35 -41.07 23.95
N GLN G 197 -9.55 -40.29 24.69
CA GLN G 197 -8.51 -39.37 24.17
C GLN G 197 -7.26 -39.62 25.02
N LYS G 198 -6.14 -40.08 24.42
CA LYS G 198 -4.85 -40.15 25.14
C LYS G 198 -3.77 -39.31 24.44
N LYS G 199 -2.87 -38.73 25.23
CA LYS G 199 -1.69 -38.01 24.73
C LYS G 199 -0.57 -39.01 24.43
N ASN G 200 0.12 -38.82 23.30
CA ASN G 200 1.35 -39.54 22.87
C ASN G 200 2.45 -38.50 22.61
N SER G 201 3.70 -38.87 22.88
CA SER G 201 4.92 -38.11 22.52
C SER G 201 5.83 -39.05 21.72
N VAL G 202 6.05 -38.78 20.43
CA VAL G 202 6.69 -39.74 19.49
C VAL G 202 7.98 -39.10 18.97
N THR G 203 9.07 -39.88 19.01
CA THR G 203 10.34 -39.60 18.31
C THR G 203 10.41 -40.54 17.09
N TYR G 204 10.56 -39.95 15.89
CA TYR G 204 10.68 -40.68 14.60
C TYR G 204 12.18 -40.86 14.30
N SER G 205 12.52 -41.88 13.49
CA SER G 205 13.91 -42.23 13.11
C SER G 205 14.59 -41.04 12.42
N CYS G 206 13.87 -40.36 11.52
CA CYS G 206 14.34 -39.18 10.72
C CYS G 206 15.00 -38.11 11.63
N CYS G 207 14.45 -37.88 12.82
CA CYS G 207 14.44 -36.54 13.49
C CYS G 207 14.77 -36.66 14.98
N PRO G 208 15.60 -35.76 15.53
CA PRO G 208 16.02 -35.86 16.92
C PRO G 208 14.94 -35.46 17.95
N GLU G 209 13.93 -34.66 17.55
CA GLU G 209 12.94 -34.10 18.51
C GLU G 209 11.73 -35.04 18.64
N ALA G 210 11.05 -34.96 19.78
CA ALA G 210 9.73 -35.57 20.05
C ALA G 210 8.59 -34.64 19.58
N TYR G 211 7.56 -35.22 18.96
CA TYR G 211 6.33 -34.57 18.47
C TYR G 211 5.12 -35.09 19.23
N GLU G 212 4.29 -34.20 19.76
CA GLU G 212 3.11 -34.60 20.57
C GLU G 212 1.90 -34.81 19.67
N ASP G 213 1.02 -35.68 20.11
CA ASP G 213 -0.24 -35.98 19.39
C ASP G 213 -1.28 -36.37 20.44
N VAL G 214 -2.55 -36.10 20.15
CA VAL G 214 -3.70 -36.70 20.87
C VAL G 214 -4.19 -37.81 19.96
N GLU G 215 -4.35 -39.01 20.50
CA GLU G 215 -5.03 -40.15 19.85
C GLU G 215 -6.46 -40.20 20.38
N VAL G 216 -7.42 -40.08 19.47
CA VAL G 216 -8.88 -40.14 19.78
C VAL G 216 -9.38 -41.49 19.28
N SER G 217 -9.96 -42.30 20.17
CA SER G 217 -10.57 -43.62 19.86
C SER G 217 -12.08 -43.46 19.84
N LEU G 218 -12.68 -43.63 18.66
CA LEU G 218 -14.14 -43.61 18.44
C LEU G 218 -14.59 -45.08 18.39
N ASN G 219 -15.26 -45.53 19.46
CA ASN G 219 -15.91 -46.86 19.53
C ASN G 219 -17.36 -46.65 19.10
N PHE G 220 -17.75 -47.21 17.96
CA PHE G 220 -19.08 -46.98 17.35
C PHE G 220 -19.57 -48.28 16.72
N ARG G 221 -20.86 -48.37 16.43
CA ARG G 221 -21.45 -49.55 15.72
C ARG G 221 -22.68 -49.12 14.93
N LYS G 222 -23.06 -49.95 13.95
CA LYS G 222 -24.35 -49.81 13.20
C LYS G 222 -25.50 -50.04 14.19
N LYS G 223 -26.54 -49.22 14.14
CA LYS G 223 -27.75 -49.38 14.99
C LYS G 223 -28.53 -50.63 14.54
N GLY G 224 -29.14 -51.32 15.51
CA GLY G 224 -30.31 -52.20 15.40
C GLY G 224 -30.94 -52.34 14.02
N ARG G 225 -31.93 -51.49 13.68
CA ARG G 225 -32.71 -51.61 12.42
C ARG G 225 -32.88 -53.09 12.08
N LEU H 20 17.91 -12.17 18.29
CA LEU H 20 16.82 -12.26 17.32
C LEU H 20 15.79 -13.25 17.88
N ASP H 21 14.51 -12.85 17.91
CA ASP H 21 13.42 -13.77 18.28
C ASP H 21 12.73 -14.26 17.00
N ARG H 22 11.77 -15.19 17.14
CA ARG H 22 11.01 -15.79 16.02
C ARG H 22 10.35 -14.70 15.20
N ALA H 23 9.74 -13.72 15.86
CA ALA H 23 8.96 -12.65 15.22
C ALA H 23 9.86 -11.87 14.25
N ASP H 24 11.10 -11.57 14.68
CA ASP H 24 12.10 -10.80 13.87
C ASP H 24 12.53 -11.64 12.66
N ILE H 25 12.86 -12.92 12.88
CA ILE H 25 13.32 -13.84 11.81
C ILE H 25 12.21 -13.95 10.76
N LEU H 26 10.96 -14.19 11.17
CA LEU H 26 9.85 -14.39 10.21
C LEU H 26 9.55 -13.09 9.47
N TYR H 27 9.68 -11.93 10.15
CA TYR H 27 9.55 -10.61 9.48
C TYR H 27 10.67 -10.48 8.41
N ASN H 28 11.91 -10.75 8.78
CA ASN H 28 13.08 -10.63 7.85
C ASN H 28 12.86 -11.54 6.63
N ILE H 29 12.42 -12.77 6.85
CA ILE H 29 12.19 -13.75 5.74
C ILE H 29 11.05 -13.21 4.86
N ARG H 30 9.93 -12.79 5.44
CA ARG H 30 8.78 -12.30 4.63
C ARG H 30 9.27 -11.09 3.78
N GLN H 31 10.05 -10.18 4.35
CA GLN H 31 10.44 -8.91 3.66
C GLN H 31 11.48 -9.17 2.55
N THR H 32 12.35 -10.19 2.65
CA THR H 32 13.54 -10.32 1.77
C THR H 32 13.65 -11.68 1.09
N SER H 33 12.73 -12.62 1.33
CA SER H 33 12.96 -14.05 0.86
C SER H 33 13.05 -14.26 -0.68
N ARG H 34 12.39 -13.43 -1.51
CA ARG H 34 12.27 -13.50 -2.99
C ARG H 34 11.75 -14.88 -3.43
N PRO H 35 10.44 -15.16 -3.24
CA PRO H 35 9.89 -16.49 -3.52
C PRO H 35 9.93 -16.90 -5.00
N ASP H 36 10.09 -15.94 -5.89
CA ASP H 36 10.14 -16.11 -7.36
C ASP H 36 11.58 -16.46 -7.79
N VAL H 37 12.57 -16.34 -6.90
CA VAL H 37 14.01 -16.39 -7.27
C VAL H 37 14.63 -17.70 -6.79
N ILE H 38 14.97 -18.58 -7.72
CA ILE H 38 15.69 -19.85 -7.42
C ILE H 38 17.02 -19.49 -6.73
N PRO H 39 17.35 -20.08 -5.55
CA PRO H 39 18.53 -19.67 -4.79
C PRO H 39 19.82 -20.38 -5.23
N THR H 40 20.24 -20.20 -6.48
CA THR H 40 21.52 -20.77 -7.00
C THR H 40 22.69 -20.10 -6.30
N GLN H 41 23.74 -20.87 -5.98
CA GLN H 41 25.03 -20.35 -5.43
C GLN H 41 26.07 -20.48 -6.55
N ARG H 42 26.76 -19.38 -6.86
CA ARG H 42 27.92 -19.33 -7.79
C ARG H 42 27.65 -20.23 -9.02
N ASP H 43 26.48 -20.05 -9.64
CA ASP H 43 26.10 -20.67 -10.93
C ASP H 43 26.09 -22.21 -10.85
N ARG H 44 26.01 -22.79 -9.65
CA ARG H 44 25.78 -24.25 -9.46
C ARG H 44 24.28 -24.50 -9.33
N PRO H 45 23.78 -25.68 -9.76
CA PRO H 45 22.36 -25.99 -9.61
C PRO H 45 21.96 -26.05 -8.12
N VAL H 46 20.69 -25.74 -7.82
CA VAL H 46 20.11 -25.98 -6.48
C VAL H 46 19.90 -27.49 -6.33
N ALA H 47 20.52 -28.11 -5.33
CA ALA H 47 20.37 -29.56 -5.05
C ALA H 47 19.10 -29.76 -4.23
N VAL H 48 18.07 -30.32 -4.85
CA VAL H 48 16.79 -30.66 -4.18
C VAL H 48 16.78 -32.17 -3.93
N SER H 49 16.58 -32.59 -2.67
CA SER H 49 16.35 -34.01 -2.31
C SER H 49 14.86 -34.25 -2.14
N VAL H 50 14.37 -35.35 -2.70
CA VAL H 50 12.96 -35.79 -2.64
C VAL H 50 12.95 -37.27 -2.25
N SER H 51 12.16 -37.61 -1.23
CA SER H 51 11.81 -38.99 -0.84
C SER H 51 10.32 -39.07 -0.54
N LEU H 52 9.60 -39.98 -1.19
CA LEU H 52 8.17 -40.26 -0.89
C LEU H 52 8.08 -41.28 0.23
N LYS H 53 7.30 -40.97 1.27
CA LYS H 53 6.86 -41.92 2.31
C LYS H 53 5.42 -42.29 1.98
N PHE H 54 5.16 -43.51 1.52
CA PHE H 54 3.79 -43.98 1.19
C PHE H 54 2.99 -44.17 2.48
N ILE H 55 1.79 -43.63 2.51
CA ILE H 55 0.89 -43.69 3.70
C ILE H 55 -0.31 -44.57 3.38
N ASN H 56 -0.82 -44.50 2.15
CA ASN H 56 -2.02 -45.29 1.80
C ASN H 56 -2.12 -45.44 0.29
N ILE H 57 -2.75 -46.54 -0.12
CA ILE H 57 -3.20 -46.83 -1.50
C ILE H 57 -4.70 -47.02 -1.41
N LEU H 58 -5.47 -46.10 -2.00
CA LEU H 58 -6.92 -45.92 -1.73
C LEU H 58 -7.77 -46.61 -2.80
N GLU H 59 -7.36 -46.51 -4.05
CA GLU H 59 -8.12 -47.06 -5.20
C GLU H 59 -7.10 -47.50 -6.24
N VAL H 60 -7.35 -48.66 -6.82
CA VAL H 60 -6.49 -49.27 -7.86
C VAL H 60 -7.45 -49.78 -8.93
N ASN H 61 -7.11 -49.60 -10.20
CA ASN H 61 -7.92 -50.11 -11.33
C ASN H 61 -6.96 -50.77 -12.32
N GLU H 62 -7.00 -52.10 -12.39
CA GLU H 62 -6.07 -52.91 -13.22
C GLU H 62 -6.48 -52.77 -14.70
N ILE H 63 -7.74 -52.43 -14.98
CA ILE H 63 -8.25 -52.21 -16.37
C ILE H 63 -7.69 -50.88 -16.91
N THR H 64 -7.82 -49.80 -16.16
CA THR H 64 -7.43 -48.42 -16.62
C THR H 64 -5.97 -48.13 -16.28
N ASN H 65 -5.32 -48.96 -15.44
CA ASN H 65 -3.93 -48.74 -15.01
C ASN H 65 -3.83 -47.38 -14.28
N GLU H 66 -4.67 -47.17 -13.27
CA GLU H 66 -4.72 -45.94 -12.45
C GLU H 66 -4.68 -46.31 -10.97
N VAL H 67 -4.00 -45.52 -10.16
CA VAL H 67 -3.89 -45.68 -8.68
C VAL H 67 -4.11 -44.32 -8.03
N ASP H 68 -4.75 -44.32 -6.87
CA ASP H 68 -4.95 -43.16 -5.98
C ASP H 68 -4.11 -43.44 -4.73
N VAL H 69 -3.15 -42.57 -4.42
CA VAL H 69 -2.12 -42.79 -3.37
C VAL H 69 -2.08 -41.57 -2.44
N VAL H 70 -1.78 -41.81 -1.17
CA VAL H 70 -1.44 -40.75 -0.18
C VAL H 70 0.02 -40.97 0.20
N PHE H 71 0.84 -39.93 0.11
CA PHE H 71 2.29 -39.97 0.44
C PHE H 71 2.73 -38.65 1.04
N TRP H 72 3.74 -38.72 1.89
CA TRP H 72 4.48 -37.54 2.40
C TRP H 72 5.65 -37.29 1.48
N GLN H 73 5.70 -36.11 0.87
CA GLN H 73 6.75 -35.76 -0.10
C GLN H 73 7.84 -34.99 0.62
N GLN H 74 8.79 -35.71 1.21
CA GLN H 74 9.92 -35.12 1.96
C GLN H 74 10.83 -34.40 0.98
N THR H 75 10.95 -33.09 1.12
CA THR H 75 11.66 -32.20 0.15
C THR H 75 12.62 -31.32 0.92
N THR H 76 13.88 -31.27 0.51
CA THR H 76 14.95 -30.53 1.21
C THR H 76 15.81 -29.81 0.20
N TRP H 77 16.26 -28.61 0.57
CA TRP H 77 17.18 -27.81 -0.28
C TRP H 77 17.76 -26.73 0.62
N SER H 78 18.78 -26.05 0.14
CA SER H 78 19.43 -24.96 0.87
C SER H 78 19.07 -23.62 0.20
N ASP H 79 18.71 -22.62 0.99
CA ASP H 79 18.49 -21.23 0.51
C ASP H 79 19.23 -20.30 1.49
N ARG H 80 20.45 -19.92 1.14
CA ARG H 80 21.37 -19.12 1.99
C ARG H 80 20.77 -17.73 2.25
N THR H 81 19.86 -17.23 1.42
CA THR H 81 19.22 -15.91 1.65
C THR H 81 18.32 -15.97 2.90
N LEU H 82 17.97 -17.15 3.40
CA LEU H 82 17.08 -17.30 4.60
C LEU H 82 17.90 -17.27 5.89
N ALA H 83 19.23 -17.44 5.81
CA ALA H 83 20.10 -17.80 6.95
C ALA H 83 20.17 -16.64 7.95
N TRP H 84 20.37 -16.95 9.23
CA TRP H 84 20.57 -15.95 10.31
C TRP H 84 21.60 -16.49 11.28
N ASN H 85 22.23 -15.59 12.05
CA ASN H 85 23.18 -15.98 13.13
C ASN H 85 22.38 -16.53 14.31
N SER H 86 22.59 -17.81 14.64
CA SER H 86 21.79 -18.57 15.63
C SER H 86 22.24 -18.31 17.08
N SER H 87 23.28 -17.50 17.33
CA SER H 87 23.70 -17.15 18.71
C SER H 87 22.56 -16.36 19.38
N HIS H 88 22.09 -16.83 20.52
CA HIS H 88 20.94 -16.27 21.29
C HIS H 88 19.72 -16.06 20.39
N SER H 89 19.46 -16.99 19.46
CA SER H 89 18.28 -16.99 18.58
C SER H 89 17.79 -18.43 18.41
N PRO H 90 16.52 -18.65 18.00
CA PRO H 90 16.06 -19.99 17.67
C PRO H 90 16.93 -20.62 16.56
N ASP H 91 17.08 -21.93 16.58
CA ASP H 91 17.86 -22.68 15.57
C ASP H 91 17.01 -22.92 14.31
N GLN H 92 15.68 -22.91 14.47
CA GLN H 92 14.71 -23.26 13.41
C GLN H 92 13.40 -22.52 13.61
N VAL H 93 12.72 -22.21 12.50
CA VAL H 93 11.34 -21.61 12.53
C VAL H 93 10.49 -22.33 11.50
N SER H 94 9.18 -22.23 11.69
CA SER H 94 8.14 -22.69 10.75
C SER H 94 7.70 -21.49 9.92
N VAL H 95 7.70 -21.63 8.60
CA VAL H 95 7.48 -20.51 7.64
C VAL H 95 6.43 -20.95 6.64
N PRO H 96 5.39 -20.12 6.38
CA PRO H 96 4.45 -20.44 5.30
C PRO H 96 5.22 -20.46 3.96
N ILE H 97 4.93 -21.46 3.11
CA ILE H 97 5.69 -21.64 1.85
C ILE H 97 5.46 -20.44 0.92
N SER H 98 4.38 -19.67 1.08
CA SER H 98 4.14 -18.43 0.28
C SER H 98 5.25 -17.39 0.55
N SER H 99 6.00 -17.50 1.66
CA SER H 99 7.12 -16.58 1.97
C SER H 99 8.47 -17.12 1.51
N LEU H 100 8.51 -18.27 0.81
CA LEU H 100 9.78 -18.94 0.44
C LEU H 100 9.76 -19.28 -1.03
N TRP H 101 10.95 -19.36 -1.64
CA TRP H 101 11.10 -20.10 -2.91
C TRP H 101 10.90 -21.59 -2.59
N VAL H 102 10.11 -22.27 -3.40
CA VAL H 102 9.91 -23.74 -3.33
C VAL H 102 10.16 -24.30 -4.72
N PRO H 103 10.77 -25.48 -4.85
CA PRO H 103 10.99 -26.08 -6.16
C PRO H 103 9.65 -26.36 -6.85
N ASP H 104 9.61 -26.17 -8.17
CA ASP H 104 8.42 -26.35 -9.02
C ASP H 104 8.29 -27.82 -9.41
N LEU H 105 8.19 -28.72 -8.44
CA LEU H 105 8.16 -30.19 -8.69
C LEU H 105 6.79 -30.59 -9.24
N ALA H 106 6.78 -31.52 -10.19
CA ALA H 106 5.58 -32.18 -10.69
C ALA H 106 5.87 -33.66 -10.88
N ALA H 107 4.85 -34.50 -10.73
CA ALA H 107 4.82 -35.91 -11.12
C ALA H 107 4.40 -36.00 -12.59
N TYR H 108 5.30 -36.50 -13.44
CA TYR H 108 5.11 -36.56 -14.91
C TYR H 108 3.92 -37.45 -15.29
N ASN H 109 3.57 -38.43 -14.46
CA ASN H 109 2.48 -39.39 -14.78
C ASN H 109 1.26 -39.14 -13.88
N ALA H 110 1.18 -37.99 -13.21
CA ALA H 110 -0.03 -37.63 -12.43
C ALA H 110 -1.19 -37.36 -13.40
N ILE H 111 -2.39 -37.79 -13.04
CA ILE H 111 -3.64 -37.55 -13.83
C ILE H 111 -4.65 -36.76 -12.99
N SER H 112 -4.25 -36.25 -11.82
CA SER H 112 -5.05 -35.34 -10.97
C SER H 112 -4.10 -34.31 -10.37
N LYS H 113 -4.61 -33.15 -9.93
CA LYS H 113 -3.72 -32.16 -9.28
C LYS H 113 -3.39 -32.69 -7.89
N PRO H 114 -2.22 -32.35 -7.33
CA PRO H 114 -1.91 -32.79 -5.97
C PRO H 114 -2.90 -32.16 -4.97
N GLU H 115 -3.59 -32.97 -4.17
CA GLU H 115 -4.46 -32.50 -3.05
C GLU H 115 -3.58 -32.49 -1.79
N VAL H 116 -3.18 -31.30 -1.32
CA VAL H 116 -2.35 -31.14 -0.11
C VAL H 116 -3.24 -31.23 1.14
N LEU H 117 -2.99 -32.19 2.01
CA LEU H 117 -3.89 -32.52 3.16
C LEU H 117 -3.39 -31.82 4.43
N THR H 118 -2.20 -31.23 4.42
CA THR H 118 -1.51 -30.71 5.63
C THR H 118 -1.36 -29.20 5.56
N PRO H 119 -1.08 -28.52 6.69
CA PRO H 119 -0.73 -27.09 6.68
C PRO H 119 0.52 -26.82 5.82
N GLN H 120 0.47 -25.75 5.03
CA GLN H 120 1.49 -25.43 4.03
C GLN H 120 2.60 -24.60 4.68
N LEU H 121 3.31 -25.24 5.61
CA LEU H 121 4.46 -24.67 6.35
C LEU H 121 5.68 -25.51 6.03
N ALA H 122 6.84 -24.85 5.89
CA ALA H 122 8.15 -25.49 5.81
C ALA H 122 8.90 -25.19 7.11
N ARG H 123 9.91 -26.01 7.42
CA ARG H 123 10.85 -25.79 8.55
C ARG H 123 12.13 -25.21 7.96
N VAL H 124 12.60 -24.08 8.49
CA VAL H 124 13.85 -23.43 8.01
C VAL H 124 14.85 -23.44 9.17
N VAL H 125 16.05 -23.96 8.91
CA VAL H 125 17.18 -23.95 9.87
C VAL H 125 17.99 -22.65 9.65
N SER H 126 18.65 -22.16 10.70
CA SER H 126 19.41 -20.87 10.71
C SER H 126 20.51 -20.86 9.63
N ASP H 127 20.95 -22.02 9.15
CA ASP H 127 21.99 -22.11 8.09
C ASP H 127 21.34 -22.01 6.69
N GLY H 128 20.01 -21.95 6.60
CA GLY H 128 19.28 -21.81 5.33
C GLY H 128 18.80 -23.13 4.76
N GLU H 129 18.96 -24.24 5.48
CA GLU H 129 18.36 -25.54 5.05
C GLU H 129 16.83 -25.47 5.22
N VAL H 130 16.09 -25.91 4.22
CA VAL H 130 14.60 -25.91 4.26
C VAL H 130 14.12 -27.36 4.19
N LEU H 131 13.15 -27.73 5.03
CA LEU H 131 12.41 -29.01 4.92
C LEU H 131 10.93 -28.71 4.68
N TYR H 132 10.39 -29.14 3.56
CA TYR H 132 8.95 -29.05 3.25
C TYR H 132 8.46 -30.48 3.03
N MET H 133 7.49 -30.92 3.82
CA MET H 133 6.94 -32.30 3.68
C MET H 133 5.42 -32.26 3.72
N PRO H 134 4.76 -31.95 2.60
CA PRO H 134 3.31 -32.01 2.54
C PRO H 134 2.85 -33.47 2.43
N SER H 135 1.69 -33.75 3.00
CA SER H 135 0.89 -34.97 2.73
C SER H 135 0.03 -34.68 1.50
N ILE H 136 0.20 -35.49 0.47
CA ILE H 136 -0.45 -35.33 -0.85
C ILE H 136 -1.29 -36.57 -1.16
N ARG H 137 -2.53 -36.34 -1.58
CA ARG H 137 -3.35 -37.38 -2.25
C ARG H 137 -3.36 -37.04 -3.75
N GLN H 138 -2.99 -37.99 -4.59
CA GLN H 138 -2.89 -37.78 -6.05
C GLN H 138 -3.15 -39.11 -6.78
N ARG H 139 -3.66 -39.00 -8.01
CA ARG H 139 -3.95 -40.14 -8.93
CA ARG H 139 -3.93 -40.14 -8.92
C ARG H 139 -2.85 -40.19 -10.01
N PHE H 140 -2.43 -41.39 -10.39
CA PHE H 140 -1.32 -41.66 -11.33
C PHE H 140 -1.73 -42.73 -12.36
N SER H 141 -1.18 -42.58 -13.55
CA SER H 141 -1.16 -43.57 -14.65
C SER H 141 0.11 -44.39 -14.49
N CYS H 142 -0.03 -45.68 -14.18
CA CYS H 142 1.15 -46.57 -14.00
C CYS H 142 0.74 -48.04 -14.14
N ASP H 143 1.73 -48.93 -14.13
CA ASP H 143 1.53 -50.38 -14.38
C ASP H 143 0.92 -51.02 -13.12
N VAL H 144 -0.37 -51.32 -13.17
CA VAL H 144 -1.14 -51.94 -12.07
C VAL H 144 -1.24 -53.46 -12.31
N SER H 145 -0.71 -53.97 -13.43
CA SER H 145 -0.77 -55.41 -13.77
C SER H 145 -0.07 -56.22 -12.69
N GLY H 146 -0.72 -57.29 -12.21
CA GLY H 146 -0.19 -58.23 -11.21
C GLY H 146 -0.55 -57.83 -9.79
N VAL H 147 -1.41 -56.83 -9.59
CA VAL H 147 -1.70 -56.31 -8.23
C VAL H 147 -2.36 -57.41 -7.37
N ASP H 148 -3.12 -58.31 -7.99
CA ASP H 148 -3.86 -59.39 -7.26
C ASP H 148 -3.07 -60.71 -7.31
N THR H 149 -1.76 -60.66 -7.55
CA THR H 149 -0.85 -61.83 -7.54
C THR H 149 0.16 -61.67 -6.39
N GLU H 150 0.90 -62.73 -6.12
CA GLU H 150 1.87 -62.80 -5.00
C GLU H 150 3.02 -61.81 -5.22
N SER H 151 3.51 -61.66 -6.46
CA SER H 151 4.67 -60.80 -6.75
C SER H 151 4.23 -59.34 -6.88
N GLY H 152 2.93 -59.09 -7.06
CA GLY H 152 2.32 -57.75 -6.96
C GLY H 152 2.55 -56.91 -8.20
N ALA H 153 2.08 -55.66 -8.18
CA ALA H 153 2.31 -54.66 -9.24
C ALA H 153 3.55 -53.83 -8.89
N THR H 154 4.18 -53.23 -9.88
CA THR H 154 5.22 -52.19 -9.71
C THR H 154 4.76 -50.92 -10.44
N CYS H 155 4.38 -49.91 -9.68
CA CYS H 155 3.92 -48.58 -10.17
C CYS H 155 5.09 -47.60 -10.04
N ARG H 156 5.51 -47.00 -11.15
CA ARG H 156 6.64 -46.03 -11.16
C ARG H 156 6.06 -44.60 -11.20
N ILE H 157 6.56 -43.72 -10.33
CA ILE H 157 6.19 -42.28 -10.29
C ILE H 157 7.47 -41.48 -10.51
N LYS H 158 7.49 -40.62 -11.53
CA LYS H 158 8.63 -39.74 -11.86
C LYS H 158 8.31 -38.32 -11.37
N ILE H 159 9.18 -37.74 -10.55
CA ILE H 159 9.03 -36.37 -10.00
C ILE H 159 10.27 -35.54 -10.35
N GLY H 160 10.07 -34.40 -11.01
CA GLY H 160 11.15 -33.45 -11.34
C GLY H 160 10.63 -32.02 -11.45
N SER H 161 11.54 -31.09 -11.63
CA SER H 161 11.24 -29.67 -11.89
C SER H 161 10.47 -29.58 -13.20
N TRP H 162 9.38 -28.82 -13.21
CA TRP H 162 8.59 -28.57 -14.44
C TRP H 162 9.34 -27.64 -15.39
N THR H 163 10.09 -26.65 -14.90
CA THR H 163 10.65 -25.61 -15.81
C THR H 163 12.18 -25.47 -15.70
N HIS H 164 12.83 -26.06 -14.72
CA HIS H 164 14.29 -25.86 -14.50
C HIS H 164 15.06 -27.11 -14.92
N HIS H 165 16.01 -26.97 -15.86
CA HIS H 165 16.88 -28.09 -16.32
C HIS H 165 18.02 -28.31 -15.32
N SER H 166 18.86 -29.31 -15.56
CA SER H 166 19.86 -29.87 -14.60
C SER H 166 20.92 -28.84 -14.21
N ARG H 167 21.15 -27.79 -14.99
CA ARG H 167 22.13 -26.73 -14.59
C ARG H 167 21.50 -25.76 -13.59
N GLU H 168 20.18 -25.81 -13.38
CA GLU H 168 19.48 -24.89 -12.42
C GLU H 168 18.99 -25.68 -11.20
N ILE H 169 18.38 -26.84 -11.42
CA ILE H 169 17.88 -27.74 -10.34
C ILE H 169 18.36 -29.15 -10.62
N SER H 170 18.98 -29.77 -9.64
CA SER H 170 19.20 -31.25 -9.59
C SER H 170 18.20 -31.83 -8.57
N VAL H 171 17.52 -32.89 -8.95
CA VAL H 171 16.60 -33.64 -8.03
C VAL H 171 17.23 -35.02 -7.80
N ASP H 172 17.48 -35.35 -6.53
CA ASP H 172 18.15 -36.60 -6.12
C ASP H 172 17.31 -37.22 -5.00
N PRO H 173 17.27 -38.57 -4.90
CA PRO H 173 16.74 -39.23 -3.72
C PRO H 173 17.65 -38.86 -2.55
N THR H 174 17.08 -38.82 -1.36
CA THR H 174 17.78 -38.58 -0.07
C THR H 174 18.75 -39.73 0.11
N THR H 175 19.81 -39.54 0.89
CA THR H 175 20.83 -40.60 1.09
C THR H 175 20.21 -41.73 1.92
N GLU H 176 19.35 -41.37 2.87
CA GLU H 176 18.60 -42.28 3.78
C GLU H 176 17.17 -42.41 3.26
N ASN H 177 16.73 -43.64 2.95
CA ASN H 177 15.37 -44.03 2.53
C ASN H 177 14.88 -45.23 3.38
N SER H 178 15.36 -45.35 4.61
CA SER H 178 15.09 -46.54 5.48
C SER H 178 13.65 -46.52 6.00
N ASP H 179 12.90 -45.42 5.85
CA ASP H 179 11.56 -45.26 6.46
C ASP H 179 10.44 -45.18 5.42
N ASP H 180 10.72 -45.51 4.16
CA ASP H 180 9.84 -45.34 2.99
C ASP H 180 8.48 -46.01 3.17
N SER H 181 8.42 -47.14 3.87
CA SER H 181 7.11 -47.88 4.06
C SER H 181 6.73 -47.88 5.54
N GLU H 182 7.54 -47.27 6.40
CA GLU H 182 7.40 -47.32 7.88
C GLU H 182 6.03 -46.73 8.32
N TYR H 183 5.45 -45.80 7.55
CA TYR H 183 4.24 -45.03 7.93
C TYR H 183 3.02 -45.52 7.15
N PHE H 184 3.17 -46.60 6.37
CA PHE H 184 2.06 -47.15 5.56
C PHE H 184 0.94 -47.62 6.47
N SER H 185 -0.33 -47.32 6.12
CA SER H 185 -1.49 -47.65 6.95
C SER H 185 -1.64 -49.18 6.99
N GLN H 186 -1.74 -49.73 8.20
CA GLN H 186 -1.97 -51.18 8.41
C GLN H 186 -3.40 -51.52 7.96
N TYR H 187 -4.28 -50.52 7.75
CA TYR H 187 -5.73 -50.74 7.46
C TYR H 187 -6.02 -50.64 5.96
N SER H 188 -5.04 -50.33 5.11
CA SER H 188 -5.18 -50.32 3.64
C SER H 188 -5.61 -51.71 3.16
N ARG H 189 -6.35 -51.82 2.06
CA ARG H 189 -6.61 -53.09 1.34
C ARG H 189 -5.32 -53.61 0.72
N PHE H 190 -4.30 -52.76 0.61
CA PHE H 190 -3.02 -53.10 -0.07
C PHE H 190 -1.90 -53.19 0.96
N GLU H 191 -0.80 -53.82 0.56
CA GLU H 191 0.45 -53.90 1.35
C GLU H 191 1.63 -53.65 0.40
N ILE H 192 2.69 -53.09 0.95
CA ILE H 192 3.93 -52.72 0.21
C ILE H 192 4.92 -53.89 0.34
N LEU H 193 5.43 -54.37 -0.78
CA LEU H 193 6.51 -55.38 -0.85
C LEU H 193 7.87 -54.69 -0.88
N ASP H 194 8.00 -53.58 -1.63
CA ASP H 194 9.29 -52.88 -1.83
C ASP H 194 9.05 -51.46 -2.36
N VAL H 195 9.91 -50.51 -1.97
CA VAL H 195 10.02 -49.15 -2.57
C VAL H 195 11.48 -48.91 -2.93
N THR H 196 11.78 -48.54 -4.17
CA THR H 196 13.11 -48.00 -4.57
C THR H 196 12.93 -46.59 -5.10
N GLN H 197 13.92 -45.72 -4.88
CA GLN H 197 13.90 -44.30 -5.30
C GLN H 197 15.25 -43.99 -5.94
N LYS H 198 15.30 -43.78 -7.25
CA LYS H 198 16.56 -43.71 -8.06
C LYS H 198 16.53 -42.43 -8.90
N LYS H 199 17.71 -41.92 -9.25
CA LYS H 199 17.84 -40.70 -10.09
C LYS H 199 17.74 -41.07 -11.56
N ASN H 200 16.99 -40.29 -12.35
CA ASN H 200 16.82 -40.40 -13.82
C ASN H 200 17.13 -39.03 -14.41
N SER H 201 17.51 -39.01 -15.69
CA SER H 201 17.89 -37.82 -16.47
C SER H 201 17.17 -37.93 -17.81
N VAL H 202 16.32 -36.95 -18.16
CA VAL H 202 15.59 -36.94 -19.47
C VAL H 202 16.04 -35.73 -20.30
N THR H 203 16.43 -35.98 -21.53
CA THR H 203 16.56 -34.96 -22.62
C THR H 203 15.37 -35.19 -23.56
N TYR H 204 14.58 -34.14 -23.83
CA TYR H 204 13.48 -34.15 -24.83
C TYR H 204 14.02 -33.62 -26.17
N SER H 205 13.42 -34.02 -27.29
CA SER H 205 13.88 -33.66 -28.67
C SER H 205 13.88 -32.14 -28.85
N CYS H 206 12.84 -31.46 -28.35
CA CYS H 206 12.64 -29.98 -28.39
C CYS H 206 13.90 -29.21 -27.98
N CYS H 207 14.62 -29.70 -26.96
CA CYS H 207 15.41 -28.87 -26.02
C CYS H 207 16.77 -29.51 -25.75
N PRO H 208 17.86 -28.71 -25.72
CA PRO H 208 19.21 -29.26 -25.58
C PRO H 208 19.54 -29.78 -24.17
N GLU H 209 18.83 -29.31 -23.16
CA GLU H 209 19.18 -29.52 -21.72
C GLU H 209 18.47 -30.78 -21.21
N ALA H 210 19.12 -31.42 -20.23
CA ALA H 210 18.59 -32.57 -19.46
C ALA H 210 17.81 -32.03 -18.25
N TYR H 211 16.72 -32.72 -17.92
CA TYR H 211 15.86 -32.51 -16.72
C TYR H 211 15.99 -33.72 -15.82
N GLU H 212 16.35 -33.50 -14.56
CA GLU H 212 16.51 -34.61 -13.59
C GLU H 212 15.18 -34.92 -12.92
N ASP H 213 15.05 -36.17 -12.52
CA ASP H 213 13.81 -36.67 -11.88
C ASP H 213 14.26 -37.75 -10.90
N VAL H 214 13.46 -37.94 -9.86
CA VAL H 214 13.50 -39.13 -8.99
C VAL H 214 12.42 -40.07 -9.49
N GLU H 215 12.80 -41.31 -9.78
CA GLU H 215 11.87 -42.38 -10.18
C GLU H 215 11.64 -43.22 -8.95
N VAL H 216 10.38 -43.31 -8.50
CA VAL H 216 9.98 -44.05 -7.29
C VAL H 216 9.21 -45.27 -7.78
N SER H 217 9.69 -46.48 -7.46
CA SER H 217 9.07 -47.76 -7.86
C SER H 217 8.38 -48.36 -6.64
N LEU H 218 7.06 -48.41 -6.68
CA LEU H 218 6.20 -48.92 -5.60
C LEU H 218 5.76 -50.33 -6.01
N ASN H 219 6.35 -51.36 -5.38
CA ASN H 219 5.92 -52.78 -5.53
C ASN H 219 4.91 -53.07 -4.41
N PHE H 220 3.65 -53.29 -4.79
CA PHE H 220 2.53 -53.45 -3.83
C PHE H 220 1.57 -54.52 -4.36
N ARG H 221 0.70 -55.04 -3.48
CA ARG H 221 -0.34 -56.02 -3.90
C ARG H 221 -1.56 -55.92 -2.99
N LYS H 222 -2.71 -56.41 -3.46
CA LYS H 222 -3.93 -56.58 -2.65
C LYS H 222 -3.66 -57.61 -1.56
N LYS H 223 -4.11 -57.37 -0.33
CA LYS H 223 -3.97 -58.33 0.80
C LYS H 223 -4.81 -59.60 0.53
N GLY H 224 -4.25 -60.76 0.89
CA GLY H 224 -4.85 -62.09 0.70
C GLY H 224 -5.55 -62.53 1.98
N LEU I 20 23.60 -8.78 -15.28
CA LEU I 20 22.25 -8.98 -14.68
C LEU I 20 22.20 -10.40 -14.15
N ASP I 21 21.78 -10.60 -12.90
CA ASP I 21 21.50 -11.96 -12.37
C ASP I 21 19.98 -12.21 -12.44
N ARG I 22 19.57 -13.43 -12.12
CA ARG I 22 18.17 -13.90 -12.13
C ARG I 22 17.31 -12.97 -11.26
N ALA I 23 17.80 -12.61 -10.08
CA ALA I 23 17.06 -11.80 -9.09
C ALA I 23 16.68 -10.46 -9.71
N ASP I 24 17.61 -9.82 -10.44
CA ASP I 24 17.40 -8.50 -11.10
C ASP I 24 16.37 -8.64 -12.22
N ILE I 25 16.51 -9.66 -13.07
CA ILE I 25 15.60 -9.91 -14.22
C ILE I 25 14.18 -10.12 -13.68
N LEU I 26 14.02 -10.97 -12.66
CA LEU I 26 12.67 -11.31 -12.15
C LEU I 26 12.08 -10.08 -11.43
N TYR I 27 12.90 -9.28 -10.77
CA TYR I 27 12.45 -7.98 -10.18
C TYR I 27 11.94 -7.07 -11.30
N ASN I 28 12.73 -6.88 -12.36
CA ASN I 28 12.37 -5.99 -13.50
C ASN I 28 11.04 -6.44 -14.11
N ILE I 29 10.86 -7.75 -14.32
CA ILE I 29 9.63 -8.31 -14.93
C ILE I 29 8.47 -8.07 -13.97
N ARG I 30 8.61 -8.40 -12.69
CA ARG I 30 7.51 -8.21 -11.71
C ARG I 30 7.10 -6.72 -11.68
N GLN I 31 8.06 -5.79 -11.70
CA GLN I 31 7.77 -4.34 -11.53
C GLN I 31 7.15 -3.73 -12.78
N THR I 32 7.41 -4.23 -13.99
CA THR I 32 7.01 -3.55 -15.25
C THR I 32 6.15 -4.43 -16.17
N SER I 33 5.88 -5.68 -15.79
CA SER I 33 5.07 -6.59 -16.61
C SER I 33 3.66 -6.07 -16.35
N ARG I 34 2.99 -5.79 -17.44
CA ARG I 34 1.57 -5.38 -17.56
CA ARG I 34 1.57 -5.40 -17.52
C ARG I 34 0.79 -6.61 -18.02
N PRO I 35 0.37 -7.51 -17.10
CA PRO I 35 -0.26 -8.78 -17.46
C PRO I 35 -1.61 -8.64 -18.18
N ASP I 36 -2.23 -7.47 -18.08
CA ASP I 36 -3.55 -7.19 -18.72
C ASP I 36 -3.33 -6.66 -20.13
N VAL I 37 -2.09 -6.39 -20.54
CA VAL I 37 -1.80 -5.67 -21.81
C VAL I 37 -1.21 -6.63 -22.86
N ILE I 38 -1.97 -6.93 -23.90
CA ILE I 38 -1.50 -7.75 -25.05
C ILE I 38 -0.27 -7.07 -25.65
N PRO I 39 0.87 -7.79 -25.85
CA PRO I 39 2.09 -7.16 -26.36
C PRO I 39 2.14 -7.08 -27.90
N THR I 40 1.21 -6.39 -28.53
CA THR I 40 1.21 -6.16 -30.01
C THR I 40 2.40 -5.26 -30.36
N GLN I 41 3.04 -5.53 -31.49
CA GLN I 41 4.17 -4.73 -32.05
C GLN I 41 3.64 -4.04 -33.30
N ARG I 42 3.76 -2.71 -33.37
CA ARG I 42 3.42 -1.87 -34.55
C ARG I 42 2.10 -2.36 -35.18
N ASP I 43 1.07 -2.54 -34.35
CA ASP I 43 -0.33 -2.85 -34.75
C ASP I 43 -0.42 -4.16 -35.55
N ARG I 44 0.57 -5.06 -35.43
CA ARG I 44 0.49 -6.44 -36.00
C ARG I 44 -0.03 -7.37 -34.91
N PRO I 45 -0.68 -8.49 -35.27
CA PRO I 45 -1.18 -9.43 -34.28
C PRO I 45 -0.02 -10.06 -33.49
N VAL I 46 -0.28 -10.47 -32.25
CA VAL I 46 0.64 -11.38 -31.50
C VAL I 46 0.48 -12.77 -32.14
N ALA I 47 1.58 -13.34 -32.64
CA ALA I 47 1.62 -14.72 -33.19
C ALA I 47 1.76 -15.70 -32.03
N VAL I 48 0.70 -16.43 -31.72
CA VAL I 48 0.68 -17.46 -30.68
C VAL I 48 0.73 -18.83 -31.37
N SER I 49 1.71 -19.66 -31.04
CA SER I 49 1.79 -21.07 -31.48
C SER I 49 1.28 -21.95 -30.37
N VAL I 50 0.44 -22.92 -30.75
CA VAL I 50 -0.18 -23.90 -29.84
C VAL I 50 0.01 -25.28 -30.48
N SER I 51 0.55 -26.22 -29.71
CA SER I 51 0.64 -27.66 -30.07
C SER I 51 0.31 -28.48 -28.84
N LEU I 52 -0.69 -29.36 -28.93
CA LEU I 52 -1.05 -30.31 -27.86
C LEU I 52 -0.19 -31.57 -28.00
N LYS I 53 0.48 -31.96 -26.90
CA LYS I 53 1.14 -33.29 -26.76
C LYS I 53 0.22 -34.12 -25.87
N PHE I 54 -0.44 -35.11 -26.44
CA PHE I 54 -1.36 -36.00 -25.68
C PHE I 54 -0.55 -36.91 -24.77
N ILE I 55 -0.96 -37.01 -23.52
CA ILE I 55 -0.26 -37.80 -22.47
C ILE I 55 -1.15 -38.99 -22.08
N ASN I 56 -2.46 -38.80 -22.04
CA ASN I 56 -3.36 -39.90 -21.63
C ASN I 56 -4.78 -39.62 -22.12
N ILE I 57 -5.50 -40.70 -22.35
CA ILE I 57 -6.97 -40.73 -22.60
C ILE I 57 -7.55 -41.60 -21.50
N LEU I 58 -8.33 -41.00 -20.59
CA LEU I 58 -8.66 -41.60 -19.27
C LEU I 58 -10.05 -42.23 -19.31
N GLU I 59 -11.00 -41.56 -19.95
CA GLU I 59 -12.41 -42.02 -19.99
C GLU I 59 -12.97 -41.62 -21.36
N VAL I 60 -13.69 -42.55 -21.96
CA VAL I 60 -14.30 -42.39 -23.30
C VAL I 60 -15.71 -42.92 -23.14
N ASN I 61 -16.69 -42.24 -23.72
CA ASN I 61 -18.11 -42.68 -23.65
C ASN I 61 -18.69 -42.53 -25.05
N GLU I 62 -18.91 -43.66 -25.73
CA GLU I 62 -19.36 -43.69 -27.14
C GLU I 62 -20.84 -43.32 -27.20
N ILE I 63 -21.58 -43.51 -26.09
CA ILE I 63 -23.02 -43.13 -25.99
C ILE I 63 -23.15 -41.60 -25.92
N THR I 64 -22.41 -40.94 -25.02
CA THR I 64 -22.54 -39.48 -24.75
C THR I 64 -21.59 -38.68 -25.67
N ASN I 65 -20.65 -39.35 -26.35
CA ASN I 65 -19.64 -38.66 -27.20
C ASN I 65 -18.82 -37.68 -26.33
N GLU I 66 -18.24 -38.19 -25.24
CA GLU I 66 -17.41 -37.39 -24.30
C GLU I 66 -16.09 -38.13 -24.09
N VAL I 67 -15.00 -37.38 -23.96
CA VAL I 67 -13.64 -37.90 -23.65
C VAL I 67 -13.03 -37.05 -22.55
N ASP I 68 -12.27 -37.70 -21.67
CA ASP I 68 -11.43 -37.07 -20.62
C ASP I 68 -9.99 -37.32 -21.05
N VAL I 69 -9.22 -36.26 -21.27
CA VAL I 69 -7.85 -36.31 -21.86
C VAL I 69 -6.89 -35.53 -20.96
N VAL I 70 -5.63 -35.96 -20.91
CA VAL I 70 -4.50 -35.19 -20.32
C VAL I 70 -3.56 -34.86 -21.47
N PHE I 71 -3.19 -33.59 -21.60
CA PHE I 71 -2.27 -33.09 -22.66
C PHE I 71 -1.39 -31.97 -22.10
N TRP I 72 -0.21 -31.85 -22.67
CA TRP I 72 0.71 -30.70 -22.45
C TRP I 72 0.40 -29.69 -23.55
N GLN I 73 -0.01 -28.49 -23.16
CA GLN I 73 -0.42 -27.45 -24.13
C GLN I 73 0.78 -26.53 -24.34
N GLN I 74 1.64 -26.90 -25.30
CA GLN I 74 2.84 -26.11 -25.63
C GLN I 74 2.37 -24.79 -26.29
N THR I 75 2.66 -23.67 -25.64
CA THR I 75 2.18 -22.33 -26.02
C THR I 75 3.37 -21.39 -26.07
N THR I 76 3.55 -20.70 -27.19
CA THR I 76 4.73 -19.83 -27.43
C THR I 76 4.25 -18.52 -28.04
N TRP I 77 4.91 -17.43 -27.65
CA TRP I 77 4.65 -16.10 -28.24
C TRP I 77 5.81 -15.20 -27.85
N SER I 78 5.89 -14.03 -28.43
CA SER I 78 6.96 -13.06 -28.12
C SER I 78 6.35 -11.89 -27.34
N ASP I 79 7.02 -11.43 -26.30
CA ASP I 79 6.67 -10.19 -25.55
C ASP I 79 7.98 -9.41 -25.34
N ARG I 80 8.25 -8.47 -26.22
CA ARG I 80 9.51 -7.68 -26.25
C ARG I 80 9.67 -6.85 -24.97
N THR I 81 8.60 -6.56 -24.23
CA THR I 81 8.71 -5.79 -22.96
C THR I 81 9.44 -6.65 -21.90
N LEU I 82 9.57 -7.96 -22.09
CA LEU I 82 10.23 -8.87 -21.11
C LEU I 82 11.75 -8.94 -21.37
N ALA I 83 12.24 -8.46 -22.52
CA ALA I 83 13.59 -8.75 -23.05
C ALA I 83 14.65 -8.08 -22.17
N TRP I 84 15.84 -8.68 -22.10
CA TRP I 84 17.03 -8.10 -21.42
C TRP I 84 18.28 -8.43 -22.25
N ASN I 85 19.36 -7.69 -22.02
CA ASN I 85 20.69 -7.92 -22.64
C ASN I 85 21.31 -9.17 -22.00
N SER I 86 21.52 -10.24 -22.78
CA SER I 86 21.96 -11.58 -22.28
C SER I 86 23.48 -11.65 -22.09
N SER I 87 24.25 -10.59 -22.39
CA SER I 87 25.72 -10.61 -22.15
C SER I 87 25.97 -10.72 -20.64
N HIS I 88 26.72 -11.73 -20.22
CA HIS I 88 27.00 -12.11 -18.82
C HIS I 88 25.74 -12.08 -17.95
N SER I 89 24.67 -12.65 -18.49
CA SER I 89 23.37 -12.83 -17.81
C SER I 89 22.79 -14.18 -18.22
N PRO I 90 21.83 -14.73 -17.44
CA PRO I 90 21.11 -15.93 -17.87
C PRO I 90 20.45 -15.73 -19.23
N ASP I 91 20.36 -16.80 -20.02
CA ASP I 91 19.66 -16.78 -21.33
C ASP I 91 18.15 -16.87 -21.12
N GLN I 92 17.71 -17.45 -19.98
CA GLN I 92 16.29 -17.79 -19.71
C GLN I 92 16.02 -17.75 -18.21
N VAL I 93 14.79 -17.40 -17.82
CA VAL I 93 14.31 -17.49 -16.41
C VAL I 93 12.92 -18.13 -16.40
N SER I 94 12.55 -18.65 -15.24
CA SER I 94 11.20 -19.18 -14.96
C SER I 94 10.41 -18.07 -14.25
N VAL I 95 9.21 -17.75 -14.75
CA VAL I 95 8.38 -16.61 -14.26
C VAL I 95 6.98 -17.11 -13.98
N PRO I 96 6.39 -16.79 -12.82
CA PRO I 96 4.99 -17.11 -12.57
C PRO I 96 4.09 -16.41 -13.60
N ILE I 97 3.10 -17.12 -14.15
CA ILE I 97 2.26 -16.56 -15.24
C ILE I 97 1.44 -15.38 -14.70
N SER I 98 1.22 -15.27 -13.38
CA SER I 98 0.52 -14.09 -12.79
C SER I 98 1.34 -12.81 -13.02
N SER I 99 2.63 -12.89 -13.32
CA SER I 99 3.46 -11.70 -13.63
C SER I 99 3.57 -11.43 -15.15
N LEU I 100 2.86 -12.18 -16.00
CA LEU I 100 3.02 -12.08 -17.48
C LEU I 100 1.65 -11.92 -18.11
N TRP I 101 1.60 -11.27 -19.26
CA TRP I 101 0.45 -11.44 -20.19
C TRP I 101 0.51 -12.87 -20.73
N VAL I 102 -0.63 -13.55 -20.73
CA VAL I 102 -0.78 -14.88 -21.36
C VAL I 102 -1.99 -14.80 -22.29
N PRO I 103 -1.97 -15.48 -23.45
CA PRO I 103 -3.11 -15.47 -24.34
C PRO I 103 -4.34 -16.10 -23.66
N ASP I 104 -5.50 -15.54 -23.92
CA ASP I 104 -6.82 -15.96 -23.34
C ASP I 104 -7.39 -17.11 -24.16
N LEU I 105 -6.65 -18.22 -24.27
CA LEU I 105 -7.07 -19.40 -25.08
C LEU I 105 -8.18 -20.15 -24.37
N ALA I 106 -9.11 -20.68 -25.15
CA ALA I 106 -10.21 -21.55 -24.69
C ALA I 106 -10.43 -22.65 -25.73
N ALA I 107 -10.83 -23.83 -25.26
CA ALA I 107 -11.31 -24.94 -26.10
C ALA I 107 -12.81 -24.79 -26.29
N TYR I 108 -13.26 -24.56 -27.51
CA TYR I 108 -14.66 -24.26 -27.87
C TYR I 108 -15.57 -25.46 -27.54
N ASN I 109 -15.06 -26.70 -27.52
CA ASN I 109 -15.93 -27.88 -27.26
C ASN I 109 -15.59 -28.50 -25.90
N ALA I 110 -14.89 -27.77 -25.00
CA ALA I 110 -14.68 -28.23 -23.62
C ALA I 110 -16.02 -28.23 -22.88
N ILE I 111 -16.25 -29.25 -22.04
CA ILE I 111 -17.45 -29.36 -21.17
C ILE I 111 -17.03 -29.38 -19.70
N SER I 112 -15.77 -29.10 -19.40
CA SER I 112 -15.24 -28.94 -18.01
C SER I 112 -14.20 -27.83 -18.06
N LYS I 113 -13.89 -27.21 -16.94
CA LYS I 113 -12.82 -26.17 -16.91
C LYS I 113 -11.50 -26.91 -17.01
N PRO I 114 -10.45 -26.29 -17.59
CA PRO I 114 -9.14 -26.93 -17.63
C PRO I 114 -8.62 -27.13 -16.20
N GLU I 115 -8.27 -28.37 -15.83
CA GLU I 115 -7.61 -28.72 -14.54
C GLU I 115 -6.11 -28.69 -14.82
N VAL I 116 -5.41 -27.65 -14.33
CA VAL I 116 -3.95 -27.48 -14.54
C VAL I 116 -3.24 -28.33 -13.47
N LEU I 117 -2.43 -29.31 -13.89
CA LEU I 117 -1.83 -30.31 -12.98
C LEU I 117 -0.44 -29.87 -12.55
N THR I 118 0.13 -28.85 -13.18
CA THR I 118 1.56 -28.49 -13.04
C THR I 118 1.71 -27.10 -12.42
N PRO I 119 2.90 -26.75 -11.90
CA PRO I 119 3.19 -25.39 -11.46
C PRO I 119 3.03 -24.37 -12.58
N GLN I 120 2.40 -23.25 -12.25
CA GLN I 120 1.98 -22.21 -13.21
C GLN I 120 3.14 -21.22 -13.41
N LEU I 121 4.22 -21.75 -14.01
CA LEU I 121 5.42 -20.99 -14.39
C LEU I 121 5.57 -21.09 -15.91
N ALA I 122 6.04 -20.01 -16.52
CA ALA I 122 6.45 -19.99 -17.95
C ALA I 122 7.96 -19.81 -17.99
N ARG I 123 8.58 -20.16 -19.12
CA ARG I 123 10.01 -19.92 -19.40
C ARG I 123 10.12 -18.69 -20.29
N VAL I 124 10.93 -17.71 -19.91
CA VAL I 124 11.14 -16.47 -20.70
C VAL I 124 12.59 -16.44 -21.16
N VAL I 125 12.80 -16.30 -22.46
CA VAL I 125 14.13 -16.13 -23.11
C VAL I 125 14.47 -14.63 -23.13
N SER I 126 15.76 -14.29 -23.08
CA SER I 126 16.27 -12.90 -23.00
C SER I 126 15.78 -12.04 -24.17
N ASP I 127 15.38 -12.64 -25.29
CA ASP I 127 14.85 -11.91 -26.47
C ASP I 127 13.35 -11.64 -26.32
N GLY I 128 12.71 -12.14 -25.26
CA GLY I 128 11.27 -11.90 -25.01
C GLY I 128 10.38 -13.03 -25.49
N GLU I 129 10.95 -14.14 -25.98
CA GLU I 129 10.16 -15.34 -26.32
C GLU I 129 9.67 -15.99 -25.01
N VAL I 130 8.40 -16.38 -24.98
CA VAL I 130 7.78 -17.06 -23.80
C VAL I 130 7.39 -18.48 -24.22
N LEU I 131 7.70 -19.47 -23.37
CA LEU I 131 7.12 -20.82 -23.46
C LEU I 131 6.30 -21.09 -22.21
N TYR I 132 5.01 -21.35 -22.36
CA TYR I 132 4.12 -21.81 -21.27
C TYR I 132 3.59 -23.17 -21.70
N MET I 133 3.86 -24.21 -20.91
CA MET I 133 3.39 -25.57 -21.25
C MET I 133 2.78 -26.22 -20.01
N PRO I 134 1.52 -25.92 -19.68
CA PRO I 134 0.85 -26.57 -18.58
C PRO I 134 0.41 -27.98 -19.01
N SER I 135 0.37 -28.89 -18.05
CA SER I 135 -0.34 -30.18 -18.16
C SER I 135 -1.78 -29.94 -17.75
N ILE I 136 -2.71 -30.24 -18.65
CA ILE I 136 -4.15 -29.99 -18.47
C ILE I 136 -4.90 -31.31 -18.56
N ARG I 137 -5.80 -31.55 -17.61
CA ARG I 137 -6.86 -32.56 -17.74
C ARG I 137 -8.17 -31.83 -18.03
N GLN I 138 -8.86 -32.21 -19.09
CA GLN I 138 -10.11 -31.54 -19.50
C GLN I 138 -11.01 -32.57 -20.21
N ARG I 139 -12.32 -32.33 -20.12
CA ARG I 139 -13.38 -33.15 -20.77
C ARG I 139 -13.90 -32.39 -21.99
N PHE I 140 -14.16 -33.11 -23.08
CA PHE I 140 -14.60 -32.56 -24.38
C PHE I 140 -15.80 -33.34 -24.91
N SER I 141 -16.65 -32.62 -25.65
CA SER I 141 -17.71 -33.15 -26.54
C SER I 141 -17.09 -33.33 -27.93
N CYS I 142 -16.97 -34.57 -28.39
CA CYS I 142 -16.39 -34.85 -29.72
C CYS I 142 -16.77 -36.27 -30.19
N ASP I 143 -16.43 -36.58 -31.44
CA ASP I 143 -16.89 -37.82 -32.13
C ASP I 143 -16.08 -39.01 -31.61
N VAL I 144 -16.72 -39.82 -30.76
CA VAL I 144 -16.09 -41.03 -30.15
C VAL I 144 -16.47 -42.27 -30.97
N SER I 145 -17.31 -42.13 -32.00
CA SER I 145 -17.77 -43.27 -32.83
C SER I 145 -16.56 -43.96 -33.49
N GLY I 146 -16.49 -45.28 -33.40
CA GLY I 146 -15.44 -46.10 -34.04
C GLY I 146 -14.25 -46.35 -33.14
N VAL I 147 -14.35 -45.99 -31.85
CA VAL I 147 -13.19 -46.07 -30.91
C VAL I 147 -12.76 -47.55 -30.76
N ASP I 148 -13.71 -48.49 -30.83
CA ASP I 148 -13.45 -49.95 -30.66
C ASP I 148 -13.26 -50.65 -32.01
N THR I 149 -12.91 -49.91 -33.07
CA THR I 149 -12.63 -50.45 -34.42
C THR I 149 -11.17 -50.18 -34.77
N GLU I 150 -10.69 -50.76 -35.86
CA GLU I 150 -9.27 -50.71 -36.31
C GLU I 150 -8.94 -49.27 -36.73
N SER I 151 -9.84 -48.57 -37.41
CA SER I 151 -9.57 -47.20 -37.93
C SER I 151 -9.77 -46.16 -36.81
N GLY I 152 -10.43 -46.53 -35.71
CA GLY I 152 -10.49 -45.75 -34.47
C GLY I 152 -11.46 -44.57 -34.57
N ALA I 153 -11.54 -43.78 -33.51
CA ALA I 153 -12.32 -42.52 -33.45
C ALA I 153 -11.42 -41.36 -33.84
N THR I 154 -12.01 -40.27 -34.34
CA THR I 154 -11.33 -38.97 -34.55
C THR I 154 -12.07 -37.90 -33.74
N CYS I 155 -11.45 -37.44 -32.65
CA CYS I 155 -11.96 -36.41 -31.73
C CYS I 155 -11.29 -35.08 -32.09
N ARG I 156 -12.06 -34.06 -32.45
CA ARG I 156 -11.54 -32.73 -32.85
C ARG I 156 -11.69 -31.75 -31.69
N ILE I 157 -10.63 -31.04 -31.35
CA ILE I 157 -10.59 -30.01 -30.27
C ILE I 157 -10.18 -28.69 -30.92
N LYS I 158 -11.03 -27.66 -30.81
CA LYS I 158 -10.77 -26.31 -31.36
C LYS I 158 -10.32 -25.38 -30.23
N ILE I 159 -9.16 -24.75 -30.39
CA ILE I 159 -8.56 -23.84 -29.38
C ILE I 159 -8.27 -22.50 -30.04
N GLY I 160 -8.80 -21.40 -29.49
CA GLY I 160 -8.48 -20.04 -29.93
C GLY I 160 -8.69 -19.00 -28.85
N SER I 161 -8.31 -17.76 -29.14
CA SER I 161 -8.51 -16.61 -28.24
C SER I 161 -10.02 -16.43 -28.01
N TRP I 162 -10.43 -16.29 -26.75
CA TRP I 162 -11.84 -16.02 -26.42
C TRP I 162 -12.25 -14.59 -26.82
N THR I 163 -11.36 -13.60 -26.72
CA THR I 163 -11.80 -12.18 -26.88
C THR I 163 -11.00 -11.42 -27.95
N HIS I 164 -9.89 -11.97 -28.48
CA HIS I 164 -9.03 -11.24 -29.44
C HIS I 164 -9.24 -11.81 -30.85
N HIS I 165 -9.61 -10.95 -31.81
CA HIS I 165 -9.80 -11.34 -33.23
C HIS I 165 -8.43 -11.36 -33.92
N SER I 166 -8.39 -11.74 -35.21
CA SER I 166 -7.17 -12.09 -35.99
C SER I 166 -6.23 -10.90 -36.14
N ARG I 167 -6.68 -9.65 -36.00
CA ARG I 167 -5.74 -8.49 -36.06
C ARG I 167 -5.04 -8.29 -34.70
N GLU I 168 -5.44 -8.99 -33.64
CA GLU I 168 -4.81 -8.86 -32.30
C GLU I 168 -4.04 -10.13 -31.95
N ILE I 169 -4.64 -11.30 -32.17
CA ILE I 169 -3.99 -12.62 -31.93
C ILE I 169 -4.21 -13.49 -33.16
N SER I 170 -3.12 -14.05 -33.68
CA SER I 170 -3.15 -15.19 -34.62
C SER I 170 -2.71 -16.45 -33.86
N VAL I 171 -3.45 -17.54 -34.07
CA VAL I 171 -3.11 -18.87 -33.48
C VAL I 171 -2.70 -19.77 -34.63
N ASP I 172 -1.51 -20.36 -34.51
CA ASP I 172 -0.93 -21.26 -35.53
C ASP I 172 -0.45 -22.53 -34.83
N PRO I 173 -0.60 -23.70 -35.50
CA PRO I 173 0.08 -24.91 -35.04
C PRO I 173 1.59 -24.67 -35.20
N THR I 174 2.42 -25.39 -34.47
CA THR I 174 3.91 -25.35 -34.59
C THR I 174 4.37 -26.07 -35.88
N SER I 178 7.24 -34.23 -34.58
CA SER I 178 7.74 -35.30 -33.66
C SER I 178 6.74 -36.47 -33.65
N ASP I 179 7.10 -37.58 -33.02
CA ASP I 179 6.19 -38.74 -32.83
C ASP I 179 5.00 -38.24 -32.01
N ASP I 180 3.78 -38.38 -32.56
CA ASP I 180 2.48 -38.05 -31.93
C ASP I 180 2.29 -38.79 -30.58
N SER I 181 2.95 -39.94 -30.42
CA SER I 181 2.86 -40.83 -29.24
C SER I 181 4.15 -40.80 -28.42
N GLU I 182 5.07 -39.85 -28.66
CA GLU I 182 6.37 -39.79 -27.93
C GLU I 182 6.16 -39.63 -26.43
N TYR I 183 5.11 -38.92 -26.00
CA TYR I 183 4.86 -38.62 -24.56
C TYR I 183 3.63 -39.41 -24.09
N PHE I 184 2.90 -40.06 -25.00
CA PHE I 184 1.63 -40.75 -24.63
C PHE I 184 1.94 -41.90 -23.69
N SER I 185 1.11 -42.11 -22.67
CA SER I 185 1.32 -43.17 -21.65
C SER I 185 1.18 -44.55 -22.31
N GLN I 186 2.16 -45.41 -22.10
CA GLN I 186 2.13 -46.82 -22.55
C GLN I 186 1.04 -47.58 -21.76
N TYR I 187 0.55 -47.04 -20.65
CA TYR I 187 -0.37 -47.76 -19.73
C TYR I 187 -1.84 -47.36 -19.97
N SER I 188 -2.12 -46.41 -20.86
CA SER I 188 -3.51 -46.09 -21.28
C SER I 188 -4.19 -47.33 -21.88
N ARG I 189 -5.51 -47.46 -21.73
CA ARG I 189 -6.34 -48.47 -22.44
C ARG I 189 -6.39 -48.12 -23.92
N PHE I 190 -5.99 -46.90 -24.30
CA PHE I 190 -6.09 -46.39 -25.68
C PHE I 190 -4.69 -46.22 -26.27
N GLU I 191 -4.63 -46.12 -27.60
CA GLU I 191 -3.40 -45.79 -28.35
C GLU I 191 -3.75 -44.75 -29.42
N ILE I 192 -2.77 -43.93 -29.75
CA ILE I 192 -2.89 -42.84 -30.75
C ILE I 192 -2.45 -43.39 -32.11
N LEU I 193 -3.31 -43.24 -33.12
CA LEU I 193 -3.03 -43.59 -34.54
C LEU I 193 -2.43 -42.38 -35.24
N ASP I 194 -2.96 -41.18 -34.98
CA ASP I 194 -2.57 -39.95 -35.68
C ASP I 194 -3.05 -38.71 -34.93
N VAL I 195 -2.23 -37.65 -34.94
CA VAL I 195 -2.62 -36.28 -34.48
C VAL I 195 -2.30 -35.32 -35.62
N THR I 196 -3.29 -34.56 -36.08
CA THR I 196 -3.10 -33.42 -37.01
C THR I 196 -3.60 -32.15 -36.32
N GLN I 197 -2.94 -31.02 -36.59
CA GLN I 197 -3.19 -29.70 -35.95
C GLN I 197 -3.23 -28.68 -37.09
N LYS I 198 -4.39 -28.12 -37.42
CA LYS I 198 -4.62 -27.29 -38.65
C LYS I 198 -5.32 -25.98 -38.26
N LYS I 199 -5.09 -24.91 -39.02
CA LYS I 199 -5.59 -23.55 -38.69
C LYS I 199 -7.00 -23.38 -39.27
N ASN I 200 -7.92 -22.80 -38.50
CA ASN I 200 -9.30 -22.45 -38.90
C ASN I 200 -9.52 -20.97 -38.55
N SER I 201 -10.56 -20.38 -39.13
CA SER I 201 -10.99 -18.97 -39.03
C SER I 201 -12.51 -19.02 -38.89
N VAL I 202 -13.07 -18.39 -37.87
CA VAL I 202 -14.55 -18.19 -37.75
C VAL I 202 -14.86 -16.69 -37.79
N THR I 203 -15.79 -16.28 -38.66
CA THR I 203 -16.50 -14.97 -38.60
C THR I 203 -17.92 -15.25 -38.12
N TYR I 204 -18.37 -14.58 -37.05
CA TYR I 204 -19.74 -14.68 -36.49
C TYR I 204 -20.61 -13.57 -37.10
N SER I 205 -21.94 -13.75 -37.14
CA SER I 205 -22.92 -12.77 -37.70
C SER I 205 -22.82 -11.43 -36.97
N CYS I 206 -22.69 -11.47 -35.63
CA CYS I 206 -22.59 -10.28 -34.73
C CYS I 206 -21.53 -9.29 -35.20
N CYS I 207 -20.40 -9.78 -35.72
CA CYS I 207 -19.08 -9.12 -35.62
C CYS I 207 -18.35 -9.19 -36.95
N PRO I 208 -17.71 -8.08 -37.39
CA PRO I 208 -17.03 -8.05 -38.69
C PRO I 208 -15.72 -8.84 -38.75
N GLU I 209 -15.10 -9.11 -37.60
CA GLU I 209 -13.72 -9.63 -37.48
C GLU I 209 -13.75 -11.17 -37.43
N ALA I 210 -12.68 -11.78 -37.95
CA ALA I 210 -12.41 -13.22 -37.91
C ALA I 210 -11.64 -13.57 -36.64
N TYR I 211 -11.99 -14.70 -36.02
CA TYR I 211 -11.31 -15.29 -34.83
C TYR I 211 -10.63 -16.59 -35.25
N GLU I 212 -9.35 -16.70 -34.98
CA GLU I 212 -8.55 -17.88 -35.42
C GLU I 212 -8.63 -18.97 -34.34
N ASP I 213 -8.45 -20.19 -34.79
CA ASP I 213 -8.43 -21.38 -33.91
C ASP I 213 -7.45 -22.36 -34.56
N VAL I 214 -6.84 -23.20 -33.73
CA VAL I 214 -6.18 -24.46 -34.16
C VAL I 214 -7.17 -25.56 -33.88
N GLU I 215 -7.43 -26.37 -34.90
CA GLU I 215 -8.24 -27.60 -34.79
C GLU I 215 -7.26 -28.76 -34.66
N VAL I 216 -7.33 -29.50 -33.58
CA VAL I 216 -6.48 -30.67 -33.28
C VAL I 216 -7.36 -31.91 -33.43
N SER I 217 -6.99 -32.80 -34.35
CA SER I 217 -7.72 -34.06 -34.66
C SER I 217 -6.93 -35.22 -34.06
N LEU I 218 -7.52 -35.84 -33.03
CA LEU I 218 -6.93 -36.97 -32.29
C LEU I 218 -7.60 -38.24 -32.81
N ASN I 219 -6.87 -39.01 -33.62
CA ASN I 219 -7.31 -40.33 -34.12
C ASN I 219 -6.74 -41.37 -33.14
N PHE I 220 -7.61 -42.05 -32.40
CA PHE I 220 -7.22 -42.99 -31.33
C PHE I 220 -8.17 -44.19 -31.33
N ARG I 221 -7.77 -45.28 -30.69
CA ARG I 221 -8.65 -46.47 -30.56
C ARG I 221 -8.31 -47.23 -29.27
N LYS I 222 -9.26 -48.03 -28.80
CA LYS I 222 -9.04 -48.99 -27.68
C LYS I 222 -8.01 -50.04 -28.13
N LYS I 223 -7.04 -50.37 -27.25
CA LYS I 223 -6.02 -51.40 -27.57
C LYS I 223 -6.67 -52.78 -27.61
N GLY I 224 -6.21 -53.65 -28.51
CA GLY I 224 -6.70 -55.03 -28.73
C GLY I 224 -6.91 -55.78 -27.42
N LEU J 20 -3.79 7.51 -27.79
CA LEU J 20 -3.86 6.59 -26.67
C LEU J 20 -3.55 5.18 -27.22
N ASP J 21 -2.68 4.44 -26.54
CA ASP J 21 -2.45 3.00 -26.87
C ASP J 21 -3.21 2.14 -25.86
N ARG J 22 -3.22 0.84 -26.10
CA ARG J 22 -3.91 -0.18 -25.26
C ARG J 22 -3.43 -0.05 -23.82
N ALA J 23 -2.13 0.10 -23.61
CA ALA J 23 -1.51 0.13 -22.28
C ALA J 23 -2.11 1.29 -21.46
N ASP J 24 -2.28 2.46 -22.08
CA ASP J 24 -2.84 3.68 -21.43
C ASP J 24 -4.32 3.45 -21.08
N ILE J 25 -5.09 2.93 -22.03
CA ILE J 25 -6.56 2.67 -21.84
C ILE J 25 -6.74 1.69 -20.67
N LEU J 26 -5.98 0.59 -20.66
CA LEU J 26 -6.15 -0.45 -19.61
C LEU J 26 -5.67 0.09 -18.27
N TYR J 27 -4.64 0.93 -18.24
CA TYR J 27 -4.20 1.64 -17.01
C TYR J 27 -5.35 2.52 -16.49
N ASN J 28 -5.92 3.36 -17.37
CA ASN J 28 -7.00 4.30 -17.01
C ASN J 28 -8.20 3.53 -16.42
N ILE J 29 -8.58 2.42 -17.06
CA ILE J 29 -9.73 1.61 -16.60
C ILE J 29 -9.40 0.98 -15.25
N ARG J 30 -8.22 0.38 -15.10
CA ARG J 30 -7.85 -0.28 -13.83
C ARG J 30 -7.85 0.78 -12.70
N GLN J 31 -7.35 1.99 -12.94
CA GLN J 31 -7.17 3.01 -11.88
C GLN J 31 -8.50 3.66 -11.48
N THR J 32 -9.50 3.73 -12.36
CA THR J 32 -10.74 4.54 -12.11
C THR J 32 -12.03 3.70 -12.20
N SER J 33 -11.93 2.42 -12.55
CA SER J 33 -13.11 1.55 -12.68
C SER J 33 -13.48 1.29 -11.22
N ARG J 34 -14.72 1.59 -10.94
CA ARG J 34 -15.43 1.35 -9.67
CA ARG J 34 -15.42 1.34 -9.65
C ARG J 34 -16.32 0.12 -9.87
N PRO J 35 -15.80 -1.11 -9.72
CA PRO J 35 -16.53 -2.33 -10.02
C PRO J 35 -17.77 -2.56 -9.13
N ASP J 36 -17.84 -1.88 -7.99
CA ASP J 36 -18.98 -1.99 -7.04
C ASP J 36 -20.09 -1.02 -7.42
N VAL J 37 -19.86 -0.13 -8.38
CA VAL J 37 -20.76 1.01 -8.69
C VAL J 37 -21.53 0.77 -10.00
N ILE J 38 -22.83 0.51 -9.91
CA ILE J 38 -23.72 0.36 -11.08
C ILE J 38 -23.64 1.65 -11.91
N PRO J 39 -23.37 1.60 -13.24
CA PRO J 39 -23.21 2.82 -14.03
C PRO J 39 -24.53 3.39 -14.57
N THR J 40 -25.46 3.77 -13.69
CA THR J 40 -26.74 4.43 -14.09
C THR J 40 -26.41 5.83 -14.66
N GLN J 41 -27.13 6.25 -15.70
CA GLN J 41 -27.08 7.62 -16.27
C GLN J 41 -28.39 8.31 -15.90
N ARG J 42 -28.33 9.53 -15.35
CA ARG J 42 -29.47 10.47 -15.19
C ARG J 42 -30.71 9.68 -14.71
N ASP J 43 -30.54 8.87 -13.66
CA ASP J 43 -31.61 8.14 -12.93
C ASP J 43 -32.37 7.18 -13.85
N ARG J 44 -31.81 6.77 -14.99
CA ARG J 44 -32.38 5.72 -15.86
C ARG J 44 -31.74 4.38 -15.48
N PRO J 45 -32.44 3.25 -15.68
CA PRO J 45 -31.84 1.94 -15.43
C PRO J 45 -30.67 1.68 -16.38
N VAL J 46 -29.73 0.85 -15.96
CA VAL J 46 -28.76 0.21 -16.89
C VAL J 46 -29.51 -0.83 -17.71
N ALA J 47 -29.53 -0.67 -19.04
CA ALA J 47 -30.16 -1.61 -19.99
C ALA J 47 -29.17 -2.73 -20.25
N VAL J 48 -29.44 -3.90 -19.73
CA VAL J 48 -28.61 -5.11 -19.93
C VAL J 48 -29.34 -6.00 -20.93
N SER J 49 -28.67 -6.38 -22.02
CA SER J 49 -29.15 -7.40 -22.97
C SER J 49 -28.50 -8.75 -22.63
N VAL J 50 -29.32 -9.80 -22.62
CA VAL J 50 -28.89 -11.18 -22.29
C VAL J 50 -29.49 -12.11 -23.33
N SER J 51 -28.65 -12.92 -23.97
CA SER J 51 -29.07 -13.97 -24.93
C SER J 51 -28.20 -15.20 -24.69
N LEU J 52 -28.82 -16.35 -24.43
CA LEU J 52 -28.12 -17.65 -24.27
C LEU J 52 -27.95 -18.30 -25.64
N LYS J 53 -26.72 -18.68 -25.99
CA LYS J 53 -26.40 -19.52 -27.17
C LYS J 53 -26.10 -20.92 -26.65
N PHE J 54 -27.01 -21.87 -26.90
CA PHE J 54 -26.87 -23.24 -26.38
C PHE J 54 -25.77 -23.98 -27.16
N ILE J 55 -24.87 -24.63 -26.45
CA ILE J 55 -23.70 -25.33 -27.03
C ILE J 55 -23.86 -26.83 -26.80
N ASN J 56 -24.38 -27.25 -25.65
CA ASN J 56 -24.51 -28.69 -25.37
C ASN J 56 -25.56 -28.92 -24.29
N ILE J 57 -26.18 -30.09 -24.35
CA ILE J 57 -27.06 -30.67 -23.30
C ILE J 57 -26.41 -32.00 -22.92
N LEU J 58 -25.90 -32.11 -21.70
CA LEU J 58 -24.93 -33.16 -21.30
C LEU J 58 -25.63 -34.29 -20.56
N GLU J 59 -26.55 -33.93 -19.68
CA GLU J 59 -27.24 -34.92 -18.83
C GLU J 59 -28.67 -34.42 -18.63
N VAL J 60 -29.60 -35.33 -18.75
CA VAL J 60 -31.06 -35.06 -18.63
C VAL J 60 -31.59 -36.18 -17.74
N ASN J 61 -32.48 -35.85 -16.82
CA ASN J 61 -33.09 -36.84 -15.92
C ASN J 61 -34.58 -36.54 -15.86
N GLU J 62 -35.38 -37.40 -16.51
CA GLU J 62 -36.84 -37.21 -16.65
C GLU J 62 -37.52 -37.52 -15.31
N ILE J 63 -36.88 -38.33 -14.45
CA ILE J 63 -37.39 -38.66 -13.09
C ILE J 63 -37.25 -37.43 -12.18
N THR J 64 -36.06 -36.82 -12.11
CA THR J 64 -35.77 -35.70 -11.18
C THR J 64 -36.10 -34.34 -11.82
N ASN J 65 -36.35 -34.30 -13.14
CA ASN J 65 -36.61 -33.04 -13.87
C ASN J 65 -35.40 -32.10 -13.70
N GLU J 66 -34.21 -32.59 -14.06
CA GLU J 66 -32.94 -31.82 -13.99
C GLU J 66 -32.22 -31.95 -15.32
N VAL J 67 -31.55 -30.89 -15.74
CA VAL J 67 -30.73 -30.86 -16.99
C VAL J 67 -29.40 -30.18 -16.67
N ASP J 68 -28.34 -30.66 -17.31
CA ASP J 68 -26.98 -30.09 -17.29
C ASP J 68 -26.72 -29.54 -18.69
N VAL J 69 -26.48 -28.23 -18.80
CA VAL J 69 -26.42 -27.50 -20.10
C VAL J 69 -25.12 -26.69 -20.15
N VAL J 70 -24.57 -26.53 -21.34
CA VAL J 70 -23.47 -25.58 -21.63
C VAL J 70 -24.03 -24.54 -22.57
N PHE J 71 -23.86 -23.26 -22.23
CA PHE J 71 -24.32 -22.12 -23.05
C PHE J 71 -23.33 -20.96 -22.94
N TRP J 72 -23.28 -20.16 -23.99
CA TRP J 72 -22.58 -18.85 -24.00
C TRP J 72 -23.59 -17.79 -23.60
N GLN J 73 -23.32 -17.08 -22.51
CA GLN J 73 -24.27 -16.08 -21.96
C GLN J 73 -23.84 -14.72 -22.48
N GLN J 74 -24.33 -14.35 -23.67
CA GLN J 74 -24.00 -13.06 -24.32
C GLN J 74 -24.67 -11.96 -23.51
N THR J 75 -23.86 -11.08 -22.92
CA THR J 75 -24.30 -10.03 -21.98
C THR J 75 -23.70 -8.70 -22.45
N THR J 76 -24.54 -7.68 -22.61
CA THR J 76 -24.11 -6.36 -23.13
C THR J 76 -24.75 -5.27 -22.29
N TRP J 77 -24.03 -4.19 -22.09
CA TRP J 77 -24.54 -2.99 -21.39
C TRP J 77 -23.58 -1.85 -21.66
N SER J 78 -23.97 -0.64 -21.31
CA SER J 78 -23.15 0.57 -21.50
C SER J 78 -22.61 1.02 -20.15
N ASP J 79 -21.34 1.39 -20.10
CA ASP J 79 -20.72 2.05 -18.92
C ASP J 79 -19.88 3.22 -19.46
N ARG J 80 -20.47 4.41 -19.49
CA ARG J 80 -19.86 5.62 -20.08
C ARG J 80 -18.58 6.01 -19.33
N THR J 81 -18.37 5.58 -18.10
CA THR J 81 -17.13 5.89 -17.34
C THR J 81 -15.92 5.18 -17.99
N LEU J 82 -16.15 4.17 -18.84
CA LEU J 82 -15.05 3.40 -19.49
C LEU J 82 -14.61 4.07 -20.80
N ALA J 83 -15.39 5.01 -21.33
CA ALA J 83 -15.27 5.53 -22.72
C ALA J 83 -13.97 6.29 -22.90
N TRP J 84 -13.42 6.28 -24.12
CA TRP J 84 -12.22 7.08 -24.49
C TRP J 84 -12.41 7.59 -25.92
N ASN J 85 -11.67 8.64 -26.28
CA ASN J 85 -11.61 9.20 -27.66
C ASN J 85 -10.87 8.21 -28.57
N SER J 86 -11.55 7.64 -29.57
CA SER J 86 -11.02 6.55 -30.43
C SER J 86 -10.17 7.09 -31.59
N SER J 87 -9.99 8.40 -31.73
CA SER J 87 -9.10 9.01 -32.76
C SER J 87 -7.66 8.56 -32.46
N HIS J 88 -7.02 7.93 -33.44
CA HIS J 88 -5.62 7.38 -33.36
C HIS J 88 -5.50 6.50 -32.12
N SER J 89 -6.52 5.70 -31.80
CA SER J 89 -6.53 4.76 -30.65
C SER J 89 -7.26 3.50 -31.04
N PRO J 90 -7.06 2.37 -30.33
CA PRO J 90 -7.86 1.17 -30.56
C PRO J 90 -9.35 1.46 -30.38
N ASP J 91 -10.21 0.77 -31.13
CA ASP J 91 -11.68 0.90 -31.02
C ASP J 91 -12.18 0.06 -29.84
N GLN J 92 -11.43 -0.97 -29.43
CA GLN J 92 -11.86 -1.96 -28.39
C GLN J 92 -10.64 -2.50 -27.65
N VAL J 93 -10.83 -2.88 -26.39
CA VAL J 93 -9.79 -3.60 -25.58
C VAL J 93 -10.46 -4.74 -24.83
N SER J 94 -9.64 -5.71 -24.42
CA SER J 94 -10.06 -6.83 -23.54
C SER J 94 -9.70 -6.45 -22.10
N VAL J 95 -10.65 -6.58 -21.18
CA VAL J 95 -10.49 -6.13 -19.77
C VAL J 95 -10.93 -7.27 -18.86
N PRO J 96 -10.15 -7.63 -17.83
CA PRO J 96 -10.60 -8.59 -16.84
C PRO J 96 -11.86 -8.06 -16.13
N ILE J 97 -12.87 -8.91 -15.93
CA ILE J 97 -14.17 -8.46 -15.35
C ILE J 97 -13.95 -8.00 -13.90
N SER J 98 -12.88 -8.41 -13.23
CA SER J 98 -12.54 -7.94 -11.85
C SER J 98 -12.26 -6.43 -11.87
N SER J 99 -11.95 -5.83 -13.03
CA SER J 99 -11.72 -4.37 -13.16
C SER J 99 -12.98 -3.62 -13.61
N LEU J 100 -14.14 -4.28 -13.74
CA LEU J 100 -15.37 -3.65 -14.31
C LEU J 100 -16.54 -3.94 -13.38
N TRP J 101 -17.54 -3.07 -13.38
CA TRP J 101 -18.88 -3.44 -12.88
C TRP J 101 -19.48 -4.45 -13.86
N VAL J 102 -20.05 -5.52 -13.32
CA VAL J 102 -20.81 -6.52 -14.14
C VAL J 102 -22.17 -6.68 -13.48
N PRO J 103 -23.25 -6.87 -14.26
CA PRO J 103 -24.57 -7.10 -13.67
C PRO J 103 -24.58 -8.36 -12.81
N ASP J 104 -25.30 -8.31 -11.69
CA ASP J 104 -25.41 -9.40 -10.70
C ASP J 104 -26.49 -10.40 -11.13
N LEU J 105 -26.36 -10.98 -12.34
CA LEU J 105 -27.37 -11.88 -12.92
C LEU J 105 -27.33 -13.23 -12.22
N ALA J 106 -28.51 -13.82 -12.03
CA ALA J 106 -28.68 -15.17 -11.47
C ALA J 106 -29.80 -15.87 -12.22
N ALA J 107 -29.67 -17.17 -12.40
CA ALA J 107 -30.71 -18.07 -12.94
C ALA J 107 -31.55 -18.55 -11.75
N TYR J 108 -32.83 -18.20 -11.75
CA TYR J 108 -33.78 -18.45 -10.63
C TYR J 108 -33.98 -19.94 -10.41
N ASN J 109 -33.82 -20.78 -11.43
CA ASN J 109 -34.07 -22.24 -11.30
C ASN J 109 -32.74 -23.02 -11.39
N ALA J 110 -31.59 -22.37 -11.23
CA ALA J 110 -30.28 -23.08 -11.17
C ALA J 110 -30.22 -23.89 -9.87
N ILE J 111 -29.67 -25.10 -9.93
CA ILE J 111 -29.45 -25.98 -8.75
C ILE J 111 -27.96 -26.31 -8.59
N SER J 112 -27.10 -25.64 -9.34
CA SER J 112 -25.62 -25.68 -9.18
C SER J 112 -25.08 -24.28 -9.42
N LYS J 113 -23.88 -23.98 -8.95
CA LYS J 113 -23.27 -22.65 -9.23
C LYS J 113 -22.83 -22.67 -10.68
N PRO J 114 -22.81 -21.52 -11.38
CA PRO J 114 -22.31 -21.49 -12.75
C PRO J 114 -20.83 -21.89 -12.77
N GLU J 115 -20.47 -22.90 -13.56
CA GLU J 115 -19.06 -23.30 -13.85
C GLU J 115 -18.62 -22.52 -15.09
N VAL J 116 -17.80 -21.49 -14.92
CA VAL J 116 -17.29 -20.65 -16.05
C VAL J 116 -16.11 -21.40 -16.70
N LEU J 117 -16.21 -21.72 -17.98
CA LEU J 117 -15.25 -22.60 -18.69
C LEU J 117 -14.21 -21.73 -19.42
N THR J 118 -14.43 -20.42 -19.52
CA THR J 118 -13.64 -19.52 -20.40
C THR J 118 -12.89 -18.49 -19.56
N PRO J 119 -11.85 -17.83 -20.12
CA PRO J 119 -11.19 -16.71 -19.45
C PRO J 119 -12.18 -15.57 -19.16
N GLN J 120 -12.07 -14.99 -17.96
CA GLN J 120 -13.03 -14.00 -17.42
C GLN J 120 -12.62 -12.61 -17.86
N LEU J 121 -12.68 -12.39 -19.18
CA LEU J 121 -12.37 -11.12 -19.85
C LEU J 121 -13.65 -10.65 -20.55
N ALA J 122 -13.90 -9.34 -20.53
CA ALA J 122 -14.94 -8.68 -21.32
C ALA J 122 -14.26 -7.86 -22.42
N ARG J 123 -15.03 -7.53 -23.46
CA ARG J 123 -14.62 -6.60 -24.54
C ARG J 123 -15.24 -5.24 -24.25
N VAL J 124 -14.44 -4.19 -24.22
CA VAL J 124 -14.95 -2.80 -23.99
C VAL J 124 -14.69 -1.99 -25.27
N VAL J 125 -15.75 -1.37 -25.80
CA VAL J 125 -15.69 -0.48 -26.99
C VAL J 125 -15.44 0.94 -26.48
N SER J 126 -14.79 1.78 -27.28
CA SER J 126 -14.36 3.17 -26.93
C SER J 126 -15.57 4.04 -26.53
N ASP J 127 -16.80 3.67 -26.92
CA ASP J 127 -18.03 4.41 -26.53
C ASP J 127 -18.55 3.95 -25.17
N GLY J 128 -17.93 2.93 -24.56
CA GLY J 128 -18.31 2.44 -23.22
C GLY J 128 -19.24 1.25 -23.28
N GLU J 129 -19.51 0.69 -24.46
CA GLU J 129 -20.26 -0.58 -24.56
C GLU J 129 -19.38 -1.72 -24.06
N VAL J 130 -19.94 -2.60 -23.24
CA VAL J 130 -19.24 -3.79 -22.69
C VAL J 130 -19.91 -5.04 -23.24
N LEU J 131 -19.12 -6.00 -23.72
CA LEU J 131 -19.62 -7.36 -24.08
C LEU J 131 -18.90 -8.37 -23.18
N TYR J 132 -19.66 -9.10 -22.36
CA TYR J 132 -19.14 -10.21 -21.56
C TYR J 132 -19.90 -11.46 -22.00
N MET J 133 -19.20 -12.47 -22.49
CA MET J 133 -19.82 -13.73 -22.94
C MET J 133 -19.06 -14.91 -22.39
N PRO J 134 -19.30 -15.31 -21.13
CA PRO J 134 -18.69 -16.52 -20.59
C PRO J 134 -19.41 -17.74 -21.15
N SER J 135 -18.66 -18.83 -21.31
CA SER J 135 -19.20 -20.19 -21.49
C SER J 135 -19.43 -20.76 -20.09
N ILE J 136 -20.67 -21.15 -19.84
CA ILE J 136 -21.14 -21.62 -18.52
C ILE J 136 -21.69 -23.04 -18.67
N ARG J 137 -21.27 -23.92 -17.77
CA ARG J 137 -21.94 -25.21 -17.52
C ARG J 137 -22.71 -25.07 -16.21
N GLN J 138 -24.00 -25.36 -16.23
CA GLN J 138 -24.86 -25.22 -15.03
C GLN J 138 -25.99 -26.25 -15.10
N ARG J 139 -26.47 -26.66 -13.93
CA ARG J 139 -27.62 -27.59 -13.77
C ARG J 139 -28.87 -26.78 -13.37
N PHE J 140 -30.02 -27.18 -13.92
CA PHE J 140 -31.33 -26.50 -13.75
C PHE J 140 -32.42 -27.51 -13.38
N SER J 141 -33.38 -27.03 -12.60
CA SER J 141 -34.69 -27.67 -12.33
C SER J 141 -35.69 -27.15 -13.38
N CYS J 142 -36.16 -28.01 -14.26
CA CYS J 142 -37.12 -27.61 -15.32
C CYS J 142 -37.82 -28.85 -15.89
N ASP J 143 -38.80 -28.60 -16.76
CA ASP J 143 -39.70 -29.67 -17.29
C ASP J 143 -38.97 -30.48 -18.35
N VAL J 144 -38.57 -31.69 -17.99
CA VAL J 144 -37.85 -32.64 -18.90
C VAL J 144 -38.86 -33.62 -19.52
N SER J 145 -40.13 -33.55 -19.15
CA SER J 145 -41.18 -34.48 -19.66
C SER J 145 -41.30 -34.34 -21.17
N GLY J 146 -41.30 -35.46 -21.89
CA GLY J 146 -41.49 -35.52 -23.34
C GLY J 146 -40.18 -35.49 -24.10
N VAL J 147 -39.04 -35.59 -23.40
CA VAL J 147 -37.70 -35.46 -24.04
C VAL J 147 -37.50 -36.58 -25.08
N ASP J 148 -38.08 -37.77 -24.84
CA ASP J 148 -37.92 -38.95 -25.73
C ASP J 148 -39.11 -39.06 -26.70
N THR J 149 -39.84 -37.98 -26.95
CA THR J 149 -40.95 -37.92 -27.93
C THR J 149 -40.56 -36.96 -29.06
N GLU J 150 -41.37 -36.94 -30.12
CA GLU J 150 -41.14 -36.15 -31.35
C GLU J 150 -41.23 -34.65 -31.02
N SER J 151 -42.18 -34.24 -30.19
CA SER J 151 -42.41 -32.80 -29.88
C SER J 151 -41.42 -32.32 -28.79
N GLY J 152 -40.78 -33.25 -28.08
CA GLY J 152 -39.62 -32.98 -27.21
C GLY J 152 -40.03 -32.36 -25.88
N ALA J 153 -39.04 -32.02 -25.05
CA ALA J 153 -39.25 -31.30 -23.77
C ALA J 153 -39.08 -29.79 -24.00
N THR J 154 -39.68 -28.99 -23.15
CA THR J 154 -39.45 -27.52 -23.10
C THR J 154 -38.96 -27.16 -21.69
N CYS J 155 -37.68 -26.83 -21.58
CA CYS J 155 -37.00 -26.43 -20.32
C CYS J 155 -36.90 -24.90 -20.31
N ARG J 156 -37.47 -24.25 -19.30
CA ARG J 156 -37.47 -22.76 -19.18
C ARG J 156 -36.37 -22.35 -18.16
N ILE J 157 -35.53 -21.39 -18.54
CA ILE J 157 -34.48 -20.82 -17.65
C ILE J 157 -34.77 -19.33 -17.50
N LYS J 158 -34.94 -18.85 -16.28
CA LYS J 158 -35.18 -17.43 -15.98
C LYS J 158 -33.89 -16.81 -15.43
N ILE J 159 -33.43 -15.71 -16.04
CA ILE J 159 -32.23 -14.95 -15.61
C ILE J 159 -32.59 -13.50 -15.36
N GLY J 160 -32.27 -12.97 -14.18
CA GLY J 160 -32.40 -11.53 -13.86
C GLY J 160 -31.42 -11.08 -12.78
N SER J 161 -31.42 -9.80 -12.49
CA SER J 161 -30.59 -9.21 -11.41
C SER J 161 -31.06 -9.79 -10.09
N TRP J 162 -30.11 -10.23 -9.26
CA TRP J 162 -30.44 -10.74 -7.90
C TRP J 162 -30.84 -9.59 -6.97
N THR J 163 -30.26 -8.40 -7.08
CA THR J 163 -30.49 -7.35 -6.05
C THR J 163 -31.00 -6.02 -6.63
N HIS J 164 -31.00 -5.82 -7.96
CA HIS J 164 -31.40 -4.53 -8.57
C HIS J 164 -32.80 -4.66 -9.20
N HIS J 165 -33.72 -3.80 -8.80
CA HIS J 165 -35.08 -3.70 -9.38
C HIS J 165 -35.04 -2.92 -10.71
N SER J 166 -36.19 -2.82 -11.39
CA SER J 166 -36.35 -2.35 -12.79
C SER J 166 -35.93 -0.88 -12.95
N ARG J 167 -35.89 -0.07 -11.88
CA ARG J 167 -35.41 1.33 -12.00
C ARG J 167 -33.87 1.37 -11.98
N GLU J 168 -33.19 0.26 -11.68
CA GLU J 168 -31.70 0.23 -11.63
C GLU J 168 -31.17 -0.63 -12.78
N ILE J 169 -31.75 -1.80 -13.02
CA ILE J 169 -31.38 -2.72 -14.11
C ILE J 169 -32.65 -3.16 -14.84
N SER J 170 -32.65 -3.00 -16.17
CA SER J 170 -33.61 -3.69 -17.07
C SER J 170 -32.86 -4.80 -17.79
N VAL J 171 -33.48 -5.96 -17.93
CA VAL J 171 -32.95 -7.10 -18.72
C VAL J 171 -33.86 -7.30 -19.92
N ASP J 172 -33.28 -7.32 -21.11
CA ASP J 172 -34.00 -7.56 -22.39
C ASP J 172 -33.30 -8.68 -23.16
N PRO J 173 -34.06 -9.57 -23.83
CA PRO J 173 -33.45 -10.46 -24.81
C PRO J 173 -32.94 -9.63 -25.98
N THR J 174 -31.95 -10.11 -26.71
CA THR J 174 -31.28 -9.38 -27.82
C THR J 174 -32.18 -9.30 -29.06
N SER J 181 -29.27 -21.76 -31.85
CA SER J 181 -28.91 -23.19 -32.02
C SER J 181 -27.77 -23.37 -33.05
N GLU J 182 -27.25 -22.30 -33.66
CA GLU J 182 -26.26 -22.41 -34.77
C GLU J 182 -24.99 -23.11 -34.29
N TYR J 183 -24.61 -22.96 -33.02
CA TYR J 183 -23.32 -23.41 -32.45
C TYR J 183 -23.54 -24.62 -31.53
N PHE J 184 -24.72 -25.21 -31.54
CA PHE J 184 -25.02 -26.43 -30.75
C PHE J 184 -24.15 -27.59 -31.27
N SER J 185 -23.62 -28.41 -30.38
CA SER J 185 -22.74 -29.56 -30.72
C SER J 185 -23.54 -30.61 -31.51
N GLN J 186 -23.02 -31.00 -32.66
CA GLN J 186 -23.59 -32.08 -33.50
C GLN J 186 -23.40 -33.41 -32.77
N TYR J 187 -22.56 -33.50 -31.74
CA TYR J 187 -22.21 -34.78 -31.07
C TYR J 187 -23.00 -34.99 -29.78
N SER J 188 -23.84 -34.02 -29.37
CA SER J 188 -24.79 -34.20 -28.24
C SER J 188 -25.73 -35.38 -28.56
N ARG J 189 -26.22 -36.08 -27.53
CA ARG J 189 -27.31 -37.08 -27.64
C ARG J 189 -28.62 -36.36 -27.95
N PHE J 190 -28.66 -35.04 -27.79
CA PHE J 190 -29.89 -34.22 -27.94
C PHE J 190 -29.77 -33.32 -29.16
N GLU J 191 -30.90 -32.80 -29.62
CA GLU J 191 -30.99 -31.78 -30.69
C GLU J 191 -32.00 -30.72 -30.25
N ILE J 192 -31.80 -29.50 -30.72
CA ILE J 192 -32.68 -28.34 -30.41
C ILE J 192 -33.74 -28.23 -31.51
N LEU J 193 -35.01 -28.17 -31.11
CA LEU J 193 -36.16 -27.95 -32.01
C LEU J 193 -36.42 -26.45 -32.12
N ASP J 194 -36.36 -25.73 -30.99
CA ASP J 194 -36.73 -24.30 -30.94
C ASP J 194 -36.18 -23.65 -29.66
N VAL J 195 -35.81 -22.38 -29.77
CA VAL J 195 -35.46 -21.50 -28.62
C VAL J 195 -36.28 -20.23 -28.74
N THR J 196 -37.06 -19.88 -27.71
CA THR J 196 -37.79 -18.61 -27.62
C THR J 196 -37.33 -17.88 -26.36
N GLN J 197 -37.36 -16.54 -26.39
CA GLN J 197 -36.91 -15.65 -25.32
C GLN J 197 -38.01 -14.61 -25.08
N LYS J 198 -38.58 -14.54 -23.86
CA LYS J 198 -39.50 -13.44 -23.49
C LYS J 198 -38.99 -12.67 -22.27
N LYS J 199 -39.33 -11.40 -22.19
CA LYS J 199 -39.06 -10.55 -21.00
C LYS J 199 -40.22 -10.75 -20.02
N ASN J 200 -39.92 -10.88 -18.73
CA ASN J 200 -40.88 -10.87 -17.58
C ASN J 200 -40.52 -9.72 -16.65
N SER J 201 -41.54 -9.05 -16.09
CA SER J 201 -41.40 -7.99 -15.07
C SER J 201 -42.31 -8.38 -13.90
N VAL J 202 -41.74 -8.72 -12.74
CA VAL J 202 -42.51 -9.33 -11.62
C VAL J 202 -42.39 -8.44 -10.40
N THR J 203 -43.52 -8.14 -9.75
CA THR J 203 -43.59 -7.55 -8.39
C THR J 203 -43.98 -8.66 -7.41
N TYR J 204 -43.15 -8.88 -6.39
CA TYR J 204 -43.36 -9.89 -5.33
C TYR J 204 -44.03 -9.20 -4.13
N SER J 205 -44.73 -9.97 -3.28
CA SER J 205 -45.45 -9.47 -2.07
C SER J 205 -44.48 -8.74 -1.13
N CYS J 206 -43.27 -9.30 -0.93
CA CYS J 206 -42.21 -8.74 -0.04
C CYS J 206 -41.95 -7.26 -0.30
N CYS J 207 -41.97 -6.84 -1.56
CA CYS J 207 -41.16 -5.70 -2.07
C CYS J 207 -41.99 -4.81 -2.99
N PRO J 208 -41.88 -3.47 -2.89
CA PRO J 208 -42.70 -2.56 -3.68
C PRO J 208 -42.30 -2.48 -5.17
N GLU J 209 -41.06 -2.85 -5.51
CA GLU J 209 -40.46 -2.63 -6.86
C GLU J 209 -40.66 -3.88 -7.72
N ALA J 210 -40.63 -3.69 -9.04
CA ALA J 210 -40.64 -4.76 -10.06
C ALA J 210 -39.21 -5.20 -10.37
N TYR J 211 -39.01 -6.51 -10.55
CA TYR J 211 -37.73 -7.15 -10.95
C TYR J 211 -37.88 -7.81 -12.32
N GLU J 212 -36.99 -7.47 -13.23
CA GLU J 212 -37.01 -7.99 -14.62
C GLU J 212 -36.26 -9.31 -14.72
N ASP J 213 -36.66 -10.13 -15.65
CA ASP J 213 -35.97 -11.40 -16.00
C ASP J 213 -36.19 -11.66 -17.49
N VAL J 214 -35.26 -12.35 -18.12
CA VAL J 214 -35.44 -12.97 -19.45
C VAL J 214 -35.74 -14.43 -19.21
N GLU J 215 -36.85 -14.92 -19.77
CA GLU J 215 -37.22 -16.35 -19.73
C GLU J 215 -36.84 -16.95 -21.08
N VAL J 216 -35.97 -17.95 -21.06
CA VAL J 216 -35.50 -18.67 -22.27
C VAL J 216 -36.15 -20.06 -22.25
N SER J 217 -36.90 -20.40 -23.30
CA SER J 217 -37.55 -21.73 -23.46
C SER J 217 -36.77 -22.57 -24.48
N LEU J 218 -36.16 -23.63 -24.00
CA LEU J 218 -35.33 -24.56 -24.79
C LEU J 218 -36.20 -25.79 -25.08
N ASN J 219 -36.67 -25.91 -26.32
CA ASN J 219 -37.42 -27.10 -26.82
C ASN J 219 -36.39 -28.02 -27.47
N PHE J 220 -36.17 -29.19 -26.87
CA PHE J 220 -35.12 -30.15 -27.30
C PHE J 220 -35.66 -31.58 -27.15
N ARG J 221 -35.00 -32.53 -27.80
CA ARG J 221 -35.38 -33.96 -27.68
C ARG J 221 -34.16 -34.85 -27.89
N LYS J 222 -34.24 -36.09 -27.41
CA LYS J 222 -33.23 -37.14 -27.67
C LYS J 222 -33.22 -37.44 -29.16
N LYS J 223 -32.04 -37.62 -29.76
CA LYS J 223 -31.89 -38.17 -31.13
C LYS J 223 -32.24 -39.66 -31.07
#